data_6DJP
#
_entry.id   6DJP
#
_cell.length_a   1
_cell.length_b   1
_cell.length_c   1
_cell.angle_alpha   90.00
_cell.angle_beta   90.00
_cell.angle_gamma   90.00
#
_symmetry.space_group_name_H-M   'P 1'
#
loop_
_entity.id
_entity.type
_entity.pdbx_description
1 polymer 'Integrin alpha-v'
2 polymer 'Integrin beta-8'
3 polymer '8B8 heavy chain Fab'
4 polymer '8B8 light chain Fab'
5 polymer '68 heavy chain Fab'
6 polymer '68 light chain Fab'
7 branched 2-acetamido-2-deoxy-beta-D-glucopyranose-(1-4)-2-acetamido-2-deoxy-beta-D-glucopyranose
8 branched alpha-D-mannopyranose-(1-4)-alpha-D-mannopyranose-(1-6)-[alpha-D-mannopyranose-(1-3)]beta-D-mannopyranose-(1-4)-2-acetamido-2-deoxy-beta-D-glucopyranose-(1-4)-2-acetamido-2-deoxy-beta-D-glucopyranose
9 branched beta-D-mannopyranose-(1-4)-2-acetamido-2-deoxy-beta-D-glucopyranose-(1-4)-2-acetamido-2-deoxy-beta-D-glucopyranose
10 non-polymer 2-acetamido-2-deoxy-beta-D-glucopyranose
#
loop_
_entity_poly.entity_id
_entity_poly.type
_entity_poly.pdbx_seq_one_letter_code
_entity_poly.pdbx_strand_id
1 'polypeptide(L)'
;FNLDVDSPAEYSGPEGSYFGFAVDFFVPSASSRMFLLVGAPKANTTQPGIVEGGQVLKCDWSSTRRCQPIEFDATGNRDY
AKDDPLEFKSHQWFGASVRSKQDKILACAPLYHWRTEMKQEREPVGTCFLQDGTKTVEYAPCRSQDIDADGQGFCQGGFS
IDFTKADRVLLGGPGSFYWQGQLISDQVAEIVSKYDPNVYSIKYNNQLATRTAQAIFDDSYLGYSVAVGDFNGDGIDDFV
SGVPRAARTLGMVYIYDGKNMSSLYNFTGEQMAAYFGFSVAATDINGDDYADVFIGAPLFMDRGSDGKLQEVGQVSVSLQ
RASGDFQTTKLNGFEVFARFGSAIAPLGDLDQDGFNDIAIAAPYGGEDKKGIVYIFNGRSTGLNAVPSQILEGQWAARSM
PPSFGYSMKGATDIDKNGYPDLIVGAFGVDRAILYRARPVITVNAGLEVYPSILNQDNKTCSLPGTALKVSCFNVRFCLK
ADGKGVLPRKLNFQVELLLDKLKQKGAIRRALFLYSRSPSHSKNMTISRGGLMQCEELIAYLRDESEFRDKLTPITIFME
YRLDYRTAADTTGLQPILNQFTPANISRQAHILLDCGEDNVCKPKLEVSVDSDQKKIYIGDDNPLTLIVKAQNQGEGAYE
AELIVSIPLQADFIGVVRNNEALARLSCAFKTENQTRQVVCDLGNPMKAGTQLLAGLRFSVHQQSEMDTSVKFDLQIQSS
NLFDKVSPVVSHKVDLAVLAAVEIRGVSSPDHVFLPIPNWEHKENPETEEDVGPVVQHIYELRNNGPSSFSKAMLHLQWP
YKYNNNTLLYILHYDIDGPMNCTSDMEINPLRIKISSLQTTEKNDTVAGQGERDHLITKRDLALSEGDIHTLGCGVAQCL
KIVCQVGRLDRGKSAILYVKSLLWTETFMNKENQNHSYSLKSSASFNVIEFPYKNLPIEDITNSTLVTTNVTWGIQPAPM
PVPVW
;
A
2 'polypeptide(L)'
;EDNRCASSNAASCARCLALGPECGWCVQEDFISGGSRSERCDIVSNLISKGCSVDSIEYPSVHVIIPTENEINTQVTPGE
VSIQLRPGAEANFMLKVHPLKKYPVDLYYLVDVSASMHNNIEKLNSVGNDLSRKMAFFSRDFRLGFGSYVDKTVSPYISI
HPERIHNQCSDYNLDCMPPHGYIHVLSLTENITEFEKAVHRQKISGNIDTPEGGFDAMLQAAVCESHIGWRKEAKRLLLV
MTDQTSHLALDSKLAGIVVPNDGNCHLKNNVYVKSTTMEHPSLGQLSEKLIDNNINVIFAVQGKQFHWYKDLLPLLPGTI
AGEIESKAANLNNLVVEAYQKLISEVKVQVENQVQGIYFNITAICPDGSRKPGMEGCRNVTSNDEVLFNVTVTMKKCDVT
GGKNYAIIKPIGFNETAKIHIHRNCSCQCEDNRGPKGKCVDETFLDSKCFQCDENKCHFDEDQFSSESCKSHKDQPVCSG
RGVCVCGKCSCHKIKLGKVYGKYCEKDDFSCPYHHGNLCAGHGECEAGRCQCFSGWEGDRCQCPSAAAQHCVNSKGQVCS
GRGTCVCGRCECTDPRSIGRFCEHCPTCYTACKENWNCMQCLHPHNLSQAILDQCKTSCALMEQQHYVDQTSECFSSPS
;
B
3 'polypeptide(L)'
;EVQLVESGPGLVKPSQSLSLTCSVTGYYITSSYYWNWIRQFPGNELEWMGYISYDGSNSYNPSLKNRISITRDTSKNQFF
LKLNSVTTEDIATYFCVREDYDSFDYWGQGTTLTVSSAKTTAPSVYPLAPVCGDTTGSSVTLGCLVKGYFPEPVTLTWNS
GSLSSGVHTFPAVLQSDLYTLSSSVTVTSSTWPSQSITCNVAHPASSTKVDKK
;
C
4 'polypeptide(L)'
;EIVLTQSPAIMSAFPGEKVTMTCSASSSVSYIHWYQQKSGTSPKRWIYDTSKLASGVPARFSGSGSGTSYSLTISSMEAE
DAATYYCHQWTSNPATFGGGTKLEIKAADAAPTVSIFPPSSEQLTSGGASVVCFLNNFYPKDINVKWKIDGSERQNGVLN
SWTDQDSKDSTYSMSSTLTLTKDEYERHNSYTCEATHKTSTSPIVKSFNRNEC
;
D
5 'polypeptide(L)'
;EVQLQQSGAELMKPGASVKISCKATGYTFSTYWIEWIKQRPGHGLEWIGDILPGSGTTNYNEKFKGRATVTADRSSNTAY
MQLSSLTSEDSAVYYCARWGWDSYWGQGTLVTVSSASTKGPSVFPLAPSSKSTSGGTAALGCLVKDYFPEPVTVSWNSGA
LTSGVHTFPAVLQSSGLYSLSSVVTVPSSSLGTQTYICNVNHKPSNTKVDKK
;
E
6 'polypeptide(L)'
;DIEMTQSPSSLSASLGDRVTISCSASQGISNYLNWYQQKPDGTVKLLIYYTSSLHSGVPSRFSGSGSGTDYSLTISNLEP
EDIATYYCQQYSELPYTFGGGTKLEIKRTVAAPSVFIFPPSDEQLKSGTASVVCLLNNFYPREAKVQWKVDNALQSGNSQ
ESVTEQDSKDSTYSLSSTLTLSKADYEKHKVYACEVTHQGLSSPVTKSFNRGEC
;
F
#
# COMPACT_ATOMS: atom_id res chain seq x y z
N PHE A 1 -24.74 6.04 -3.68
CA PHE A 1 -25.52 5.88 -2.47
C PHE A 1 -26.43 4.66 -2.53
N ASN A 2 -26.94 4.37 -3.72
CA ASN A 2 -27.84 3.25 -3.94
C ASN A 2 -27.17 1.93 -4.19
N LEU A 3 -25.88 1.83 -3.99
CA LEU A 3 -25.31 0.57 -4.33
C LEU A 3 -25.86 -0.50 -3.37
N ASP A 4 -26.28 -1.63 -3.93
CA ASP A 4 -26.79 -2.75 -3.16
C ASP A 4 -25.63 -3.58 -2.67
N VAL A 5 -25.42 -3.55 -1.36
CA VAL A 5 -24.30 -4.22 -0.75
C VAL A 5 -24.79 -5.34 0.15
N ASP A 6 -26.07 -5.68 0.03
CA ASP A 6 -26.70 -6.73 0.83
C ASP A 6 -26.82 -8.03 0.04
N SER A 7 -27.10 -7.89 -1.27
CA SER A 7 -27.30 -9.01 -2.19
C SER A 7 -26.42 -8.95 -3.46
N PRO A 8 -25.10 -8.67 -3.38
CA PRO A 8 -24.18 -8.52 -4.50
C PRO A 8 -23.83 -9.85 -5.15
N ALA A 9 -23.32 -9.80 -6.39
CA ALA A 9 -22.87 -10.99 -7.09
C ALA A 9 -21.38 -11.27 -6.87
N GLU A 10 -21.10 -12.28 -6.07
CA GLU A 10 -19.74 -12.64 -5.75
C GLU A 10 -19.27 -13.79 -6.61
N TYR A 11 -18.06 -13.62 -7.16
CA TYR A 11 -17.39 -14.59 -8.00
C TYR A 11 -16.03 -14.91 -7.41
N SER A 12 -15.49 -16.08 -7.74
CA SER A 12 -14.16 -16.44 -7.26
C SER A 12 -13.40 -17.26 -8.28
N GLY A 13 -12.07 -17.28 -8.12
CA GLY A 13 -11.24 -18.08 -9.00
C GLY A 13 -10.41 -19.08 -8.19
N PRO A 14 -9.49 -19.82 -8.85
CA PRO A 14 -8.61 -20.80 -8.26
C PRO A 14 -7.72 -20.17 -7.19
N GLU A 15 -7.47 -20.89 -6.12
CA GLU A 15 -6.63 -20.35 -5.06
C GLU A 15 -5.22 -20.06 -5.53
N GLY A 16 -4.73 -18.88 -5.17
CA GLY A 16 -3.37 -18.45 -5.48
C GLY A 16 -3.22 -17.81 -6.85
N SER A 17 -4.31 -17.72 -7.61
CA SER A 17 -4.27 -17.14 -8.95
C SER A 17 -4.34 -15.61 -8.96
N TYR A 18 -4.65 -15.00 -7.80
CA TYR A 18 -4.82 -13.55 -7.66
C TYR A 18 -6.05 -13.11 -8.46
N PHE A 19 -7.07 -13.95 -8.41
CA PHE A 19 -8.33 -13.62 -9.09
C PHE A 19 -8.88 -12.37 -8.46
N GLY A 20 -9.22 -11.39 -9.27
CA GLY A 20 -9.75 -10.13 -8.77
C GLY A 20 -8.71 -9.01 -8.87
N PHE A 21 -7.48 -9.39 -9.24
CA PHE A 21 -6.38 -8.43 -9.39
C PHE A 21 -6.77 -7.30 -10.30
N ALA A 22 -7.45 -7.62 -11.38
CA ALA A 22 -7.89 -6.60 -12.33
C ALA A 22 -9.30 -6.91 -12.77
N VAL A 23 -10.13 -5.88 -12.93
CA VAL A 23 -11.49 -6.12 -13.37
C VAL A 23 -11.96 -5.19 -14.48
N ASP A 24 -12.98 -5.65 -15.20
CA ASP A 24 -13.73 -4.88 -16.20
C ASP A 24 -15.04 -5.60 -16.47
N PHE A 25 -15.85 -5.04 -17.34
CA PHE A 25 -17.10 -5.67 -17.75
C PHE A 25 -17.01 -6.04 -19.22
N PHE A 26 -17.71 -7.07 -19.62
CA PHE A 26 -17.79 -7.33 -21.03
C PHE A 26 -19.22 -7.30 -21.50
N VAL A 27 -19.53 -6.22 -22.19
CA VAL A 27 -20.85 -6.03 -22.68
C VAL A 27 -20.73 -5.73 -24.15
N PRO A 28 -20.84 -6.74 -25.01
CA PRO A 28 -20.70 -6.64 -26.43
C PRO A 28 -21.95 -6.01 -26.95
N SER A 29 -21.89 -5.49 -28.17
CA SER A 29 -23.08 -4.99 -28.83
C SER A 29 -23.72 -6.17 -29.52
N ALA A 30 -22.92 -7.23 -29.65
CA ALA A 30 -23.25 -8.47 -30.30
C ALA A 30 -24.12 -9.43 -29.46
N SER A 31 -24.45 -9.05 -28.21
CA SER A 31 -25.25 -9.91 -27.34
C SER A 31 -26.11 -9.14 -26.39
N SER A 32 -27.26 -9.69 -26.07
CA SER A 32 -28.18 -9.10 -25.11
C SER A 32 -27.77 -9.36 -23.66
N ARG A 33 -26.78 -10.24 -23.45
CA ARG A 33 -26.37 -10.61 -22.10
C ARG A 33 -25.01 -10.04 -21.73
N MET A 34 -24.70 -10.08 -20.44
CA MET A 34 -23.46 -9.52 -19.96
C MET A 34 -22.59 -10.52 -19.24
N PHE A 35 -21.29 -10.31 -19.37
CA PHE A 35 -20.30 -11.15 -18.74
C PHE A 35 -19.35 -10.21 -18.00
N LEU A 36 -18.68 -10.70 -16.97
CA LEU A 36 -17.72 -9.84 -16.27
C LEU A 36 -16.33 -10.30 -16.64
N LEU A 37 -15.37 -9.39 -16.67
CA LEU A 37 -14.01 -9.79 -16.94
C LEU A 37 -13.16 -9.67 -15.71
N VAL A 38 -12.72 -10.79 -15.21
CA VAL A 38 -11.92 -10.71 -14.00
C VAL A 38 -10.61 -11.43 -14.21
N GLY A 39 -9.53 -10.69 -14.00
CA GLY A 39 -8.19 -11.18 -14.17
C GLY A 39 -7.80 -12.13 -13.07
N ALA A 40 -6.89 -13.05 -13.40
CA ALA A 40 -6.29 -14.04 -12.51
C ALA A 40 -4.84 -14.28 -12.97
N PRO A 41 -3.95 -13.28 -12.77
CA PRO A 41 -2.60 -13.17 -13.27
C PRO A 41 -1.63 -14.28 -12.93
N LYS A 42 -1.90 -15.08 -11.90
CA LYS A 42 -0.94 -16.12 -11.60
C LYS A 42 -1.65 -17.45 -11.68
N ALA A 43 -2.60 -17.52 -12.60
CA ALA A 43 -3.33 -18.74 -12.85
C ALA A 43 -2.52 -19.81 -13.54
N ASN A 44 -2.88 -21.03 -13.19
CA ASN A 44 -2.34 -22.19 -13.86
C ASN A 44 -3.22 -22.60 -15.03
N THR A 45 -2.70 -22.37 -16.21
CA THR A 45 -3.40 -22.61 -17.43
C THR A 45 -2.91 -23.96 -17.91
N THR A 46 -3.43 -24.46 -19.01
CA THR A 46 -3.04 -25.77 -19.52
C THR A 46 -1.92 -25.70 -20.53
N GLN A 47 -1.37 -24.51 -20.71
CA GLN A 47 -0.33 -24.32 -21.70
C GLN A 47 0.95 -25.11 -21.33
N PRO A 48 1.49 -25.95 -22.24
CA PRO A 48 2.65 -26.77 -21.98
C PRO A 48 3.85 -25.95 -21.53
N GLY A 49 4.51 -26.46 -20.49
CA GLY A 49 5.71 -25.83 -19.94
C GLY A 49 5.50 -24.55 -19.15
N ILE A 50 4.26 -24.08 -19.03
CA ILE A 50 4.03 -22.80 -18.37
C ILE A 50 3.38 -22.90 -16.99
N VAL A 51 4.04 -22.29 -16.02
CA VAL A 51 3.62 -22.25 -14.62
C VAL A 51 3.13 -20.85 -14.27
N GLU A 52 1.95 -20.75 -13.66
CA GLU A 52 1.39 -19.45 -13.26
C GLU A 52 1.43 -18.43 -14.39
N GLY A 53 1.11 -18.85 -15.61
CA GLY A 53 1.14 -17.97 -16.77
C GLY A 53 0.15 -16.80 -16.66
N GLY A 54 -1.01 -17.05 -16.05
CA GLY A 54 -2.04 -16.03 -15.92
C GLY A 54 -3.12 -16.10 -17.00
N GLN A 55 -4.31 -15.66 -16.63
CA GLN A 55 -5.46 -15.64 -17.51
C GLN A 55 -6.50 -14.65 -17.03
N VAL A 56 -7.53 -14.47 -17.84
CA VAL A 56 -8.67 -13.65 -17.52
C VAL A 56 -9.86 -14.56 -17.69
N LEU A 57 -10.79 -14.52 -16.74
CA LEU A 57 -11.94 -15.38 -16.85
C LEU A 57 -13.20 -14.56 -17.19
N LYS A 58 -14.10 -15.14 -18.00
CA LYS A 58 -15.42 -14.52 -18.24
C LYS A 58 -16.41 -15.07 -17.27
N CYS A 59 -17.05 -14.21 -16.51
CA CYS A 59 -18.01 -14.68 -15.53
C CYS A 59 -19.43 -14.33 -15.95
N ASP A 60 -20.36 -15.26 -15.97
CA ASP A 60 -21.71 -14.83 -16.38
C ASP A 60 -22.35 -13.90 -15.35
N TRP A 61 -23.02 -12.84 -15.79
CA TRP A 61 -23.79 -11.99 -14.88
C TRP A 61 -25.06 -12.65 -14.33
N SER A 62 -25.85 -13.26 -15.21
CA SER A 62 -27.14 -13.81 -14.84
C SER A 62 -27.03 -15.12 -14.07
N SER A 63 -26.59 -15.00 -12.84
CA SER A 63 -26.35 -16.14 -11.95
C SER A 63 -25.42 -17.12 -12.62
N THR A 64 -25.62 -18.41 -12.37
CA THR A 64 -24.73 -19.41 -12.97
C THR A 64 -23.29 -18.91 -12.82
N ARG A 65 -22.95 -18.53 -11.59
CA ARG A 65 -21.73 -17.77 -11.34
C ARG A 65 -20.44 -18.55 -11.44
N ARG A 66 -20.09 -18.86 -12.65
CA ARG A 66 -18.87 -19.56 -12.94
C ARG A 66 -18.06 -18.71 -13.88
N CYS A 67 -16.76 -18.77 -13.70
CA CYS A 67 -15.84 -18.00 -14.50
C CYS A 67 -14.96 -18.88 -15.40
N GLN A 68 -15.14 -18.72 -16.70
CA GLN A 68 -14.48 -19.50 -17.72
C GLN A 68 -13.27 -18.81 -18.34
N PRO A 69 -12.08 -19.42 -18.34
CA PRO A 69 -10.90 -18.86 -18.97
C PRO A 69 -11.08 -18.48 -20.40
N ILE A 70 -10.52 -17.34 -20.78
CA ILE A 70 -10.53 -16.87 -22.15
C ILE A 70 -9.34 -17.46 -22.84
N GLU A 71 -9.57 -18.21 -23.89
CA GLU A 71 -8.46 -18.85 -24.56
C GLU A 71 -7.72 -17.90 -25.50
N PHE A 72 -6.96 -16.99 -24.89
CA PHE A 72 -6.17 -16.00 -25.63
C PHE A 72 -4.95 -16.68 -26.23
N ASP A 73 -4.42 -17.66 -25.51
CA ASP A 73 -3.23 -18.35 -25.93
C ASP A 73 -3.23 -19.79 -25.41
N ALA A 74 -3.47 -20.74 -26.29
CA ALA A 74 -3.54 -22.15 -25.93
C ALA A 74 -2.19 -22.85 -26.05
N THR A 75 -1.16 -22.12 -26.44
CA THR A 75 0.13 -22.76 -26.71
C THR A 75 1.21 -22.56 -25.65
N GLY A 76 2.30 -23.31 -25.80
CA GLY A 76 3.44 -23.21 -24.89
C GLY A 76 4.43 -22.14 -25.38
N ASN A 77 5.69 -22.26 -24.98
CA ASN A 77 6.70 -21.28 -25.37
C ASN A 77 7.30 -21.64 -26.73
N ARG A 78 7.42 -20.66 -27.62
CA ARG A 78 8.08 -20.88 -28.91
C ARG A 78 9.59 -20.89 -28.73
N ASP A 79 10.27 -21.56 -29.66
CA ASP A 79 11.73 -21.60 -29.68
C ASP A 79 12.35 -20.55 -30.59
N TYR A 80 13.57 -20.18 -30.25
CA TYR A 80 14.39 -19.28 -31.04
C TYR A 80 15.24 -20.10 -32.00
N ALA A 81 15.86 -21.12 -31.43
CA ALA A 81 16.76 -22.03 -32.13
C ALA A 81 16.65 -23.37 -31.45
N LYS A 82 17.12 -24.44 -32.07
CA LYS A 82 17.01 -25.73 -31.42
C LYS A 82 17.54 -25.65 -30.01
N ASP A 83 16.70 -26.11 -29.08
CA ASP A 83 16.96 -26.17 -27.65
C ASP A 83 17.35 -24.81 -27.06
N ASP A 84 16.74 -23.75 -27.57
CA ASP A 84 17.01 -22.40 -27.09
C ASP A 84 15.66 -21.65 -27.20
N PRO A 85 14.85 -21.60 -26.13
CA PRO A 85 13.53 -20.99 -26.07
C PRO A 85 13.57 -19.52 -26.45
N LEU A 86 12.58 -19.08 -27.21
CA LEU A 86 12.45 -17.69 -27.60
C LEU A 86 11.90 -16.87 -26.48
N GLU A 87 10.89 -17.45 -25.85
CA GLU A 87 10.10 -16.72 -24.88
C GLU A 87 9.79 -17.48 -23.62
N PHE A 88 9.49 -16.71 -22.57
CA PHE A 88 9.22 -17.27 -21.27
C PHE A 88 7.91 -16.73 -20.70
N LYS A 89 6.86 -17.55 -20.77
CA LYS A 89 5.53 -17.16 -20.31
C LYS A 89 5.27 -17.52 -18.84
N SER A 90 6.08 -18.39 -18.25
CA SER A 90 5.84 -18.76 -16.86
C SER A 90 5.96 -17.51 -16.04
N HIS A 91 5.05 -17.36 -15.11
CA HIS A 91 4.97 -16.25 -14.18
C HIS A 91 4.90 -14.87 -14.88
N GLN A 92 4.34 -14.78 -16.10
CA GLN A 92 4.28 -13.51 -16.83
C GLN A 92 3.24 -12.50 -16.35
N TRP A 93 2.33 -12.94 -15.47
CA TRP A 93 1.23 -12.12 -15.00
C TRP A 93 0.24 -11.76 -16.09
N PHE A 94 -0.07 -12.70 -16.98
CA PHE A 94 -1.05 -12.38 -17.99
C PHE A 94 -2.38 -12.22 -17.34
N GLY A 95 -3.02 -11.11 -17.58
CA GLY A 95 -4.30 -10.87 -16.95
C GLY A 95 -4.13 -9.81 -15.88
N ALA A 96 -2.89 -9.34 -15.69
CA ALA A 96 -2.57 -8.28 -14.74
C ALA A 96 -3.36 -7.06 -15.08
N SER A 97 -3.63 -6.85 -16.35
CA SER A 97 -4.47 -5.73 -16.69
C SER A 97 -5.41 -6.11 -17.81
N VAL A 98 -6.70 -5.92 -17.57
CA VAL A 98 -7.75 -6.24 -18.55
C VAL A 98 -8.68 -5.06 -18.79
N ARG A 99 -8.97 -4.80 -20.06
CA ARG A 99 -9.89 -3.76 -20.48
C ARG A 99 -10.73 -4.21 -21.66
N SER A 100 -11.91 -3.65 -21.79
CA SER A 100 -12.74 -3.97 -22.95
C SER A 100 -13.35 -2.74 -23.60
N LYS A 101 -13.84 -2.96 -24.81
CA LYS A 101 -14.56 -1.95 -25.55
C LYS A 101 -15.48 -2.62 -26.53
N GLN A 102 -16.77 -2.33 -26.45
CA GLN A 102 -17.73 -2.95 -27.34
C GLN A 102 -17.53 -4.47 -27.36
N ASP A 103 -17.29 -5.03 -28.53
CA ASP A 103 -17.15 -6.48 -28.68
C ASP A 103 -15.73 -6.99 -28.52
N LYS A 104 -14.78 -6.12 -28.16
CA LYS A 104 -13.38 -6.53 -28.09
C LYS A 104 -12.82 -6.59 -26.66
N ILE A 105 -11.86 -7.50 -26.46
CA ILE A 105 -11.18 -7.62 -25.17
C ILE A 105 -9.67 -7.56 -25.28
N LEU A 106 -9.06 -6.70 -24.47
CA LEU A 106 -7.62 -6.55 -24.40
C LEU A 106 -7.10 -6.92 -23.02
N ALA A 107 -6.06 -7.73 -22.96
CA ALA A 107 -5.49 -8.04 -21.66
C ALA A 107 -4.00 -8.25 -21.82
N CYS A 108 -3.23 -7.90 -20.80
CA CYS A 108 -1.78 -8.02 -20.94
C CYS A 108 -1.05 -8.67 -19.78
N ALA A 109 0.17 -9.13 -20.15
CA ALA A 109 1.26 -9.74 -19.37
C ALA A 109 2.53 -8.88 -19.30
N PRO A 110 2.62 -7.86 -18.45
CA PRO A 110 3.76 -6.99 -18.36
C PRO A 110 5.05 -7.69 -17.94
N LEU A 111 4.99 -8.91 -17.36
CA LEU A 111 6.24 -9.50 -16.95
C LEU A 111 6.52 -10.76 -17.75
N TYR A 112 6.28 -10.63 -19.03
CA TYR A 112 6.65 -11.59 -20.05
C TYR A 112 8.10 -11.40 -20.43
N HIS A 113 8.88 -12.47 -20.44
CA HIS A 113 10.28 -12.31 -20.79
C HIS A 113 10.58 -12.86 -22.17
N TRP A 114 11.53 -12.21 -22.82
CA TRP A 114 11.92 -12.61 -24.17
C TRP A 114 13.44 -12.63 -24.44
N ARG A 115 13.83 -13.61 -25.25
CA ARG A 115 15.18 -13.85 -25.74
C ARG A 115 15.34 -12.97 -26.96
N THR A 116 16.39 -12.18 -27.04
CA THR A 116 16.48 -11.32 -28.19
C THR A 116 17.05 -12.11 -29.34
N GLU A 117 16.93 -11.57 -30.55
CA GLU A 117 17.54 -12.27 -31.66
C GLU A 117 19.05 -12.28 -31.63
N MET A 118 19.63 -11.17 -31.15
CA MET A 118 21.07 -10.99 -31.13
C MET A 118 21.79 -11.59 -29.93
N LYS A 119 21.13 -11.61 -28.78
CA LYS A 119 21.80 -12.10 -27.58
C LYS A 119 20.89 -12.88 -26.65
N GLN A 120 21.47 -13.89 -26.00
CA GLN A 120 20.74 -14.68 -25.03
C GLN A 120 20.31 -13.72 -23.93
N GLU A 121 19.02 -13.67 -23.66
CA GLU A 121 18.49 -12.71 -22.70
C GLU A 121 17.15 -13.12 -22.14
N ARG A 122 16.82 -12.57 -20.98
CA ARG A 122 15.50 -12.74 -20.38
C ARG A 122 14.96 -11.36 -20.06
N GLU A 123 14.58 -10.56 -21.05
CA GLU A 123 14.25 -9.19 -20.71
C GLU A 123 12.74 -9.05 -20.57
N PRO A 124 12.24 -8.22 -19.61
CA PRO A 124 10.84 -7.98 -19.34
C PRO A 124 10.23 -7.03 -20.34
N VAL A 125 10.12 -7.53 -21.55
CA VAL A 125 9.61 -6.76 -22.67
C VAL A 125 8.11 -6.53 -22.53
N GLY A 126 7.39 -7.55 -22.01
CA GLY A 126 5.95 -7.50 -21.84
C GLY A 126 5.21 -7.88 -23.13
N THR A 127 3.96 -8.29 -22.99
CA THR A 127 3.14 -8.59 -24.18
C THR A 127 1.64 -8.52 -23.89
N CYS A 128 0.86 -8.22 -24.94
CA CYS A 128 -0.59 -8.17 -24.85
C CYS A 128 -1.33 -9.09 -25.80
N PHE A 129 -2.54 -9.46 -25.43
CA PHE A 129 -3.41 -10.18 -26.35
C PHE A 129 -4.71 -9.43 -26.56
N LEU A 130 -5.15 -9.43 -27.80
CA LEU A 130 -6.37 -8.74 -28.18
C LEU A 130 -7.32 -9.63 -28.97
N GLN A 131 -8.57 -9.65 -28.55
CA GLN A 131 -9.56 -10.43 -29.27
C GLN A 131 -10.68 -9.59 -29.85
N ASP A 132 -11.08 -10.00 -31.04
CA ASP A 132 -12.18 -9.43 -31.79
C ASP A 132 -13.03 -10.56 -32.34
N GLY A 133 -14.15 -10.85 -31.68
CA GLY A 133 -14.89 -12.03 -32.07
C GLY A 133 -13.97 -13.23 -31.82
N THR A 134 -13.75 -14.05 -32.85
CA THR A 134 -12.91 -15.23 -32.70
C THR A 134 -11.47 -14.98 -33.16
N LYS A 135 -11.17 -13.78 -33.62
CA LYS A 135 -9.84 -13.46 -34.10
C LYS A 135 -8.95 -13.03 -32.94
N THR A 136 -7.88 -13.79 -32.72
CA THR A 136 -7.00 -13.47 -31.60
C THR A 136 -5.62 -13.13 -32.10
N VAL A 137 -5.08 -12.00 -31.62
CA VAL A 137 -3.73 -11.64 -32.01
C VAL A 137 -2.87 -11.28 -30.81
N GLU A 138 -1.56 -11.39 -30.99
CA GLU A 138 -0.60 -10.93 -30.00
C GLU A 138 -0.19 -9.53 -30.38
N TYR A 139 -0.12 -8.64 -29.42
CA TYR A 139 0.37 -7.32 -29.70
C TYR A 139 1.55 -6.99 -28.82
N ALA A 140 2.68 -6.71 -29.47
CA ALA A 140 3.89 -6.40 -28.75
C ALA A 140 4.24 -4.91 -28.78
N PRO A 141 3.63 -4.02 -27.96
CA PRO A 141 3.81 -2.58 -28.03
C PRO A 141 5.26 -2.20 -27.86
N CYS A 142 6.04 -3.04 -27.18
CA CYS A 142 7.45 -2.75 -27.00
C CYS A 142 8.34 -3.90 -27.41
N ARG A 143 8.12 -4.50 -28.56
CA ARG A 143 9.10 -5.50 -28.94
C ARG A 143 9.60 -5.10 -30.31
N SER A 144 10.85 -4.71 -30.33
CA SER A 144 11.48 -4.14 -31.50
C SER A 144 12.95 -4.41 -31.46
N GLN A 145 13.69 -3.92 -32.45
CA GLN A 145 15.13 -4.06 -32.53
C GLN A 145 15.84 -3.27 -31.42
N ASP A 146 15.11 -2.38 -30.75
CA ASP A 146 15.68 -1.58 -29.68
C ASP A 146 15.62 -2.46 -28.42
N ILE A 147 16.51 -3.45 -28.39
CA ILE A 147 16.52 -4.60 -27.45
C ILE A 147 17.34 -4.51 -26.16
N ASP A 148 17.42 -3.36 -25.55
CA ASP A 148 18.17 -3.30 -24.31
C ASP A 148 17.53 -2.29 -23.33
N ALA A 149 18.14 -2.13 -22.17
CA ALA A 149 17.66 -1.28 -21.07
C ALA A 149 17.48 0.18 -21.47
N ASP A 150 18.31 0.68 -22.40
CA ASP A 150 18.20 2.08 -22.81
C ASP A 150 17.21 2.25 -23.96
N GLY A 151 16.59 1.15 -24.34
CA GLY A 151 15.61 1.04 -25.41
C GLY A 151 14.31 0.50 -24.85
N GLN A 152 13.69 -0.44 -25.57
CA GLN A 152 12.42 -1.02 -25.16
C GLN A 152 12.54 -2.40 -24.51
N GLY A 153 13.76 -2.92 -24.34
CA GLY A 153 13.93 -4.29 -23.85
C GLY A 153 13.29 -4.57 -22.48
N PHE A 154 13.30 -3.57 -21.61
CA PHE A 154 12.74 -3.69 -20.28
C PHE A 154 11.45 -2.93 -20.13
N CYS A 155 10.80 -2.63 -21.25
CA CYS A 155 9.55 -1.88 -21.29
C CYS A 155 8.39 -2.34 -20.42
N GLN A 156 8.16 -3.65 -20.31
CA GLN A 156 6.97 -4.18 -19.64
C GLN A 156 5.75 -3.62 -20.30
N GLY A 157 5.72 -3.68 -21.61
CA GLY A 157 4.59 -3.14 -22.30
C GLY A 157 3.37 -3.88 -21.86
N GLY A 158 2.28 -3.17 -21.69
CA GLY A 158 1.04 -3.80 -21.28
C GLY A 158 0.82 -3.62 -19.80
N PHE A 159 1.79 -3.00 -19.12
CA PHE A 159 1.68 -2.72 -17.70
C PHE A 159 0.36 -2.03 -17.47
N SER A 160 0.02 -1.08 -18.33
CA SER A 160 -1.28 -0.46 -18.18
C SER A 160 -1.92 -0.30 -19.56
N ILE A 161 -3.24 -0.37 -19.61
CA ILE A 161 -3.99 -0.21 -20.85
C ILE A 161 -5.34 0.51 -20.68
N ASP A 162 -5.82 1.14 -21.77
CA ASP A 162 -7.16 1.75 -21.81
C ASP A 162 -7.67 1.95 -23.25
N PHE A 163 -8.99 2.07 -23.39
CA PHE A 163 -9.60 2.31 -24.71
C PHE A 163 -10.28 3.67 -24.87
N THR A 164 -9.95 4.31 -25.97
CA THR A 164 -10.50 5.61 -26.32
C THR A 164 -11.83 5.48 -26.99
N LYS A 165 -12.50 6.62 -27.15
CA LYS A 165 -13.69 6.70 -27.97
C LYS A 165 -13.26 6.37 -29.39
N ALA A 166 -14.20 6.25 -30.33
CA ALA A 166 -13.84 5.75 -31.65
C ALA A 166 -13.29 4.36 -31.40
N ASP A 167 -12.06 4.01 -31.83
CA ASP A 167 -11.61 2.65 -31.55
C ASP A 167 -10.07 2.55 -31.54
N ARG A 168 -9.45 3.12 -30.49
CA ARG A 168 -7.97 3.16 -30.36
C ARG A 168 -7.53 2.66 -28.97
N VAL A 169 -6.36 2.01 -28.93
CA VAL A 169 -5.82 1.51 -27.68
C VAL A 169 -4.59 2.27 -27.18
N LEU A 170 -4.64 2.70 -25.93
CA LEU A 170 -3.52 3.34 -25.27
C LEU A 170 -2.84 2.32 -24.36
N LEU A 171 -1.54 2.18 -24.51
CA LEU A 171 -0.79 1.27 -23.69
C LEU A 171 0.37 1.96 -22.97
N GLY A 172 0.57 1.60 -21.72
CA GLY A 172 1.70 2.10 -20.96
C GLY A 172 2.83 1.09 -21.06
N GLY A 173 4.04 1.64 -21.25
CA GLY A 173 5.32 0.96 -21.37
C GLY A 173 6.41 1.46 -20.42
N PRO A 174 6.20 1.45 -19.09
CA PRO A 174 6.95 2.18 -18.07
C PRO A 174 8.43 1.91 -18.03
N GLY A 175 8.92 0.81 -18.61
CA GLY A 175 10.34 0.56 -18.56
C GLY A 175 11.18 1.11 -19.70
N SER A 176 10.56 1.71 -20.70
CA SER A 176 11.39 2.16 -21.81
C SER A 176 12.44 3.20 -21.35
N PHE A 177 13.63 3.11 -21.96
CA PHE A 177 14.71 4.05 -21.76
C PHE A 177 15.13 4.14 -20.30
N TYR A 178 15.51 3.02 -19.68
CA TYR A 178 15.87 3.01 -18.27
C TYR A 178 14.75 3.55 -17.41
N TRP A 179 13.56 3.06 -17.68
CA TRP A 179 12.37 3.42 -16.98
C TRP A 179 11.99 4.90 -17.00
N GLN A 180 12.26 5.60 -18.11
CA GLN A 180 11.76 6.96 -18.23
C GLN A 180 10.28 6.75 -18.43
N GLY A 181 10.00 5.68 -19.19
CA GLY A 181 8.71 5.19 -19.58
C GLY A 181 8.31 5.71 -20.93
N GLN A 182 7.20 5.21 -21.40
CA GLN A 182 6.74 5.53 -22.72
C GLN A 182 5.25 5.29 -22.90
N LEU A 183 4.60 6.19 -23.62
CA LEU A 183 3.22 5.91 -23.96
C LEU A 183 3.19 5.51 -25.40
N ILE A 184 2.39 4.50 -25.69
CA ILE A 184 2.22 4.00 -27.03
C ILE A 184 0.73 3.88 -27.35
N SER A 185 0.32 4.31 -28.54
CA SER A 185 -1.08 4.09 -28.89
C SER A 185 -1.21 3.69 -30.35
N ASP A 186 -2.20 2.86 -30.62
CA ASP A 186 -2.43 2.32 -31.95
C ASP A 186 -3.89 2.10 -32.24
N GLN A 187 -4.29 2.12 -33.50
CA GLN A 187 -5.68 1.84 -33.82
C GLN A 187 -5.95 0.37 -33.60
N VAL A 188 -7.15 0.04 -33.17
CA VAL A 188 -7.47 -1.37 -32.99
C VAL A 188 -7.37 -2.14 -34.29
N ALA A 189 -7.89 -1.55 -35.35
CA ALA A 189 -7.86 -2.21 -36.63
C ALA A 189 -6.44 -2.51 -37.07
N GLU A 190 -5.49 -1.62 -36.78
CA GLU A 190 -4.11 -1.85 -37.17
C GLU A 190 -3.52 -3.02 -36.41
N ILE A 191 -3.82 -3.07 -35.11
CA ILE A 191 -3.26 -4.11 -34.28
C ILE A 191 -3.69 -5.45 -34.82
N VAL A 192 -4.96 -5.59 -35.15
CA VAL A 192 -5.41 -6.86 -35.65
C VAL A 192 -5.00 -7.11 -37.12
N SER A 193 -5.26 -6.14 -37.99
CA SER A 193 -5.01 -6.28 -39.42
C SER A 193 -3.58 -6.59 -39.82
N LYS A 194 -2.62 -5.95 -39.18
CA LYS A 194 -1.25 -6.16 -39.56
C LYS A 194 -0.58 -7.32 -38.84
N TYR A 195 -1.31 -8.04 -38.00
CA TYR A 195 -0.73 -9.13 -37.26
C TYR A 195 -0.16 -10.25 -38.12
N ASP A 196 1.04 -10.68 -37.76
CA ASP A 196 1.74 -11.76 -38.43
C ASP A 196 2.32 -12.71 -37.35
N PRO A 197 1.83 -13.95 -37.25
CA PRO A 197 2.13 -14.91 -36.21
C PRO A 197 3.61 -15.28 -36.11
N ASN A 198 4.42 -15.02 -37.15
CA ASN A 198 5.81 -15.40 -36.97
C ASN A 198 6.77 -14.24 -37.24
N VAL A 199 6.40 -13.08 -36.73
CA VAL A 199 7.24 -11.89 -36.77
C VAL A 199 7.38 -11.34 -35.37
N TYR A 200 8.60 -11.19 -34.88
CA TYR A 200 8.72 -10.68 -33.51
C TYR A 200 8.41 -9.19 -33.41
N SER A 201 8.67 -8.45 -34.50
CA SER A 201 8.48 -7.00 -34.55
C SER A 201 7.69 -6.55 -35.76
N ILE A 202 6.53 -5.97 -35.48
CA ILE A 202 5.62 -5.53 -36.52
C ILE A 202 5.50 -4.02 -36.51
N LYS A 203 5.69 -3.43 -37.67
CA LYS A 203 5.57 -1.99 -37.82
C LYS A 203 4.14 -1.62 -38.11
N TYR A 204 3.68 -0.54 -37.50
CA TYR A 204 2.33 -0.05 -37.74
C TYR A 204 2.44 1.36 -38.30
N ASN A 205 1.48 1.77 -39.12
CA ASN A 205 1.55 3.08 -39.77
C ASN A 205 1.11 4.31 -38.97
N ASN A 206 0.10 4.19 -38.13
CA ASN A 206 -0.42 5.36 -37.43
C ASN A 206 -0.06 5.32 -35.96
N GLN A 207 0.92 4.51 -35.63
CA GLN A 207 1.34 4.38 -34.25
C GLN A 207 1.83 5.69 -33.69
N LEU A 208 1.34 6.03 -32.51
CA LEU A 208 1.81 7.21 -31.86
C LEU A 208 2.61 6.77 -30.67
N ALA A 209 3.67 7.48 -30.33
CA ALA A 209 4.39 7.11 -29.13
C ALA A 209 5.25 8.25 -28.67
N THR A 210 5.57 8.21 -27.39
CA THR A 210 6.51 9.16 -26.83
C THR A 210 7.90 8.67 -27.19
N ARG A 211 8.91 9.51 -26.97
CA ARG A 211 10.28 9.15 -27.32
C ARG A 211 11.25 9.37 -26.19
N THR A 212 12.43 8.78 -26.30
CA THR A 212 13.47 8.90 -25.30
C THR A 212 13.83 10.35 -24.98
N ALA A 213 13.98 10.62 -23.70
CA ALA A 213 14.29 11.94 -23.18
C ALA A 213 15.65 11.93 -22.48
N GLN A 214 16.03 13.08 -21.95
CA GLN A 214 17.29 13.27 -21.24
C GLN A 214 17.34 12.43 -19.97
N ALA A 215 18.56 12.13 -19.50
CA ALA A 215 18.78 11.28 -18.31
C ALA A 215 18.09 11.81 -17.06
N ILE A 216 17.83 13.10 -17.03
CA ILE A 216 17.16 13.72 -15.89
C ILE A 216 15.79 13.09 -15.63
N PHE A 217 15.23 12.42 -16.65
CA PHE A 217 13.94 11.77 -16.54
C PHE A 217 14.03 10.25 -16.30
N ASP A 218 15.23 9.73 -16.08
CA ASP A 218 15.40 8.29 -15.85
C ASP A 218 14.63 7.91 -14.60
N ASP A 219 14.19 6.64 -14.54
CA ASP A 219 13.45 6.09 -13.40
C ASP A 219 12.19 6.89 -13.03
N SER A 220 11.44 7.35 -14.03
CA SER A 220 10.23 8.13 -13.75
C SER A 220 8.97 7.28 -13.88
N TYR A 221 9.09 6.21 -14.70
CA TYR A 221 8.05 5.22 -15.00
C TYR A 221 6.80 5.67 -15.77
N LEU A 222 6.93 6.52 -16.80
CA LEU A 222 5.75 6.88 -17.59
C LEU A 222 5.07 5.71 -18.26
N GLY A 223 3.78 5.58 -17.96
CA GLY A 223 3.02 4.48 -18.51
C GLY A 223 2.62 3.55 -17.38
N TYR A 224 3.10 3.86 -16.18
CA TYR A 224 2.75 3.10 -15.01
C TYR A 224 1.22 3.07 -14.93
N SER A 225 0.58 4.22 -15.17
CA SER A 225 -0.88 4.29 -15.14
C SER A 225 -1.43 5.11 -16.29
N VAL A 226 -2.57 4.70 -16.84
CA VAL A 226 -3.20 5.47 -17.92
C VAL A 226 -4.71 5.66 -17.77
N ALA A 227 -5.22 6.67 -18.48
CA ALA A 227 -6.64 6.99 -18.60
C ALA A 227 -6.81 7.78 -19.90
N VAL A 228 -8.02 7.87 -20.41
CA VAL A 228 -8.19 8.67 -21.62
C VAL A 228 -9.35 9.65 -21.54
N GLY A 229 -9.33 10.61 -22.45
CA GLY A 229 -10.45 11.56 -22.58
C GLY A 229 -10.01 12.79 -23.35
N ASP A 230 -10.94 13.51 -23.97
CA ASP A 230 -10.56 14.71 -24.69
C ASP A 230 -10.47 15.97 -23.81
N PHE A 231 -9.33 16.63 -23.90
CA PHE A 231 -9.06 17.85 -23.18
C PHE A 231 -8.73 18.97 -24.19
N ASN A 232 -8.08 18.62 -25.31
CA ASN A 232 -7.69 19.66 -26.27
C ASN A 232 -8.84 20.02 -27.19
N GLY A 233 -9.88 20.58 -26.62
CA GLY A 233 -11.07 20.88 -27.39
C GLY A 233 -11.68 19.60 -27.96
N ASP A 234 -11.93 19.60 -29.28
CA ASP A 234 -12.57 18.47 -29.98
C ASP A 234 -11.59 17.39 -30.47
N GLY A 235 -12.13 16.38 -31.12
CA GLY A 235 -11.36 15.29 -31.67
C GLY A 235 -11.22 14.11 -30.73
N ILE A 236 -10.33 13.21 -31.10
CA ILE A 236 -10.03 11.95 -30.46
C ILE A 236 -9.46 12.15 -29.08
N ASP A 237 -9.85 11.27 -28.16
CA ASP A 237 -9.39 11.34 -26.78
C ASP A 237 -7.90 11.48 -26.68
N ASP A 238 -7.49 12.28 -25.73
CA ASP A 238 -6.10 12.52 -25.48
C ASP A 238 -5.66 11.39 -24.57
N PHE A 239 -4.40 11.37 -24.20
CA PHE A 239 -3.87 10.27 -23.41
C PHE A 239 -3.39 10.76 -22.06
N VAL A 240 -4.05 10.32 -21.01
CA VAL A 240 -3.73 10.76 -19.66
C VAL A 240 -2.83 9.72 -19.03
N SER A 241 -1.70 10.12 -18.50
CA SER A 241 -0.87 9.11 -17.91
C SER A 241 -0.01 9.57 -16.78
N GLY A 242 0.07 8.70 -15.79
CA GLY A 242 0.85 8.95 -14.63
C GLY A 242 2.25 8.42 -14.75
N VAL A 243 3.13 9.20 -14.12
CA VAL A 243 4.54 8.96 -13.98
C VAL A 243 4.87 9.09 -12.48
N PRO A 244 4.90 7.98 -11.74
CA PRO A 244 5.09 7.90 -10.31
C PRO A 244 6.31 8.62 -9.76
N ARG A 245 7.42 8.75 -10.52
CA ARG A 245 8.50 9.46 -9.88
C ARG A 245 9.05 10.59 -10.72
N ALA A 246 8.12 11.28 -11.38
CA ALA A 246 8.48 12.47 -12.14
C ALA A 246 8.81 13.58 -11.18
N ALA A 247 9.55 14.57 -11.64
CA ALA A 247 9.81 15.73 -10.82
C ALA A 247 10.44 15.32 -9.48
N ARG A 248 11.50 14.52 -9.56
CA ARG A 248 12.26 14.07 -8.40
C ARG A 248 11.40 13.37 -7.38
N THR A 249 10.58 12.42 -7.81
CA THR A 249 9.68 11.63 -6.96
C THR A 249 8.45 12.35 -6.45
N LEU A 250 8.24 13.64 -6.78
CA LEU A 250 6.97 14.26 -6.41
C LEU A 250 5.85 13.56 -7.15
N GLY A 251 6.14 13.15 -8.38
CA GLY A 251 5.21 12.47 -9.24
C GLY A 251 4.45 13.45 -10.14
N MET A 252 4.13 12.99 -11.35
CA MET A 252 3.40 13.81 -12.32
C MET A 252 2.43 13.05 -13.17
N VAL A 253 1.50 13.81 -13.73
CA VAL A 253 0.55 13.32 -14.70
C VAL A 253 0.61 14.19 -15.93
N TYR A 254 0.71 13.53 -17.05
CA TYR A 254 0.81 14.24 -18.29
C TYR A 254 -0.38 13.90 -19.16
N ILE A 255 -0.82 14.86 -19.95
CA ILE A 255 -1.86 14.55 -20.91
C ILE A 255 -1.35 14.90 -22.28
N TYR A 256 -1.34 13.92 -23.17
CA TYR A 256 -0.85 14.08 -24.54
C TYR A 256 -1.98 14.14 -25.54
N ASP A 257 -1.82 14.94 -26.58
CA ASP A 257 -2.81 15.09 -27.65
C ASP A 257 -3.24 13.79 -28.34
N GLY A 258 -4.54 13.67 -28.58
CA GLY A 258 -5.18 12.52 -29.22
C GLY A 258 -4.86 12.32 -30.71
N LYS A 259 -4.24 13.28 -31.39
CA LYS A 259 -3.92 13.13 -32.80
C LYS A 259 -2.44 12.83 -32.96
N ASN A 260 -1.62 13.42 -32.10
CA ASN A 260 -0.19 13.18 -32.14
C ASN A 260 0.36 13.12 -30.71
N MET A 261 1.35 12.28 -30.46
CA MET A 261 1.76 12.13 -29.07
C MET A 261 2.62 13.29 -28.56
N SER A 262 1.95 14.37 -28.19
CA SER A 262 2.59 15.61 -27.71
C SER A 262 1.82 16.24 -26.54
N SER A 263 2.54 16.55 -25.46
CA SER A 263 1.91 17.04 -24.22
C SER A 263 1.10 18.33 -24.35
N LEU A 264 -0.04 18.31 -23.66
CA LEU A 264 -0.99 19.39 -23.53
C LEU A 264 -0.97 19.97 -22.12
N TYR A 265 -1.00 19.07 -21.15
CA TYR A 265 -1.07 19.46 -19.74
C TYR A 265 -0.02 18.75 -18.92
N ASN A 266 0.40 19.42 -17.83
CA ASN A 266 1.37 18.94 -16.86
C ASN A 266 0.90 19.15 -15.42
N PHE A 267 0.60 18.07 -14.72
CA PHE A 267 0.12 18.15 -13.34
C PHE A 267 1.21 17.61 -12.44
N THR A 268 1.37 18.15 -11.23
CA THR A 268 2.40 17.62 -10.35
C THR A 268 1.97 17.53 -8.91
N GLY A 269 2.60 16.64 -8.16
CA GLY A 269 2.31 16.47 -6.75
C GLY A 269 3.03 17.47 -5.86
N GLU A 270 2.69 17.42 -4.58
CA GLU A 270 3.27 18.32 -3.59
C GLU A 270 4.31 17.65 -2.71
N GLN A 271 4.23 16.33 -2.57
CA GLN A 271 5.07 15.64 -1.63
C GLN A 271 5.85 14.49 -2.24
N MET A 272 7.13 14.46 -1.93
CA MET A 272 7.96 13.40 -2.44
C MET A 272 7.49 12.08 -1.92
N ALA A 273 7.52 11.09 -2.80
CA ALA A 273 7.16 9.71 -2.52
C ALA A 273 5.70 9.54 -2.08
N ALA A 274 4.82 10.49 -2.45
CA ALA A 274 3.37 10.33 -2.23
C ALA A 274 2.79 9.54 -3.39
N TYR A 275 3.59 9.42 -4.44
CA TYR A 275 3.33 8.74 -5.71
C TYR A 275 2.25 9.36 -6.54
N PHE A 276 2.24 10.67 -6.63
CA PHE A 276 1.29 11.32 -7.49
C PHE A 276 1.52 10.73 -8.87
N GLY A 277 0.46 10.23 -9.49
CA GLY A 277 0.56 9.63 -10.81
C GLY A 277 0.41 8.10 -10.70
N PHE A 278 0.43 7.59 -9.48
CA PHE A 278 0.24 6.16 -9.23
C PHE A 278 -0.97 5.64 -9.97
N SER A 279 -2.07 6.40 -9.89
CA SER A 279 -3.26 5.98 -10.62
C SER A 279 -3.96 7.18 -11.18
N VAL A 280 -4.57 7.04 -12.35
CA VAL A 280 -5.28 8.15 -12.94
C VAL A 280 -6.64 7.75 -13.49
N ALA A 281 -7.52 8.72 -13.62
CA ALA A 281 -8.84 8.53 -14.21
C ALA A 281 -9.38 9.83 -14.78
N ALA A 282 -10.38 9.75 -15.65
CA ALA A 282 -11.00 10.96 -16.17
C ALA A 282 -12.49 10.73 -16.44
N THR A 283 -13.28 11.76 -16.14
CA THR A 283 -14.74 11.78 -16.35
C THR A 283 -15.33 13.15 -16.13
N ASP A 284 -16.46 13.47 -16.75
CA ASP A 284 -17.13 14.77 -16.56
C ASP A 284 -17.85 14.81 -15.22
N ILE A 285 -17.10 15.02 -14.14
CA ILE A 285 -17.65 14.82 -12.82
C ILE A 285 -18.67 15.90 -12.49
N ASN A 286 -18.52 17.10 -13.04
CA ASN A 286 -19.48 18.13 -12.72
C ASN A 286 -20.54 18.31 -13.78
N GLY A 287 -20.65 17.38 -14.71
CA GLY A 287 -21.74 17.45 -15.69
C GLY A 287 -21.70 18.65 -16.65
N ASP A 288 -20.52 19.10 -17.08
CA ASP A 288 -20.46 20.28 -17.94
C ASP A 288 -19.81 19.95 -19.27
N ASP A 289 -19.83 18.67 -19.61
CA ASP A 289 -19.24 18.09 -20.80
C ASP A 289 -17.73 18.27 -20.92
N TYR A 290 -17.01 18.24 -19.80
CA TYR A 290 -15.55 18.31 -19.89
C TYR A 290 -14.95 17.23 -19.02
N ALA A 291 -14.22 16.28 -19.61
CA ALA A 291 -13.63 15.27 -18.74
C ALA A 291 -12.72 15.92 -17.74
N ASP A 292 -12.78 15.49 -16.50
CA ASP A 292 -11.93 16.05 -15.48
C ASP A 292 -10.77 15.11 -15.27
N VAL A 293 -9.84 15.49 -14.40
CA VAL A 293 -8.67 14.66 -14.14
C VAL A 293 -8.54 14.28 -12.66
N PHE A 294 -8.49 12.97 -12.43
CA PHE A 294 -8.38 12.41 -11.09
C PHE A 294 -7.04 11.76 -10.91
N ILE A 295 -6.27 12.23 -9.92
CA ILE A 295 -4.94 11.68 -9.76
C ILE A 295 -4.67 11.12 -8.38
N GLY A 296 -4.32 9.85 -8.34
CA GLY A 296 -4.01 9.20 -7.10
C GLY A 296 -2.56 9.41 -6.72
N ALA A 297 -2.37 9.57 -5.41
CA ALA A 297 -1.15 9.75 -4.64
C ALA A 297 -1.31 8.95 -3.33
N PRO A 298 -1.34 7.61 -3.39
CA PRO A 298 -1.68 6.67 -2.35
C PRO A 298 -0.89 6.72 -1.09
N LEU A 299 0.33 7.26 -1.10
CA LEU A 299 1.02 7.25 0.16
C LEU A 299 1.40 8.65 0.53
N PHE A 300 0.45 9.53 0.30
CA PHE A 300 0.53 10.90 0.75
C PHE A 300 0.46 11.00 2.26
N MET A 301 1.36 11.78 2.83
CA MET A 301 1.34 12.03 4.25
C MET A 301 0.79 13.42 4.54
N ASP A 302 -0.37 13.47 5.17
CA ASP A 302 -1.02 14.73 5.48
C ASP A 302 -0.48 15.17 6.80
N ARG A 303 -0.91 16.31 7.31
CA ARG A 303 -0.43 16.72 8.63
C ARG A 303 -1.61 16.78 9.57
N GLY A 304 -1.52 16.06 10.67
CA GLY A 304 -2.63 15.96 11.60
C GLY A 304 -2.75 17.12 12.56
N SER A 305 -3.73 16.99 13.46
CA SER A 305 -4.03 17.99 14.47
C SER A 305 -2.91 18.10 15.49
N ASP A 306 -2.07 17.08 15.53
CA ASP A 306 -0.94 17.01 16.42
C ASP A 306 0.34 17.58 15.80
N GLY A 307 0.24 18.12 14.58
CA GLY A 307 1.37 18.73 13.90
C GLY A 307 2.29 17.74 13.20
N LYS A 308 1.93 16.46 13.22
CA LYS A 308 2.78 15.43 12.64
C LYS A 308 2.22 14.85 11.37
N LEU A 309 3.11 14.25 10.59
CA LEU A 309 2.65 13.66 9.37
C LEU A 309 1.99 12.32 9.57
N GLN A 310 0.97 12.06 8.76
CA GLN A 310 0.21 10.82 8.78
C GLN A 310 -0.03 10.27 7.39
N GLU A 311 0.39 9.04 7.16
CA GLU A 311 0.24 8.44 5.84
C GLU A 311 -1.19 8.01 5.66
N VAL A 312 -1.94 8.74 4.82
CA VAL A 312 -3.36 8.44 4.62
C VAL A 312 -3.75 8.33 3.15
N GLY A 313 -2.94 8.84 2.24
CA GLY A 313 -3.29 8.79 0.83
C GLY A 313 -4.10 10.00 0.38
N GLN A 314 -3.98 10.31 -0.90
CA GLN A 314 -4.68 11.43 -1.52
C GLN A 314 -5.10 11.22 -2.96
N VAL A 315 -6.23 11.82 -3.34
CA VAL A 315 -6.63 11.95 -4.72
C VAL A 315 -6.83 13.41 -5.06
N SER A 316 -6.12 13.88 -6.06
CA SER A 316 -6.26 15.26 -6.50
C SER A 316 -7.37 15.29 -7.51
N VAL A 317 -8.27 16.25 -7.39
CA VAL A 317 -9.36 16.34 -8.35
C VAL A 317 -9.34 17.68 -9.07
N SER A 318 -9.07 17.62 -10.37
CA SER A 318 -8.95 18.82 -11.18
C SER A 318 -10.07 18.90 -12.19
N LEU A 319 -10.77 20.01 -12.22
CA LEU A 319 -11.88 20.16 -13.15
C LEU A 319 -11.49 20.92 -14.37
N GLN A 320 -11.88 20.37 -15.50
CA GLN A 320 -11.62 20.96 -16.81
C GLN A 320 -12.63 22.07 -17.06
N ARG A 321 -12.14 23.22 -17.48
CA ARG A 321 -13.04 24.33 -17.73
C ARG A 321 -13.01 24.74 -19.19
N ALA A 322 -14.03 25.48 -19.61
CA ALA A 322 -14.17 25.97 -20.99
C ALA A 322 -12.98 26.80 -21.45
N SER A 323 -12.28 27.42 -20.52
CA SER A 323 -11.13 28.25 -20.81
C SER A 323 -9.90 27.46 -21.25
N GLY A 324 -9.92 26.14 -21.03
CA GLY A 324 -8.79 25.28 -21.34
C GLY A 324 -7.95 25.01 -20.09
N ASP A 325 -8.21 25.77 -19.03
CA ASP A 325 -7.49 25.59 -17.79
C ASP A 325 -8.21 24.61 -16.87
N PHE A 326 -7.59 24.39 -15.72
CA PHE A 326 -8.13 23.55 -14.66
C PHE A 326 -8.22 24.27 -13.32
N GLN A 327 -9.17 23.83 -12.51
CA GLN A 327 -9.34 24.30 -11.13
C GLN A 327 -9.28 23.08 -10.22
N THR A 328 -8.86 23.21 -8.96
CA THR A 328 -8.74 21.94 -8.22
C THR A 328 -8.87 21.93 -6.70
N THR A 329 -9.27 20.74 -6.21
CA THR A 329 -9.37 20.42 -4.79
C THR A 329 -8.63 19.13 -4.45
N LYS A 330 -8.67 18.74 -3.17
CA LYS A 330 -7.96 17.53 -2.74
C LYS A 330 -8.78 16.69 -1.78
N LEU A 331 -8.81 15.38 -2.03
CA LEU A 331 -9.47 14.43 -1.16
C LEU A 331 -8.45 13.56 -0.44
N ASN A 332 -8.38 13.68 0.87
CA ASN A 332 -7.43 12.90 1.64
C ASN A 332 -8.11 11.66 2.17
N GLY A 333 -7.32 10.64 2.51
CA GLY A 333 -7.89 9.43 3.05
C GLY A 333 -8.35 9.60 4.48
N PHE A 334 -8.82 8.51 5.06
CA PHE A 334 -9.42 8.56 6.38
C PHE A 334 -8.67 7.83 7.49
N GLU A 335 -7.77 6.91 7.12
CA GLU A 335 -7.10 6.08 8.10
C GLU A 335 -5.62 5.96 7.78
N VAL A 336 -4.79 5.78 8.81
CA VAL A 336 -3.40 5.63 8.50
C VAL A 336 -3.09 4.29 7.87
N PHE A 337 -2.27 4.37 6.84
CA PHE A 337 -1.78 3.29 6.00
C PHE A 337 -2.88 2.62 5.17
N ALA A 338 -4.06 3.23 5.12
CA ALA A 338 -5.16 2.77 4.29
C ALA A 338 -5.05 3.49 2.97
N ARG A 339 -4.44 2.87 1.97
CA ARG A 339 -4.03 3.58 0.75
C ARG A 339 -5.16 4.05 -0.17
N PHE A 340 -5.91 5.03 0.30
CA PHE A 340 -7.06 5.68 -0.33
C PHE A 340 -6.81 6.12 -1.75
N GLY A 341 -5.67 6.71 -1.98
CA GLY A 341 -5.38 7.23 -3.29
C GLY A 341 -4.93 6.17 -4.29
N SER A 342 -4.88 4.89 -3.89
CA SER A 342 -4.38 3.87 -4.81
C SER A 342 -5.36 3.44 -5.88
N ALA A 343 -6.66 3.53 -5.66
CA ALA A 343 -7.54 3.08 -6.73
C ALA A 343 -8.64 4.06 -6.99
N ILE A 344 -8.79 4.39 -8.25
CA ILE A 344 -9.78 5.34 -8.72
C ILE A 344 -10.59 4.75 -9.86
N ALA A 345 -11.91 4.81 -9.78
CA ALA A 345 -12.73 4.31 -10.88
C ALA A 345 -14.04 5.09 -11.00
N PRO A 346 -14.32 5.77 -12.14
CA PRO A 346 -15.55 6.49 -12.36
C PRO A 346 -16.73 5.58 -12.17
N LEU A 347 -17.70 6.04 -11.40
CA LEU A 347 -18.93 5.31 -11.23
C LEU A 347 -19.86 5.58 -12.35
N GLY A 348 -19.88 6.85 -12.75
CA GLY A 348 -20.84 7.31 -13.73
C GLY A 348 -21.99 7.80 -12.90
N ASP A 349 -23.13 8.14 -13.48
CA ASP A 349 -24.19 8.69 -12.65
C ASP A 349 -24.95 7.55 -11.93
N LEU A 350 -24.29 7.04 -10.90
CA LEU A 350 -24.69 5.88 -10.09
C LEU A 350 -26.06 5.99 -9.52
N ASP A 351 -26.41 7.18 -9.02
CA ASP A 351 -27.71 7.42 -8.42
C ASP A 351 -28.67 8.19 -9.32
N GLN A 352 -28.30 8.37 -10.58
CA GLN A 352 -29.10 9.18 -11.51
C GLN A 352 -29.45 10.57 -10.97
N ASP A 353 -28.43 11.29 -10.48
CA ASP A 353 -28.58 12.65 -9.95
C ASP A 353 -28.14 13.74 -10.93
N GLY A 354 -27.80 13.36 -12.16
CA GLY A 354 -27.40 14.28 -13.22
C GLY A 354 -25.88 14.48 -13.34
N PHE A 355 -25.12 13.97 -12.38
CA PHE A 355 -23.69 14.13 -12.39
C PHE A 355 -23.02 12.79 -12.21
N ASN A 356 -21.85 12.60 -12.79
CA ASN A 356 -21.17 11.36 -12.55
C ASN A 356 -20.61 11.32 -11.15
N ASP A 357 -20.61 10.15 -10.54
CA ASP A 357 -20.00 9.99 -9.24
C ASP A 357 -18.67 9.25 -9.45
N ILE A 358 -17.92 9.03 -8.37
CA ILE A 358 -16.68 8.26 -8.52
C ILE A 358 -16.30 7.46 -7.28
N ALA A 359 -15.70 6.28 -7.53
CA ALA A 359 -15.25 5.45 -6.46
C ALA A 359 -13.76 5.64 -6.26
N ILE A 360 -13.39 5.80 -5.01
CA ILE A 360 -11.99 5.91 -4.64
C ILE A 360 -11.74 4.87 -3.56
N ALA A 361 -10.66 4.12 -3.64
CA ALA A 361 -10.51 3.10 -2.62
C ALA A 361 -9.14 2.90 -2.00
N ALA A 362 -9.27 2.50 -0.73
CA ALA A 362 -8.20 2.13 0.19
C ALA A 362 -8.14 0.62 0.42
N PRO A 363 -7.32 -0.16 -0.31
CA PRO A 363 -7.25 -1.60 -0.22
C PRO A 363 -6.88 -2.09 1.17
N TYR A 364 -6.23 -1.25 1.99
CA TYR A 364 -5.91 -1.76 3.30
C TYR A 364 -6.46 -0.89 4.41
N GLY A 365 -7.75 -0.58 4.36
CA GLY A 365 -8.37 0.15 5.47
C GLY A 365 -9.36 -0.70 6.27
N GLY A 366 -9.75 -0.14 7.43
CA GLY A 366 -10.72 -0.67 8.39
C GLY A 366 -10.11 -1.53 9.49
N GLU A 367 -10.78 -1.60 10.64
CA GLU A 367 -10.32 -2.53 11.66
C GLU A 367 -10.51 -3.82 10.92
N ASP A 368 -9.62 -4.81 11.04
CA ASP A 368 -9.81 -5.98 10.18
C ASP A 368 -9.75 -5.42 8.77
N LYS A 369 -8.54 -5.02 8.38
CA LYS A 369 -8.28 -4.27 7.16
C LYS A 369 -8.58 -5.01 5.88
N LYS A 370 -9.86 -5.16 5.60
CA LYS A 370 -10.31 -5.87 4.43
C LYS A 370 -10.33 -5.00 3.17
N GLY A 371 -10.23 -3.67 3.33
CA GLY A 371 -10.28 -2.74 2.20
C GLY A 371 -11.59 -1.98 2.12
N ILE A 372 -11.48 -0.66 1.93
CA ILE A 372 -12.63 0.23 1.89
C ILE A 372 -12.76 1.06 0.61
N VAL A 373 -13.93 0.99 0.01
CA VAL A 373 -14.24 1.76 -1.17
C VAL A 373 -15.21 2.89 -0.81
N TYR A 374 -14.80 4.11 -1.10
CA TYR A 374 -15.62 5.24 -0.75
C TYR A 374 -16.33 5.77 -2.00
N ILE A 375 -17.64 6.01 -1.85
CA ILE A 375 -18.44 6.54 -2.93
C ILE A 375 -18.74 8.00 -2.73
N PHE A 376 -18.24 8.79 -3.68
CA PHE A 376 -18.37 10.24 -3.61
C PHE A 376 -19.27 10.73 -4.74
N ASN A 377 -20.34 11.41 -4.38
CA ASN A 377 -21.29 11.92 -5.36
C ASN A 377 -20.83 13.18 -6.05
N GLY A 378 -21.18 13.29 -7.33
CA GLY A 378 -20.86 14.48 -8.12
C GLY A 378 -21.95 15.56 -8.00
N ARG A 379 -21.52 16.80 -8.18
CA ARG A 379 -22.37 17.99 -8.20
C ARG A 379 -21.85 18.95 -9.26
N SER A 380 -22.62 19.98 -9.61
CA SER A 380 -22.16 20.98 -10.59
C SER A 380 -20.92 21.75 -10.12
N THR A 381 -20.70 21.69 -8.81
CA THR A 381 -19.63 22.34 -8.10
C THR A 381 -18.38 21.47 -8.02
N GLY A 382 -18.45 20.27 -8.57
CA GLY A 382 -17.33 19.35 -8.53
C GLY A 382 -17.64 18.18 -7.63
N LEU A 383 -16.61 17.48 -7.21
CA LEU A 383 -16.87 16.28 -6.44
C LEU A 383 -17.15 16.61 -5.00
N ASN A 384 -18.14 15.97 -4.40
CA ASN A 384 -18.36 16.17 -2.99
C ASN A 384 -17.34 15.35 -2.23
N ALA A 385 -16.41 16.03 -1.56
CA ALA A 385 -15.32 15.40 -0.81
C ALA A 385 -15.84 14.52 0.33
N VAL A 386 -17.07 14.74 0.75
CA VAL A 386 -17.64 13.95 1.82
C VAL A 386 -18.30 12.71 1.21
N PRO A 387 -17.94 11.47 1.61
CA PRO A 387 -18.47 10.26 1.05
C PRO A 387 -19.93 10.16 1.41
N SER A 388 -20.71 9.50 0.55
CA SER A 388 -22.13 9.28 0.78
C SER A 388 -22.39 7.85 1.18
N GLN A 389 -21.59 6.96 0.63
CA GLN A 389 -21.71 5.53 0.88
C GLN A 389 -20.34 4.90 0.99
N ILE A 390 -20.22 3.97 1.92
CA ILE A 390 -18.96 3.27 2.08
C ILE A 390 -19.20 1.78 1.90
N LEU A 391 -18.42 1.23 0.99
CA LEU A 391 -18.45 -0.15 0.59
C LEU A 391 -17.25 -0.92 1.16
N GLU A 392 -17.46 -2.07 1.79
CA GLU A 392 -16.31 -2.77 2.39
C GLU A 392 -16.16 -4.23 1.99
N GLY A 393 -14.91 -4.71 2.05
CA GLY A 393 -14.56 -6.10 1.78
C GLY A 393 -15.15 -7.03 2.81
N GLN A 394 -15.47 -8.25 2.41
CA GLN A 394 -16.07 -9.21 3.33
C GLN A 394 -15.25 -10.44 3.72
N TRP A 395 -14.02 -10.57 3.25
CA TRP A 395 -13.28 -11.78 3.56
C TRP A 395 -11.99 -11.57 4.34
N ALA A 396 -11.73 -12.44 5.30
CA ALA A 396 -10.51 -12.41 6.11
C ALA A 396 -9.25 -12.69 5.30
N ALA A 397 -8.16 -12.06 5.68
CA ALA A 397 -6.86 -12.29 5.05
C ALA A 397 -6.37 -13.71 5.25
N ARG A 398 -5.72 -14.27 4.23
CA ARG A 398 -5.08 -15.57 4.38
C ARG A 398 -3.59 -15.36 4.60
N SER A 399 -3.04 -14.38 3.89
CA SER A 399 -1.65 -14.04 3.88
C SER A 399 -1.70 -12.57 3.65
N MET A 400 -1.69 -12.18 2.39
CA MET A 400 -1.87 -10.78 2.14
C MET A 400 -3.37 -10.54 2.36
N PRO A 401 -3.78 -9.34 2.74
CA PRO A 401 -5.16 -8.90 2.83
C PRO A 401 -5.86 -8.95 1.49
N PRO A 402 -7.18 -9.20 1.46
CA PRO A 402 -8.05 -9.21 0.29
C PRO A 402 -7.82 -8.02 -0.60
N SER A 403 -7.47 -6.89 0.02
CA SER A 403 -7.23 -5.66 -0.66
C SER A 403 -8.44 -5.28 -1.48
N PHE A 404 -9.60 -5.28 -0.83
CA PHE A 404 -10.82 -4.92 -1.51
C PHE A 404 -10.72 -3.49 -1.92
N GLY A 405 -10.93 -3.24 -3.20
CA GLY A 405 -10.82 -1.88 -3.69
C GLY A 405 -9.53 -1.72 -4.49
N TYR A 406 -8.67 -2.72 -4.46
CA TYR A 406 -7.42 -2.69 -5.22
C TYR A 406 -7.71 -2.37 -6.67
N SER A 407 -8.71 -3.05 -7.22
CA SER A 407 -9.11 -2.88 -8.60
C SER A 407 -10.60 -2.59 -8.66
N MET A 408 -11.00 -1.67 -9.53
CA MET A 408 -12.41 -1.33 -9.66
C MET A 408 -12.82 -0.89 -11.05
N LYS A 409 -14.09 -1.11 -11.37
CA LYS A 409 -14.65 -0.57 -12.61
C LYS A 409 -16.16 -0.36 -12.53
N GLY A 410 -16.62 0.84 -12.91
CA GLY A 410 -18.05 1.16 -12.92
C GLY A 410 -18.52 1.57 -14.32
N ALA A 411 -19.37 2.60 -14.34
CA ALA A 411 -19.97 3.21 -15.53
C ALA A 411 -20.64 2.21 -16.45
N THR A 412 -21.12 1.10 -15.91
CA THR A 412 -21.73 0.12 -16.77
C THR A 412 -23.08 -0.40 -16.24
N ASP A 413 -24.17 -0.15 -16.97
CA ASP A 413 -25.50 -0.59 -16.55
C ASP A 413 -25.82 -2.02 -16.97
N ILE A 414 -25.18 -2.94 -16.27
CA ILE A 414 -25.29 -4.37 -16.50
C ILE A 414 -26.69 -4.86 -16.23
N ASP A 415 -27.29 -4.41 -15.14
CA ASP A 415 -28.62 -4.90 -14.88
C ASP A 415 -29.60 -4.11 -15.74
N LYS A 416 -30.87 -4.45 -15.65
CA LYS A 416 -31.89 -3.75 -16.42
C LYS A 416 -32.06 -2.35 -15.90
N ASN A 417 -31.95 -2.22 -14.59
CA ASN A 417 -32.09 -0.95 -13.95
C ASN A 417 -31.04 -0.03 -14.54
N GLY A 418 -31.45 1.09 -15.14
CA GLY A 418 -30.53 1.99 -15.85
C GLY A 418 -29.65 2.88 -14.97
N TYR A 419 -28.90 2.25 -14.10
CA TYR A 419 -27.96 2.89 -13.20
C TYR A 419 -26.71 2.05 -13.37
N PRO A 420 -25.52 2.61 -13.50
CA PRO A 420 -24.30 1.83 -13.66
C PRO A 420 -23.99 1.04 -12.41
N ASP A 421 -23.57 -0.19 -12.57
CA ASP A 421 -23.22 -1.05 -11.45
C ASP A 421 -21.71 -0.92 -11.16
N LEU A 422 -21.19 -1.62 -10.13
CA LEU A 422 -19.75 -1.53 -9.79
C LEU A 422 -19.05 -2.85 -9.46
N ILE A 423 -17.91 -3.11 -10.11
CA ILE A 423 -17.13 -4.30 -9.75
C ILE A 423 -15.97 -3.87 -8.90
N VAL A 424 -15.85 -4.51 -7.74
CA VAL A 424 -14.70 -4.24 -6.90
C VAL A 424 -13.97 -5.56 -6.67
N GLY A 425 -12.69 -5.59 -7.04
CA GLY A 425 -11.88 -6.78 -6.88
C GLY A 425 -11.27 -6.85 -5.48
N ALA A 426 -10.82 -8.05 -5.12
CA ALA A 426 -10.16 -8.36 -3.85
C ALA A 426 -9.20 -9.54 -4.05
N PHE A 427 -8.12 -9.30 -4.80
CA PHE A 427 -7.24 -10.40 -5.18
C PHE A 427 -6.62 -11.15 -4.01
N GLY A 428 -6.47 -10.54 -2.85
CA GLY A 428 -5.84 -11.24 -1.73
C GLY A 428 -6.62 -12.49 -1.29
N VAL A 429 -7.88 -12.56 -1.68
CA VAL A 429 -8.73 -13.69 -1.34
C VAL A 429 -9.24 -14.40 -2.59
N ASP A 430 -8.64 -14.08 -3.75
CA ASP A 430 -9.04 -14.64 -5.04
C ASP A 430 -10.53 -14.42 -5.33
N ARG A 431 -11.05 -13.21 -5.04
CA ARG A 431 -12.46 -12.90 -5.28
C ARG A 431 -12.71 -11.56 -5.95
N ALA A 432 -13.93 -11.43 -6.49
CA ALA A 432 -14.39 -10.18 -7.06
C ALA A 432 -15.90 -10.09 -6.86
N ILE A 433 -16.38 -8.89 -6.56
CA ILE A 433 -17.81 -8.73 -6.34
C ILE A 433 -18.45 -7.63 -7.17
N LEU A 434 -19.56 -7.96 -7.83
CA LEU A 434 -20.32 -6.98 -8.57
C LEU A 434 -21.54 -6.53 -7.80
N TYR A 435 -21.52 -5.27 -7.46
CA TYR A 435 -22.54 -4.66 -6.68
C TYR A 435 -23.52 -3.95 -7.61
N ARG A 436 -24.81 -4.25 -7.48
CA ARG A 436 -25.80 -3.62 -8.33
C ARG A 436 -26.30 -2.31 -7.77
N ALA A 437 -26.70 -1.40 -8.64
CA ALA A 437 -27.27 -0.13 -8.22
C ALA A 437 -28.80 -0.19 -8.12
N ARG A 438 -29.35 0.20 -6.98
CA ARG A 438 -30.79 0.21 -6.75
C ARG A 438 -31.41 1.44 -7.40
N PRO A 439 -32.65 1.37 -7.89
CA PRO A 439 -33.32 2.53 -8.43
C PRO A 439 -33.57 3.51 -7.29
N VAL A 440 -33.59 4.80 -7.60
CA VAL A 440 -33.78 5.80 -6.57
C VAL A 440 -35.06 6.61 -6.76
N ILE A 441 -35.90 6.59 -5.75
CA ILE A 441 -37.19 7.23 -5.73
C ILE A 441 -37.21 8.60 -5.08
N THR A 442 -37.85 9.51 -5.79
CA THR A 442 -38.02 10.88 -5.34
C THR A 442 -39.47 11.03 -4.92
N VAL A 443 -39.69 11.57 -3.71
CA VAL A 443 -41.05 11.70 -3.21
C VAL A 443 -41.44 13.14 -2.94
N ASN A 444 -42.55 13.53 -3.52
CA ASN A 444 -43.16 14.84 -3.34
C ASN A 444 -44.22 14.66 -2.26
N ALA A 445 -43.97 15.25 -1.11
CA ALA A 445 -44.88 15.09 -0.01
C ALA A 445 -45.57 16.40 0.29
N GLY A 446 -46.82 16.34 0.75
CA GLY A 446 -47.54 17.53 1.17
C GLY A 446 -48.26 17.32 2.50
N LEU A 447 -48.50 18.43 3.21
CA LEU A 447 -49.24 18.44 4.48
C LEU A 447 -49.84 19.84 4.67
N GLU A 448 -51.14 19.89 4.94
CA GLU A 448 -51.81 21.16 5.17
C GLU A 448 -53.01 21.06 6.10
N VAL A 449 -53.10 22.01 7.02
CA VAL A 449 -54.24 22.12 7.91
C VAL A 449 -55.01 23.33 7.47
N TYR A 450 -56.27 23.13 7.13
CA TYR A 450 -56.98 24.26 6.54
C TYR A 450 -57.40 25.30 7.60
N PRO A 451 -57.95 24.91 8.77
CA PRO A 451 -58.29 25.83 9.82
C PRO A 451 -57.01 26.25 10.53
N SER A 452 -56.25 27.13 9.89
CA SER A 452 -54.94 27.54 10.39
C SER A 452 -54.99 28.06 11.83
N ILE A 453 -56.14 28.58 12.23
CA ILE A 453 -56.41 29.08 13.56
C ILE A 453 -57.61 28.30 14.05
N LEU A 454 -57.47 27.67 15.19
CA LEU A 454 -58.48 26.84 15.76
C LEU A 454 -59.29 27.53 16.83
N ASN A 455 -60.58 27.61 16.60
CA ASN A 455 -61.47 28.24 17.55
C ASN A 455 -61.93 27.19 18.53
N GLN A 456 -61.42 27.25 19.75
CA GLN A 456 -61.68 26.24 20.76
C GLN A 456 -63.16 26.11 21.17
N ASP A 457 -63.97 27.13 20.84
CA ASP A 457 -65.37 27.10 21.19
C ASP A 457 -66.25 26.74 19.99
N ASN A 458 -65.63 26.44 18.86
CA ASN A 458 -66.35 26.12 17.62
C ASN A 458 -66.78 24.68 17.63
N LYS A 459 -67.65 24.33 18.56
CA LYS A 459 -68.02 22.96 18.78
C LYS A 459 -69.09 22.52 17.80
N THR A 460 -68.68 22.35 16.55
CA THR A 460 -69.62 22.05 15.48
C THR A 460 -69.50 20.66 14.87
N CYS A 461 -68.40 19.91 15.08
CA CYS A 461 -68.34 18.60 14.45
C CYS A 461 -68.54 17.53 15.48
N SER A 462 -69.09 16.39 15.14
CA SER A 462 -69.25 15.41 16.19
C SER A 462 -67.97 14.70 16.54
N LEU A 463 -67.89 14.21 17.77
CA LEU A 463 -66.81 13.33 18.17
C LEU A 463 -67.37 11.91 18.21
N PRO A 464 -66.99 10.99 17.29
CA PRO A 464 -67.56 9.65 17.12
C PRO A 464 -67.71 8.81 18.39
N GLY A 465 -66.85 8.99 19.39
CA GLY A 465 -66.98 8.18 20.61
C GLY A 465 -68.04 8.69 21.59
N THR A 466 -68.70 9.81 21.29
CA THR A 466 -69.69 10.37 22.22
C THR A 466 -70.88 11.12 21.58
N ALA A 467 -71.67 11.76 22.45
CA ALA A 467 -72.88 12.52 22.07
C ALA A 467 -72.62 14.02 21.87
N LEU A 468 -71.40 14.44 22.10
CA LEU A 468 -71.03 15.83 22.06
C LEU A 468 -70.27 16.27 20.82
N LYS A 469 -70.40 17.55 20.50
CA LYS A 469 -69.65 18.16 19.41
C LYS A 469 -68.36 18.76 19.94
N VAL A 470 -67.37 18.81 19.07
CA VAL A 470 -66.07 19.36 19.39
C VAL A 470 -65.57 20.33 18.31
N SER A 471 -64.55 21.10 18.67
CA SER A 471 -63.85 21.94 17.70
C SER A 471 -62.84 21.07 17.04
N CYS A 472 -62.76 21.13 15.73
CA CYS A 472 -61.88 20.23 15.02
C CYS A 472 -61.33 20.80 13.75
N PHE A 473 -60.37 20.07 13.18
CA PHE A 473 -59.74 20.52 11.99
C PHE A 473 -59.29 19.44 11.04
N ASN A 474 -59.30 19.82 9.76
CA ASN A 474 -58.92 18.96 8.66
C ASN A 474 -57.46 19.01 8.32
N VAL A 475 -56.80 17.88 8.58
CA VAL A 475 -55.40 17.66 8.38
C VAL A 475 -55.21 16.81 7.14
N ARG A 476 -54.75 17.40 6.06
CA ARG A 476 -54.62 16.60 4.86
C ARG A 476 -53.17 16.36 4.54
N PHE A 477 -52.87 15.15 4.12
CA PHE A 477 -51.52 14.88 3.71
C PHE A 477 -51.55 14.17 2.40
N CYS A 478 -50.49 14.35 1.62
CA CYS A 478 -50.44 13.73 0.31
C CYS A 478 -49.05 13.22 -0.03
N LEU A 479 -48.98 12.25 -0.93
CA LEU A 479 -47.69 11.77 -1.46
C LEU A 479 -47.72 11.40 -2.95
N LYS A 480 -46.66 11.79 -3.67
CA LYS A 480 -46.42 11.45 -5.08
C LYS A 480 -45.00 10.94 -5.24
N ALA A 481 -44.80 9.89 -6.01
CA ALA A 481 -43.43 9.45 -6.17
C ALA A 481 -43.18 8.89 -7.54
N ASP A 482 -41.94 9.00 -7.95
CA ASP A 482 -41.47 8.50 -9.24
C ASP A 482 -39.97 8.21 -9.19
N GLY A 483 -39.43 7.75 -10.30
CA GLY A 483 -38.00 7.46 -10.36
C GLY A 483 -37.55 6.98 -11.74
N LYS A 484 -36.27 6.78 -11.90
CA LYS A 484 -35.68 6.36 -13.16
C LYS A 484 -35.34 4.89 -13.16
N GLY A 485 -35.15 4.33 -14.35
CA GLY A 485 -34.74 2.94 -14.47
C GLY A 485 -35.91 1.99 -14.29
N VAL A 486 -35.65 0.87 -13.65
CA VAL A 486 -36.67 -0.17 -13.55
C VAL A 486 -37.21 -0.33 -12.15
N LEU A 487 -38.38 0.23 -11.96
CA LEU A 487 -39.05 0.23 -10.68
C LEU A 487 -40.52 0.00 -11.02
N PRO A 488 -41.32 -0.59 -10.12
CA PRO A 488 -42.74 -0.81 -10.28
C PRO A 488 -43.47 0.50 -10.29
N ARG A 489 -44.65 0.51 -10.87
CA ARG A 489 -45.50 1.68 -10.86
C ARG A 489 -46.10 1.91 -9.50
N LYS A 490 -46.43 0.83 -8.80
CA LYS A 490 -47.03 0.90 -7.47
C LYS A 490 -46.00 0.80 -6.36
N LEU A 491 -45.97 1.79 -5.47
CA LEU A 491 -45.05 1.79 -4.36
C LEU A 491 -45.79 1.90 -3.05
N ASN A 492 -45.62 0.95 -2.15
CA ASN A 492 -46.32 1.09 -0.88
C ASN A 492 -45.51 1.98 0.05
N PHE A 493 -46.21 2.78 0.83
CA PHE A 493 -45.64 3.61 1.89
C PHE A 493 -46.38 3.54 3.19
N GLN A 494 -45.63 3.56 4.27
CA GLN A 494 -46.22 3.63 5.59
C GLN A 494 -46.23 5.06 6.02
N VAL A 495 -47.40 5.61 6.33
CA VAL A 495 -47.44 6.99 6.74
C VAL A 495 -48.04 7.14 8.13
N GLU A 496 -47.32 7.85 8.98
CA GLU A 496 -47.77 8.07 10.35
C GLU A 496 -47.83 9.56 10.68
N LEU A 497 -48.92 9.95 11.33
CA LEU A 497 -49.12 11.32 11.74
C LEU A 497 -49.27 11.50 13.22
N LEU A 498 -48.71 12.59 13.72
CA LEU A 498 -48.81 12.98 15.12
C LEU A 498 -49.45 14.34 15.33
N LEU A 499 -50.20 14.47 16.41
CA LEU A 499 -50.77 15.74 16.79
C LEU A 499 -50.23 16.26 18.10
N ASP A 500 -49.83 17.53 18.04
CA ASP A 500 -49.32 18.27 19.18
C ASP A 500 -48.05 17.58 19.63
N LYS A 501 -47.23 17.32 18.62
CA LYS A 501 -45.94 16.64 18.72
C LYS A 501 -45.02 17.23 19.80
N LEU A 502 -45.05 18.54 19.99
CA LEU A 502 -44.14 19.17 20.94
C LEU A 502 -44.65 19.15 22.38
N LYS A 503 -45.89 18.68 22.58
CA LYS A 503 -46.45 18.60 23.92
C LYS A 503 -46.60 17.14 24.31
N GLN A 504 -46.80 16.25 23.33
CA GLN A 504 -46.95 14.81 23.65
C GLN A 504 -45.70 14.26 24.34
N LYS A 505 -44.61 15.02 24.31
CA LYS A 505 -43.35 14.68 24.95
C LYS A 505 -43.49 14.85 26.48
N GLY A 506 -44.34 14.03 27.07
CA GLY A 506 -44.61 14.03 28.51
C GLY A 506 -45.65 15.07 29.02
N ALA A 507 -46.26 15.87 28.15
CA ALA A 507 -47.22 16.89 28.57
C ALA A 507 -48.61 16.64 27.99
N ILE A 508 -49.49 17.59 28.21
CA ILE A 508 -50.85 17.49 27.71
C ILE A 508 -50.93 17.39 26.19
N ARG A 509 -51.76 16.47 25.71
CA ARG A 509 -52.00 16.29 24.28
C ARG A 509 -53.22 17.11 23.94
N ARG A 510 -53.04 18.30 23.33
CA ARG A 510 -54.18 19.18 23.13
C ARG A 510 -55.03 18.79 21.95
N ALA A 511 -54.54 17.88 21.11
CA ALA A 511 -55.34 17.47 19.97
C ALA A 511 -55.15 16.00 19.67
N LEU A 512 -56.28 15.36 19.36
CA LEU A 512 -56.36 13.95 19.03
C LEU A 512 -57.09 13.73 17.73
N PHE A 513 -56.82 12.65 17.03
CA PHE A 513 -57.63 12.37 15.84
C PHE A 513 -59.01 11.92 16.33
N LEU A 514 -60.09 12.39 15.66
CA LEU A 514 -61.49 12.11 16.08
C LEU A 514 -61.92 10.67 16.14
N TYR A 515 -61.48 9.88 15.20
CA TYR A 515 -61.93 8.51 15.09
C TYR A 515 -61.19 7.57 16.02
N SER A 516 -59.88 7.79 16.16
CA SER A 516 -59.06 6.97 17.03
C SER A 516 -58.98 7.51 18.46
N ARG A 517 -59.30 8.82 18.64
CA ARG A 517 -59.23 9.50 19.93
C ARG A 517 -57.83 9.27 20.48
N SER A 518 -56.88 9.59 19.61
CA SER A 518 -55.46 9.39 19.83
C SER A 518 -54.59 10.45 19.16
N PRO A 519 -53.45 10.85 19.74
CA PRO A 519 -52.50 11.79 19.17
C PRO A 519 -51.92 11.25 17.86
N SER A 520 -52.01 9.93 17.64
CA SER A 520 -51.46 9.35 16.44
C SER A 520 -52.47 8.68 15.51
N HIS A 521 -52.07 8.56 14.25
CA HIS A 521 -52.84 7.88 13.21
C HIS A 521 -51.93 7.35 12.11
N SER A 522 -52.25 6.18 11.56
CA SER A 522 -51.44 5.64 10.46
C SER A 522 -52.26 5.21 9.27
N LYS A 523 -51.62 5.28 8.12
CA LYS A 523 -52.21 4.96 6.84
C LYS A 523 -51.32 4.18 5.89
N ASN A 524 -51.94 3.24 5.18
CA ASN A 524 -51.29 2.51 4.11
C ASN A 524 -51.48 3.23 2.78
N MET A 525 -50.41 3.85 2.27
CA MET A 525 -50.46 4.60 1.03
C MET A 525 -49.98 3.68 -0.08
N THR A 526 -50.55 3.84 -1.26
CA THR A 526 -50.20 3.02 -2.42
C THR A 526 -50.04 3.93 -3.60
N ILE A 527 -49.14 4.88 -3.46
CA ILE A 527 -48.97 5.90 -4.45
C ILE A 527 -48.42 5.26 -5.70
N SER A 528 -48.89 5.68 -6.87
CA SER A 528 -48.40 5.03 -8.07
C SER A 528 -48.36 5.89 -9.31
N ARG A 529 -47.58 5.41 -10.29
CA ARG A 529 -47.42 5.88 -11.67
C ARG A 529 -46.69 7.21 -11.87
N GLY A 530 -46.76 8.10 -10.89
CA GLY A 530 -46.07 9.38 -10.91
C GLY A 530 -46.95 10.50 -11.47
N GLY A 531 -46.72 11.71 -10.97
CA GLY A 531 -47.45 12.92 -11.38
C GLY A 531 -48.75 13.14 -10.62
N LEU A 532 -49.11 12.19 -9.79
CA LEU A 532 -50.34 12.23 -9.04
C LEU A 532 -50.07 12.11 -7.55
N MET A 533 -50.64 13.01 -6.74
CA MET A 533 -50.42 12.84 -5.31
C MET A 533 -51.65 12.15 -4.76
N GLN A 534 -51.44 11.14 -3.94
CA GLN A 534 -52.53 10.46 -3.30
C GLN A 534 -52.76 11.15 -1.99
N CYS A 535 -53.97 11.62 -1.75
CA CYS A 535 -54.25 12.34 -0.53
C CYS A 535 -55.17 11.62 0.42
N GLU A 536 -55.00 11.92 1.70
CA GLU A 536 -55.81 11.40 2.79
C GLU A 536 -56.15 12.52 3.78
N GLU A 537 -57.43 12.65 4.11
CA GLU A 537 -57.92 13.69 5.01
C GLU A 537 -58.29 13.16 6.39
N LEU A 538 -57.55 13.59 7.41
CA LEU A 538 -57.81 13.14 8.76
C LEU A 538 -58.41 14.28 9.55
N ILE A 539 -59.30 13.98 10.46
CA ILE A 539 -59.86 15.07 11.25
C ILE A 539 -59.41 14.95 12.70
N ALA A 540 -58.83 16.02 13.20
CA ALA A 540 -58.30 16.14 14.55
C ALA A 540 -59.15 17.07 15.39
N TYR A 541 -59.19 16.87 16.71
CA TYR A 541 -59.97 17.77 17.52
C TYR A 541 -59.28 18.22 18.76
N LEU A 542 -59.73 19.36 19.26
CA LEU A 542 -59.16 19.93 20.47
C LEU A 542 -59.77 19.41 21.75
N ARG A 543 -58.93 19.32 22.75
CA ARG A 543 -59.36 18.92 24.07
C ARG A 543 -59.81 20.15 24.84
N ASP A 544 -60.75 19.97 25.76
CA ASP A 544 -61.26 21.06 26.57
C ASP A 544 -60.20 21.77 27.44
N GLU A 545 -60.22 23.11 27.32
CA GLU A 545 -59.39 24.12 27.98
C GLU A 545 -59.24 23.97 29.48
N SER A 546 -60.27 23.40 30.13
CA SER A 546 -60.28 23.26 31.58
C SER A 546 -59.05 22.49 32.05
N GLU A 547 -58.62 21.49 31.27
CA GLU A 547 -57.42 20.74 31.59
C GLU A 547 -56.32 21.14 30.62
N PHE A 548 -56.69 21.31 29.36
CA PHE A 548 -55.75 21.60 28.30
C PHE A 548 -55.57 23.11 28.16
N ARG A 549 -54.97 23.62 29.22
CA ARG A 549 -54.71 25.03 29.52
C ARG A 549 -53.75 25.80 28.62
N ASP A 550 -52.90 25.10 27.88
CA ASP A 550 -51.92 25.80 27.04
C ASP A 550 -52.56 26.21 25.73
N LYS A 551 -52.77 27.52 25.59
CA LYS A 551 -53.41 28.11 24.43
C LYS A 551 -52.42 28.92 23.62
N LEU A 552 -51.14 28.82 23.96
CA LEU A 552 -50.13 29.63 23.29
C LEU A 552 -49.19 28.83 22.40
N THR A 553 -48.70 27.68 22.89
CA THR A 553 -47.79 26.90 22.07
C THR A 553 -48.58 26.46 20.83
N PRO A 554 -48.10 26.61 19.59
CA PRO A 554 -48.78 26.14 18.39
C PRO A 554 -48.92 24.62 18.45
N ILE A 555 -50.00 24.09 17.91
CA ILE A 555 -50.13 22.64 17.88
C ILE A 555 -49.37 22.13 16.70
N THR A 556 -48.38 21.30 16.94
CA THR A 556 -47.61 20.80 15.84
C THR A 556 -48.24 19.57 15.23
N ILE A 557 -48.47 19.66 13.94
CA ILE A 557 -49.02 18.59 13.14
C ILE A 557 -47.87 18.03 12.35
N PHE A 558 -47.62 16.76 12.52
CA PHE A 558 -46.46 16.18 11.89
C PHE A 558 -46.74 14.92 11.13
N MET A 559 -46.19 14.83 9.95
CA MET A 559 -46.34 13.62 9.16
C MET A 559 -45.01 13.10 8.70
N GLU A 560 -44.85 11.77 8.75
CA GLU A 560 -43.65 11.15 8.23
C GLU A 560 -43.98 9.91 7.42
N TYR A 561 -43.12 9.60 6.47
CA TYR A 561 -43.37 8.44 5.65
C TYR A 561 -42.14 7.59 5.39
N ARG A 562 -42.38 6.30 5.15
CA ARG A 562 -41.31 5.38 4.78
C ARG A 562 -41.72 4.43 3.67
N LEU A 563 -40.80 4.20 2.75
CA LEU A 563 -41.01 3.28 1.64
C LEU A 563 -41.04 1.84 2.09
N ASP A 564 -41.96 1.06 1.53
CA ASP A 564 -41.99 -0.37 1.74
C ASP A 564 -40.91 -0.88 0.83
N TYR A 565 -39.80 -1.27 1.41
CA TYR A 565 -38.68 -1.65 0.62
C TYR A 565 -38.90 -3.01 -0.02
N ARG A 566 -39.64 -3.87 0.66
CA ARG A 566 -39.84 -5.17 0.06
C ARG A 566 -40.90 -5.14 -1.00
N THR A 567 -42.05 -4.49 -0.76
CA THR A 567 -43.09 -4.48 -1.81
C THR A 567 -42.78 -3.33 -2.77
N ALA A 568 -41.60 -3.36 -3.32
CA ALA A 568 -41.10 -2.39 -4.24
C ALA A 568 -40.03 -3.07 -5.04
N ALA A 569 -39.50 -4.16 -4.45
CA ALA A 569 -38.39 -4.90 -5.04
C ALA A 569 -38.86 -5.74 -6.21
N ASP A 570 -37.98 -5.91 -7.19
CA ASP A 570 -38.28 -6.72 -8.35
C ASP A 570 -37.92 -8.19 -8.10
N THR A 571 -37.93 -8.94 -9.19
CA THR A 571 -37.64 -10.36 -9.29
C THR A 571 -36.36 -10.79 -8.58
N THR A 572 -35.35 -9.93 -8.60
CA THR A 572 -34.02 -10.23 -8.09
C THR A 572 -33.79 -9.61 -6.70
N GLY A 573 -34.82 -8.97 -6.15
CA GLY A 573 -34.71 -8.32 -4.86
C GLY A 573 -34.03 -6.97 -4.91
N LEU A 574 -33.97 -6.32 -6.08
CA LEU A 574 -33.26 -5.05 -6.11
C LEU A 574 -34.17 -3.95 -5.62
N GLN A 575 -34.33 -3.87 -4.32
CA GLN A 575 -35.28 -2.93 -3.74
C GLN A 575 -34.89 -1.52 -4.14
N PRO A 576 -35.84 -0.65 -4.51
CA PRO A 576 -35.67 0.75 -4.70
C PRO A 576 -35.38 1.38 -3.37
N ILE A 577 -34.71 2.52 -3.39
CA ILE A 577 -34.51 3.27 -2.17
C ILE A 577 -34.98 4.69 -2.36
N LEU A 578 -35.12 5.41 -1.28
CA LEU A 578 -35.45 6.82 -1.40
C LEU A 578 -34.13 7.58 -1.52
N ASN A 579 -34.14 8.67 -2.27
CA ASN A 579 -32.95 9.52 -2.42
C ASN A 579 -32.45 10.07 -1.08
N GLN A 580 -31.14 10.03 -0.89
CA GLN A 580 -30.49 10.49 0.34
C GLN A 580 -30.62 11.98 0.61
N PHE A 581 -31.04 12.76 -0.38
CA PHE A 581 -31.16 14.18 -0.18
C PHE A 581 -32.62 14.61 -0.08
N THR A 582 -33.53 13.65 0.02
CA THR A 582 -34.94 13.96 0.13
C THR A 582 -35.40 13.67 1.56
N PRO A 583 -36.03 14.64 2.26
CA PRO A 583 -36.52 14.49 3.62
C PRO A 583 -37.72 13.57 3.59
N ALA A 584 -38.01 12.90 4.70
CA ALA A 584 -39.19 12.07 4.66
C ALA A 584 -40.20 12.43 5.72
N ASN A 585 -40.40 13.72 5.91
CA ASN A 585 -41.43 14.20 6.82
C ASN A 585 -41.75 15.68 6.60
N ILE A 586 -42.89 16.10 7.14
CA ILE A 586 -43.33 17.49 7.10
C ILE A 586 -43.87 18.02 8.44
N SER A 587 -43.42 19.22 8.84
CA SER A 587 -43.94 19.87 10.03
C SER A 587 -44.82 21.08 9.68
N ARG A 588 -46.00 21.11 10.27
CA ARG A 588 -46.99 22.19 10.14
C ARG A 588 -47.53 22.55 11.51
N GLN A 589 -48.12 23.72 11.69
CA GLN A 589 -48.67 24.01 13.01
C GLN A 589 -49.98 24.76 12.93
N ALA A 590 -50.82 24.57 13.94
CA ALA A 590 -52.07 25.30 14.04
C ALA A 590 -52.04 26.21 15.27
N HIS A 591 -52.68 27.35 15.18
CA HIS A 591 -52.70 28.28 16.29
C HIS A 591 -54.03 28.27 17.00
N ILE A 592 -54.06 28.64 18.27
CA ILE A 592 -55.31 28.72 19.01
C ILE A 592 -55.83 30.14 18.98
N LEU A 593 -57.09 30.29 18.60
CA LEU A 593 -57.67 31.62 18.52
C LEU A 593 -57.55 32.31 19.88
N ILE B 57 -18.22 11.78 43.05
CA ILE B 57 -19.24 12.81 43.23
C ILE B 57 -19.95 13.06 41.91
N GLU B 58 -19.68 12.16 40.97
CA GLU B 58 -20.20 12.15 39.59
C GLU B 58 -19.86 13.43 38.83
N TYR B 59 -18.77 14.04 39.24
CA TYR B 59 -18.22 15.25 38.66
C TYR B 59 -16.71 15.24 38.85
N PRO B 60 -15.98 14.20 38.39
CA PRO B 60 -14.56 14.07 38.56
C PRO B 60 -13.86 15.14 37.76
N SER B 61 -13.79 16.31 38.38
CA SER B 61 -13.23 17.51 37.82
C SER B 61 -11.79 17.23 37.50
N VAL B 62 -11.18 18.15 36.80
CA VAL B 62 -9.87 17.88 36.28
C VAL B 62 -8.67 18.11 37.19
N HIS B 63 -7.78 17.13 37.13
CA HIS B 63 -6.51 17.10 37.82
C HIS B 63 -5.63 16.08 37.14
N VAL B 64 -4.34 16.22 37.26
CA VAL B 64 -3.45 15.15 36.87
C VAL B 64 -2.49 14.93 38.02
N ILE B 65 -2.57 13.78 38.64
CA ILE B 65 -1.77 13.49 39.81
C ILE B 65 -0.92 12.28 39.56
N ILE B 66 0.38 12.46 39.71
CA ILE B 66 1.28 11.36 39.48
C ILE B 66 2.03 10.94 40.73
N PRO B 67 1.66 9.81 41.37
CA PRO B 67 2.26 9.30 42.59
C PRO B 67 3.42 8.35 42.31
N THR B 68 3.69 8.12 41.03
CA THR B 68 4.63 7.12 40.59
C THR B 68 6.09 7.54 40.62
N GLU B 69 6.90 6.66 41.21
CA GLU B 69 8.34 6.82 41.30
C GLU B 69 9.04 5.88 40.32
N ASN B 70 9.49 6.44 39.22
CA ASN B 70 10.15 5.73 38.14
C ASN B 70 11.62 5.68 38.47
N GLU B 71 12.42 5.16 37.56
CA GLU B 71 13.83 5.20 37.84
C GLU B 71 14.11 6.69 38.04
N ILE B 72 14.52 7.03 39.25
CA ILE B 72 14.66 8.41 39.66
C ILE B 72 15.65 9.24 38.86
N ASN B 73 16.75 8.64 38.46
CA ASN B 73 17.81 9.36 37.77
C ASN B 73 17.85 9.28 36.24
N THR B 74 16.73 8.99 35.58
CA THR B 74 16.72 8.92 34.11
C THR B 74 16.72 10.27 33.41
N GLN B 75 16.88 10.24 32.07
CA GLN B 75 16.97 11.47 31.28
C GLN B 75 15.60 12.05 30.95
N VAL B 76 14.57 11.30 31.24
CA VAL B 76 13.21 11.69 30.98
C VAL B 76 12.58 11.61 32.37
N THR B 77 11.88 12.67 32.79
CA THR B 77 11.38 12.77 34.17
C THR B 77 10.00 12.28 34.72
N PRO B 78 9.00 11.82 33.95
CA PRO B 78 7.71 11.46 34.49
C PRO B 78 7.76 10.13 35.21
N GLY B 79 6.86 9.97 36.17
CA GLY B 79 6.62 8.68 36.79
C GLY B 79 5.83 7.91 35.75
N GLU B 80 4.58 8.28 35.67
CA GLU B 80 3.63 7.81 34.68
C GLU B 80 2.69 8.97 34.57
N VAL B 81 2.00 9.10 33.49
CA VAL B 81 1.01 10.14 33.40
C VAL B 81 -0.33 9.54 33.79
N SER B 82 -0.92 10.00 34.88
CA SER B 82 -2.19 9.43 35.34
C SER B 82 -3.30 10.43 35.25
N ILE B 83 -4.19 10.22 34.28
CA ILE B 83 -5.24 11.17 34.00
C ILE B 83 -6.65 10.61 34.05
N GLN B 84 -7.39 11.02 35.08
CA GLN B 84 -8.76 10.61 35.35
C GLN B 84 -9.71 11.80 35.23
N LEU B 85 -10.29 12.01 34.05
CA LEU B 85 -11.04 13.26 33.86
C LEU B 85 -12.45 13.10 33.32
N ARG B 86 -13.37 13.95 33.77
CA ARG B 86 -14.69 14.00 33.15
C ARG B 86 -14.66 14.72 31.78
N PRO B 87 -15.50 14.32 30.79
CA PRO B 87 -15.74 15.06 29.58
C PRO B 87 -16.22 16.43 30.00
N GLY B 88 -15.73 17.46 29.34
CA GLY B 88 -16.13 18.82 29.68
C GLY B 88 -14.95 19.71 29.99
N ALA B 89 -13.82 19.13 30.43
CA ALA B 89 -12.66 19.98 30.74
C ALA B 89 -11.32 19.25 30.60
N GLU B 90 -10.25 20.01 30.44
CA GLU B 90 -8.89 19.49 30.29
C GLU B 90 -8.01 19.51 31.55
N ALA B 91 -6.79 18.98 31.38
CA ALA B 91 -5.77 18.94 32.42
C ALA B 91 -4.38 19.22 31.85
N ASN B 92 -3.44 19.57 32.72
CA ASN B 92 -2.08 19.94 32.33
C ASN B 92 -0.96 19.48 33.26
N PHE B 93 0.14 19.05 32.65
CA PHE B 93 1.34 18.62 33.35
C PHE B 93 2.60 18.93 32.54
N MET B 94 3.76 18.84 33.19
CA MET B 94 4.98 19.12 32.47
C MET B 94 5.92 17.92 32.45
N LEU B 95 6.63 17.78 31.35
CA LEU B 95 7.66 16.75 31.21
C LEU B 95 9.03 17.39 30.96
N LYS B 96 10.11 16.76 31.42
CA LYS B 96 11.42 17.27 31.02
C LYS B 96 12.30 16.19 30.39
N VAL B 97 13.19 16.61 29.47
CA VAL B 97 14.19 15.72 28.85
C VAL B 97 15.63 16.30 28.89
N HIS B 98 16.59 15.52 29.39
CA HIS B 98 17.99 15.96 29.53
C HIS B 98 19.02 14.97 28.97
N PRO B 99 19.68 15.23 27.83
CA PRO B 99 20.71 14.38 27.26
C PRO B 99 21.93 14.46 28.16
N LEU B 100 22.77 13.43 28.19
CA LEU B 100 23.98 13.52 29.01
C LEU B 100 25.22 13.55 28.12
N LYS B 101 26.25 14.29 28.54
CA LYS B 101 27.46 14.48 27.73
C LYS B 101 28.26 13.23 27.36
N LYS B 102 28.15 12.14 28.11
CA LYS B 102 28.88 10.93 27.74
C LYS B 102 27.95 9.78 27.39
N TYR B 103 26.68 10.03 27.11
CA TYR B 103 25.77 8.93 26.80
C TYR B 103 26.44 8.04 25.71
N PRO B 104 26.60 6.69 25.93
CA PRO B 104 27.25 5.72 25.04
C PRO B 104 26.51 5.60 23.73
N VAL B 105 27.23 5.22 22.66
CA VAL B 105 26.57 5.09 21.37
C VAL B 105 26.91 3.79 20.61
N ASP B 106 25.91 3.29 19.90
CA ASP B 106 25.97 2.12 19.04
C ASP B 106 25.79 2.46 17.57
N LEU B 107 26.82 2.27 16.73
CA LEU B 107 26.67 2.62 15.31
C LEU B 107 26.59 1.38 14.43
N TYR B 108 25.56 1.32 13.61
CA TYR B 108 25.41 0.22 12.68
C TYR B 108 25.68 0.75 11.30
N TYR B 109 26.62 0.15 10.61
CA TYR B 109 27.01 0.65 9.33
C TYR B 109 26.37 -0.13 8.22
N LEU B 110 25.43 0.49 7.53
CA LEU B 110 24.70 -0.12 6.47
C LEU B 110 25.14 0.47 5.15
N VAL B 111 25.73 -0.34 4.29
CA VAL B 111 26.28 0.23 3.07
C VAL B 111 25.81 -0.50 1.82
N ASP B 112 25.66 0.25 0.74
CA ASP B 112 25.35 -0.41 -0.52
C ASP B 112 26.65 -1.08 -0.97
N VAL B 113 26.61 -1.81 -2.06
CA VAL B 113 27.82 -2.47 -2.56
C VAL B 113 27.94 -2.40 -4.07
N SER B 114 27.05 -1.68 -4.71
CA SER B 114 26.98 -1.58 -6.17
C SER B 114 28.26 -1.04 -6.79
N ALA B 115 28.46 -1.27 -8.09
CA ALA B 115 29.64 -0.82 -8.83
C ALA B 115 29.97 0.64 -8.61
N SER B 116 28.95 1.45 -8.53
CA SER B 116 29.04 2.86 -8.35
C SER B 116 29.53 3.28 -6.94
N MET B 117 29.59 2.34 -6.01
CA MET B 117 30.05 2.55 -4.65
C MET B 117 31.53 2.32 -4.49
N HIS B 118 32.22 1.91 -5.56
CA HIS B 118 33.63 1.55 -5.49
C HIS B 118 34.44 2.59 -4.72
N ASN B 119 34.22 3.85 -5.05
CA ASN B 119 34.97 4.95 -4.46
C ASN B 119 34.84 5.06 -2.94
N ASN B 120 33.74 4.56 -2.36
CA ASN B 120 33.53 4.68 -0.92
C ASN B 120 33.68 3.32 -0.20
N ILE B 121 33.39 2.23 -0.92
CA ILE B 121 33.41 0.90 -0.30
C ILE B 121 34.84 0.60 0.16
N GLU B 122 35.84 1.11 -0.58
CA GLU B 122 37.23 0.89 -0.22
C GLU B 122 37.74 1.82 0.86
N LYS B 123 36.91 2.75 1.34
CA LYS B 123 37.35 3.68 2.35
C LYS B 123 36.72 3.37 3.68
N LEU B 124 35.47 2.87 3.67
CA LEU B 124 34.75 2.57 4.92
C LEU B 124 35.59 1.70 5.84
N ASN B 125 36.35 0.79 5.25
CA ASN B 125 37.23 -0.11 5.97
C ASN B 125 38.19 0.65 6.90
N SER B 126 38.69 1.82 6.48
CA SER B 126 39.61 2.59 7.29
C SER B 126 38.87 3.61 8.15
N VAL B 127 37.70 4.03 7.68
CA VAL B 127 36.88 5.04 8.35
C VAL B 127 36.54 4.61 9.75
N GLY B 128 36.16 3.35 9.91
CA GLY B 128 35.81 2.84 11.22
C GLY B 128 36.91 3.03 12.27
N ASN B 129 38.19 2.98 11.88
CA ASN B 129 39.26 3.14 12.84
C ASN B 129 39.40 4.58 13.26
N ASP B 130 39.51 5.47 12.28
CA ASP B 130 39.67 6.88 12.63
C ASP B 130 38.47 7.36 13.43
N LEU B 131 37.31 6.83 13.07
CA LEU B 131 36.08 7.15 13.73
C LEU B 131 36.03 6.65 15.16
N SER B 132 36.45 5.41 15.46
CA SER B 132 36.38 5.02 16.86
C SER B 132 37.26 5.93 17.68
N ARG B 133 38.35 6.39 17.09
CA ARG B 133 39.22 7.28 17.80
C ARG B 133 38.51 8.63 18.05
N LYS B 134 37.85 9.19 17.04
CA LYS B 134 37.15 10.46 17.24
C LYS B 134 35.96 10.33 18.21
N MET B 135 35.24 9.23 18.11
CA MET B 135 34.06 8.95 18.92
C MET B 135 34.43 8.83 20.39
N ALA B 136 35.67 8.44 20.66
CA ALA B 136 36.19 8.32 22.02
C ALA B 136 36.09 9.62 22.82
N PHE B 137 35.95 10.75 22.15
CA PHE B 137 35.86 12.02 22.83
C PHE B 137 34.41 12.44 23.02
N PHE B 138 33.50 11.67 22.45
CA PHE B 138 32.10 11.98 22.47
C PHE B 138 31.20 11.12 23.31
N SER B 139 31.62 9.90 23.62
CA SER B 139 30.74 9.02 24.38
C SER B 139 31.49 8.08 25.33
N ARG B 140 30.79 7.62 26.37
CA ARG B 140 31.23 6.66 27.38
C ARG B 140 31.72 5.36 26.79
N ASP B 141 31.05 4.90 25.75
CA ASP B 141 31.42 3.67 25.08
C ASP B 141 31.11 3.77 23.60
N PHE B 142 31.47 2.73 22.87
CA PHE B 142 31.26 2.70 21.43
C PHE B 142 31.37 1.34 20.75
N ARG B 143 30.33 0.94 20.02
CA ARG B 143 30.36 -0.31 19.27
C ARG B 143 30.03 -0.10 17.80
N LEU B 144 30.58 -0.96 16.95
CA LEU B 144 30.34 -0.92 15.52
C LEU B 144 29.73 -2.20 14.99
N GLY B 145 28.66 -2.10 14.23
CA GLY B 145 28.06 -3.27 13.59
C GLY B 145 28.12 -3.10 12.08
N PHE B 146 27.62 -4.05 11.31
CA PHE B 146 27.71 -3.93 9.86
C PHE B 146 26.75 -4.78 9.04
N GLY B 147 26.35 -4.24 7.90
CA GLY B 147 25.58 -5.02 6.94
C GLY B 147 25.60 -4.39 5.57
N SER B 148 25.02 -5.10 4.61
CA SER B 148 25.07 -4.62 3.24
C SER B 148 23.91 -5.07 2.38
N TYR B 149 23.72 -4.36 1.29
CA TYR B 149 22.62 -4.71 0.38
C TYR B 149 22.84 -4.26 -1.04
N VAL B 150 22.06 -4.83 -1.99
CA VAL B 150 22.08 -4.28 -3.35
C VAL B 150 20.68 -3.84 -3.78
N ASP B 151 19.79 -4.82 -3.98
CA ASP B 151 18.45 -4.62 -4.56
C ASP B 151 17.61 -5.89 -4.40
N LYS B 152 16.38 -5.88 -4.87
CA LYS B 152 15.62 -7.13 -4.85
C LYS B 152 16.18 -8.00 -5.96
N THR B 153 16.13 -9.31 -5.77
CA THR B 153 16.64 -10.22 -6.78
C THR B 153 15.50 -11.02 -7.40
N VAL B 154 14.82 -10.37 -8.33
CA VAL B 154 13.64 -10.91 -9.01
C VAL B 154 13.80 -10.74 -10.53
N SER B 155 13.03 -11.51 -11.33
CA SER B 155 13.19 -11.50 -12.80
C SER B 155 13.00 -10.17 -13.53
N PRO B 156 12.18 -9.21 -13.08
CA PRO B 156 12.06 -7.88 -13.66
C PRO B 156 13.35 -7.06 -13.62
N TYR B 157 14.33 -7.46 -12.80
CA TYR B 157 15.57 -6.70 -12.72
C TYR B 157 16.76 -7.53 -13.20
N ILE B 158 16.82 -8.79 -12.77
CA ILE B 158 17.96 -9.65 -13.04
C ILE B 158 17.51 -10.96 -13.63
N SER B 159 18.40 -11.73 -14.24
CA SER B 159 17.93 -13.04 -14.66
C SER B 159 17.81 -13.94 -13.45
N ILE B 160 16.83 -14.82 -13.45
CA ILE B 160 16.76 -15.77 -12.34
C ILE B 160 17.05 -17.16 -12.88
N MET B 177 29.73 -9.01 -7.88
CA MET B 177 29.31 -10.00 -6.92
C MET B 177 27.86 -10.26 -7.26
N PRO B 178 27.36 -11.49 -7.24
CA PRO B 178 25.96 -11.76 -7.50
C PRO B 178 25.20 -10.85 -6.56
N PRO B 179 24.08 -10.23 -7.00
CA PRO B 179 23.31 -9.30 -6.23
C PRO B 179 22.58 -10.01 -5.12
N HIS B 180 22.25 -9.25 -4.11
CA HIS B 180 21.46 -9.72 -2.99
C HIS B 180 20.60 -8.60 -2.43
N GLY B 181 19.62 -8.97 -1.62
CA GLY B 181 18.75 -8.04 -0.95
C GLY B 181 19.52 -7.53 0.23
N TYR B 182 18.98 -7.68 1.42
CA TYR B 182 19.72 -7.23 2.58
C TYR B 182 20.24 -8.36 3.43
N ILE B 183 21.53 -8.29 3.73
CA ILE B 183 22.18 -9.25 4.59
C ILE B 183 22.89 -8.59 5.75
N HIS B 184 22.58 -9.08 6.95
CA HIS B 184 23.23 -8.62 8.16
C HIS B 184 24.55 -9.37 8.26
N VAL B 185 25.64 -8.64 8.50
CA VAL B 185 26.94 -9.28 8.51
C VAL B 185 27.53 -9.38 9.92
N LEU B 186 27.53 -8.26 10.62
CA LEU B 186 28.14 -8.15 11.93
C LEU B 186 27.28 -7.48 12.99
N SER B 187 27.10 -8.14 14.12
CA SER B 187 26.35 -7.53 15.21
C SER B 187 27.23 -6.45 15.80
N LEU B 188 26.64 -5.51 16.51
CA LEU B 188 27.43 -4.46 17.10
C LEU B 188 28.49 -5.01 18.03
N THR B 189 29.74 -4.63 17.77
CA THR B 189 30.85 -5.10 18.59
C THR B 189 31.90 -4.08 18.96
N GLU B 190 32.72 -4.49 19.91
CA GLU B 190 33.88 -3.77 20.38
C GLU B 190 35.10 -4.05 19.49
N ASN B 191 35.09 -5.18 18.80
CA ASN B 191 36.26 -5.55 18.03
C ASN B 191 36.36 -4.79 16.72
N ILE B 192 37.12 -3.72 16.73
CA ILE B 192 37.29 -2.90 15.55
C ILE B 192 37.82 -3.66 14.34
N THR B 193 38.65 -4.69 14.53
CA THR B 193 39.16 -5.37 13.35
C THR B 193 38.15 -6.37 12.82
N GLU B 194 37.08 -6.65 13.58
CA GLU B 194 36.05 -7.54 13.10
C GLU B 194 35.25 -6.70 12.15
N PHE B 195 35.05 -5.43 12.54
CA PHE B 195 34.38 -4.47 11.69
C PHE B 195 35.16 -4.36 10.40
N GLU B 196 36.48 -4.14 10.50
CA GLU B 196 37.27 -4.02 9.30
C GLU B 196 37.12 -5.26 8.42
N LYS B 197 37.15 -6.45 9.02
CA LYS B 197 37.00 -7.67 8.23
C LYS B 197 35.63 -7.72 7.53
N ALA B 198 34.57 -7.38 8.26
CA ALA B 198 33.22 -7.39 7.71
C ALA B 198 33.07 -6.47 6.49
N VAL B 199 33.72 -5.31 6.58
CA VAL B 199 33.67 -4.33 5.50
C VAL B 199 34.57 -4.74 4.35
N HIS B 200 35.81 -5.11 4.67
CA HIS B 200 36.84 -5.48 3.71
C HIS B 200 36.35 -6.58 2.79
N ARG B 201 35.64 -7.56 3.34
CA ARG B 201 35.13 -8.69 2.57
C ARG B 201 33.96 -8.40 1.64
N GLN B 202 33.40 -7.19 1.61
CA GLN B 202 32.28 -6.98 0.71
C GLN B 202 32.78 -6.71 -0.69
N LYS B 203 32.48 -7.62 -1.61
CA LYS B 203 32.92 -7.46 -2.99
C LYS B 203 31.92 -6.54 -3.66
N ILE B 204 32.36 -5.86 -4.68
CA ILE B 204 31.52 -4.93 -5.39
C ILE B 204 30.54 -5.66 -6.34
N SER B 205 29.28 -5.27 -6.29
CA SER B 205 28.15 -5.80 -7.07
C SER B 205 27.54 -4.74 -7.96
N GLY B 206 26.25 -4.91 -8.28
CA GLY B 206 25.54 -3.97 -9.12
C GLY B 206 24.17 -4.51 -9.55
N ASN B 207 23.37 -3.64 -10.13
CA ASN B 207 22.05 -3.97 -10.61
C ASN B 207 21.81 -3.24 -11.91
N ILE B 208 20.58 -3.30 -12.42
CA ILE B 208 20.29 -2.65 -13.69
C ILE B 208 19.70 -1.27 -13.50
N ASP B 209 18.64 -1.17 -12.70
CA ASP B 209 18.00 0.11 -12.47
C ASP B 209 18.92 0.96 -11.63
N THR B 210 18.86 2.28 -11.77
CA THR B 210 19.74 3.09 -10.93
C THR B 210 19.47 3.03 -9.41
N PRO B 211 18.21 3.15 -8.91
CA PRO B 211 17.90 3.18 -7.49
C PRO B 211 18.24 1.84 -6.83
N GLU B 212 18.56 1.90 -5.54
CA GLU B 212 18.89 0.71 -4.75
C GLU B 212 17.84 0.22 -3.73
N GLY B 213 18.19 -0.87 -3.02
CA GLY B 213 17.35 -1.52 -1.99
C GLY B 213 17.57 -1.01 -0.54
N GLY B 214 18.03 0.22 -0.39
CA GLY B 214 18.34 0.79 0.91
C GLY B 214 17.18 0.88 1.88
N PHE B 215 15.98 1.14 1.41
CA PHE B 215 14.87 1.25 2.35
C PHE B 215 14.53 -0.12 2.93
N ASP B 216 14.60 -1.18 2.11
CA ASP B 216 14.35 -2.50 2.66
C ASP B 216 15.38 -2.82 3.73
N ALA B 217 16.64 -2.49 3.43
CA ALA B 217 17.72 -2.73 4.34
C ALA B 217 17.56 -1.93 5.63
N MET B 218 17.13 -0.65 5.52
CA MET B 218 16.90 0.16 6.70
C MET B 218 15.86 -0.42 7.58
N LEU B 219 14.78 -0.90 6.98
CA LEU B 219 13.75 -1.48 7.80
C LEU B 219 14.30 -2.63 8.56
N GLN B 220 14.98 -3.55 7.87
CA GLN B 220 15.47 -4.71 8.60
C GLN B 220 16.44 -4.29 9.69
N ALA B 221 17.27 -3.27 9.43
CA ALA B 221 18.18 -2.81 10.48
C ALA B 221 17.40 -2.29 11.71
N ALA B 222 16.25 -1.66 11.45
CA ALA B 222 15.41 -1.12 12.51
C ALA B 222 14.59 -2.20 13.22
N VAL B 223 14.27 -3.29 12.56
CA VAL B 223 13.43 -4.31 13.22
C VAL B 223 14.19 -5.50 13.82
N CYS B 224 15.26 -5.92 13.17
CA CYS B 224 15.94 -7.13 13.60
C CYS B 224 16.95 -6.89 14.72
N GLU B 225 16.39 -6.52 15.86
CA GLU B 225 17.15 -6.19 17.06
C GLU B 225 17.96 -7.38 17.52
N SER B 226 17.38 -8.57 17.37
CA SER B 226 17.98 -9.83 17.74
C SER B 226 19.21 -10.19 16.90
N HIS B 227 19.39 -9.53 15.76
CA HIS B 227 20.53 -9.80 14.91
C HIS B 227 21.60 -8.72 15.09
N ILE B 228 21.18 -7.48 15.31
CA ILE B 228 22.09 -6.37 15.50
C ILE B 228 22.65 -6.29 16.92
N GLY B 229 21.81 -6.48 17.93
CA GLY B 229 22.28 -6.42 19.30
C GLY B 229 22.40 -5.01 19.84
N TRP B 230 21.49 -4.14 19.40
CA TRP B 230 21.45 -2.74 19.82
C TRP B 230 21.23 -2.66 21.33
N ARG B 231 21.97 -1.79 22.03
CA ARG B 231 21.72 -1.63 23.45
C ARG B 231 20.61 -0.64 23.67
N LYS B 232 19.92 -0.76 24.80
CA LYS B 232 18.89 0.19 25.15
C LYS B 232 19.55 1.45 25.72
N GLU B 233 20.57 1.25 26.53
CA GLU B 233 21.29 2.32 27.21
C GLU B 233 22.18 3.20 26.30
N ALA B 234 22.41 2.78 25.06
CA ALA B 234 23.27 3.54 24.14
C ALA B 234 22.44 4.18 23.04
N LYS B 235 22.84 5.33 22.54
CA LYS B 235 22.07 5.90 21.45
C LYS B 235 22.21 4.94 20.29
N ARG B 236 21.10 4.63 19.64
CA ARG B 236 21.14 3.72 18.52
C ARG B 236 21.21 4.48 17.20
N LEU B 237 22.36 4.43 16.53
CA LEU B 237 22.49 5.18 15.29
C LEU B 237 22.66 4.30 14.08
N LEU B 238 21.79 4.52 13.11
CA LEU B 238 21.80 3.81 11.85
C LEU B 238 22.50 4.67 10.84
N LEU B 239 23.55 4.16 10.24
CA LEU B 239 24.33 4.92 9.29
C LEU B 239 24.12 4.34 7.92
N VAL B 240 23.62 5.12 6.98
CA VAL B 240 23.35 4.56 5.67
C VAL B 240 24.17 5.24 4.58
N MET B 241 25.01 4.45 3.91
CA MET B 241 25.88 4.99 2.88
C MET B 241 25.52 4.54 1.46
N THR B 242 25.16 5.50 0.60
CA THR B 242 24.78 5.22 -0.78
C THR B 242 25.45 6.23 -1.70
N ASP B 243 25.27 6.06 -3.00
CA ASP B 243 25.71 7.04 -3.98
C ASP B 243 24.46 7.47 -4.73
N GLN B 244 23.52 6.53 -4.79
CA GLN B 244 22.24 6.72 -5.46
C GLN B 244 21.06 6.78 -4.51
N THR B 245 19.89 7.03 -5.10
CA THR B 245 18.62 7.06 -4.39
C THR B 245 18.08 5.66 -4.23
N SER B 246 17.06 5.50 -3.42
CA SER B 246 16.43 4.22 -3.19
C SER B 246 15.13 4.01 -3.96
N HIS B 247 14.76 2.74 -4.12
CA HIS B 247 13.46 2.35 -4.67
C HIS B 247 12.39 2.66 -3.65
N LEU B 248 11.20 2.98 -4.11
CA LEU B 248 10.14 3.32 -3.20
C LEU B 248 9.01 2.29 -3.17
N ALA B 249 8.14 2.39 -2.15
CA ALA B 249 6.96 1.53 -2.06
C ALA B 249 6.17 1.73 -3.33
N LEU B 250 5.38 0.74 -3.75
CA LEU B 250 4.57 0.75 -4.96
C LEU B 250 5.38 0.68 -6.27
N ASP B 251 6.70 0.92 -6.25
CA ASP B 251 7.49 0.78 -7.46
C ASP B 251 7.44 -0.68 -7.83
N SER B 252 7.33 -1.49 -6.78
CA SER B 252 7.33 -2.93 -6.76
C SER B 252 6.27 -3.55 -7.62
N LYS B 253 5.25 -2.80 -8.01
CA LYS B 253 4.26 -3.41 -8.87
C LYS B 253 4.98 -3.95 -10.13
N LEU B 254 6.03 -3.27 -10.59
CA LEU B 254 6.81 -3.68 -11.76
C LEU B 254 7.52 -4.98 -11.50
N ALA B 255 7.78 -5.26 -10.23
CA ALA B 255 8.51 -6.41 -9.80
C ALA B 255 7.58 -7.60 -9.66
N GLY B 256 6.28 -7.39 -9.87
CA GLY B 256 5.31 -8.43 -9.67
C GLY B 256 5.03 -8.58 -8.19
N ILE B 257 5.32 -7.54 -7.40
CA ILE B 257 5.11 -7.60 -5.96
C ILE B 257 4.04 -6.62 -5.57
N VAL B 258 2.91 -7.17 -5.17
CA VAL B 258 1.72 -6.41 -4.86
C VAL B 258 1.22 -6.71 -3.47
N VAL B 259 2.10 -7.24 -2.65
CA VAL B 259 1.74 -7.60 -1.31
C VAL B 259 2.54 -6.70 -0.35
N PRO B 260 1.86 -6.06 0.62
CA PRO B 260 2.40 -5.05 1.51
C PRO B 260 3.44 -5.57 2.46
N ASN B 261 4.32 -4.67 2.85
CA ASN B 261 5.37 -4.88 3.83
C ASN B 261 4.74 -4.78 5.22
N ASP B 262 4.84 -5.83 6.03
CA ASP B 262 4.20 -5.79 7.34
C ASP B 262 5.02 -5.10 8.42
N GLY B 263 6.20 -4.60 8.10
CA GLY B 263 7.02 -3.90 9.06
C GLY B 263 7.79 -4.80 10.03
N ASN B 264 7.78 -6.12 9.87
CA ASN B 264 8.47 -6.99 10.82
C ASN B 264 9.87 -7.41 10.36
N CYS B 265 10.56 -8.20 11.20
CA CYS B 265 11.89 -8.76 10.95
C CYS B 265 11.80 -10.10 10.29
N HIS B 266 12.46 -10.24 9.17
CA HIS B 266 12.40 -11.48 8.42
C HIS B 266 13.76 -12.00 8.01
N LEU B 267 14.72 -12.06 8.92
CA LEU B 267 15.99 -12.60 8.52
C LEU B 267 16.12 -14.04 8.92
N LYS B 268 16.72 -14.83 8.05
CA LYS B 268 17.01 -16.22 8.30
C LYS B 268 18.49 -16.36 8.07
N ASN B 269 19.23 -16.78 9.10
CA ASN B 269 20.68 -16.86 9.00
C ASN B 269 21.23 -15.52 8.52
N ASN B 270 20.65 -14.44 9.06
CA ASN B 270 20.97 -13.04 8.78
C ASN B 270 20.61 -12.56 7.35
N VAL B 271 19.86 -13.36 6.59
CA VAL B 271 19.46 -12.98 5.23
C VAL B 271 17.98 -12.62 5.08
N TYR B 272 17.69 -11.48 4.45
CA TYR B 272 16.30 -11.05 4.24
C TYR B 272 15.67 -11.80 3.07
N VAL B 273 15.35 -13.05 3.33
CA VAL B 273 14.80 -14.00 2.36
C VAL B 273 13.46 -13.59 1.78
N LYS B 274 12.75 -12.71 2.47
CA LYS B 274 11.45 -12.23 2.02
C LYS B 274 11.56 -10.99 1.12
N SER B 275 12.78 -10.53 0.86
CA SER B 275 12.96 -9.33 0.05
C SER B 275 12.39 -9.48 -1.36
N THR B 276 12.32 -10.71 -1.85
CA THR B 276 11.80 -10.96 -3.17
C THR B 276 10.30 -11.15 -3.24
N THR B 277 9.62 -11.12 -2.10
CA THR B 277 8.17 -11.28 -2.15
C THR B 277 7.44 -10.11 -1.51
N MET B 278 8.11 -9.34 -0.66
CA MET B 278 7.48 -8.21 0.03
C MET B 278 7.71 -6.89 -0.69
N GLU B 279 6.72 -6.00 -0.64
CA GLU B 279 6.80 -4.64 -1.15
C GLU B 279 7.84 -3.81 -0.39
N HIS B 280 8.49 -2.85 -1.05
CA HIS B 280 9.46 -1.99 -0.36
C HIS B 280 8.63 -1.24 0.71
N PRO B 281 9.18 -0.90 1.89
CA PRO B 281 8.47 -0.16 2.91
C PRO B 281 8.22 1.27 2.48
N SER B 282 7.16 1.87 3.01
CA SER B 282 6.87 3.27 2.76
C SER B 282 7.68 4.14 3.69
N LEU B 283 7.75 5.46 3.40
CA LEU B 283 8.48 6.36 4.30
C LEU B 283 7.78 6.41 5.64
N GLY B 284 6.44 6.33 5.61
CA GLY B 284 5.63 6.35 6.82
C GLY B 284 6.05 5.21 7.72
N GLN B 285 6.12 4.00 7.16
CA GLN B 285 6.52 2.84 7.96
C GLN B 285 7.94 2.97 8.52
N LEU B 286 8.88 3.49 7.72
CA LEU B 286 10.24 3.61 8.23
C LEU B 286 10.27 4.57 9.39
N SER B 287 9.53 5.67 9.28
CA SER B 287 9.49 6.66 10.33
C SER B 287 8.94 6.09 11.61
N GLU B 288 7.78 5.41 11.54
CA GLU B 288 7.23 4.92 12.78
C GLU B 288 8.12 3.92 13.46
N LYS B 289 8.75 3.03 12.69
CA LYS B 289 9.56 2.04 13.36
C LYS B 289 10.81 2.64 13.94
N LEU B 290 11.49 3.51 13.19
CA LEU B 290 12.72 4.11 13.67
C LEU B 290 12.47 4.93 14.90
N ILE B 291 11.36 5.66 14.94
CA ILE B 291 11.13 6.41 16.14
C ILE B 291 10.79 5.50 17.30
N ASP B 292 9.90 4.54 17.10
CA ASP B 292 9.46 3.72 18.20
C ASP B 292 10.59 2.99 18.90
N ASN B 293 11.60 2.50 18.18
CA ASN B 293 12.69 1.83 18.88
C ASN B 293 13.93 2.70 18.98
N ASN B 294 13.74 4.01 18.86
CA ASN B 294 14.79 5.00 19.01
C ASN B 294 16.05 4.82 18.19
N ILE B 295 15.90 4.51 16.92
CA ILE B 295 17.08 4.41 16.08
C ILE B 295 17.12 5.63 15.19
N ASN B 296 18.10 6.47 15.41
CA ASN B 296 18.22 7.71 14.65
C ASN B 296 18.92 7.35 13.37
N VAL B 297 18.59 7.99 12.26
CA VAL B 297 19.33 7.63 11.05
C VAL B 297 20.08 8.79 10.45
N ILE B 298 21.35 8.51 10.16
CA ILE B 298 22.25 9.44 9.54
C ILE B 298 22.51 8.92 8.15
N PHE B 299 22.14 9.71 7.18
CA PHE B 299 22.25 9.29 5.80
C PHE B 299 23.32 10.05 5.03
N ALA B 300 24.10 9.33 4.21
CA ALA B 300 25.10 10.04 3.41
C ALA B 300 25.09 9.58 1.97
N VAL B 301 25.26 10.55 1.06
CA VAL B 301 25.24 10.27 -0.38
C VAL B 301 26.01 11.30 -1.22
N GLN B 302 26.44 10.89 -2.39
CA GLN B 302 27.06 11.79 -3.36
C GLN B 302 26.16 13.05 -3.46
N GLY B 303 26.80 14.21 -3.62
CA GLY B 303 26.12 15.51 -3.65
C GLY B 303 24.95 15.73 -4.60
N LYS B 304 24.87 15.09 -5.77
CA LYS B 304 23.73 15.35 -6.63
C LYS B 304 22.46 14.71 -6.10
N GLN B 305 22.54 13.42 -5.76
CA GLN B 305 21.36 12.73 -5.28
C GLN B 305 20.98 13.23 -3.90
N PHE B 306 21.97 13.76 -3.17
CA PHE B 306 21.75 14.37 -1.90
C PHE B 306 20.58 15.32 -1.90
N HIS B 307 20.35 16.09 -2.97
CA HIS B 307 19.24 17.01 -2.85
C HIS B 307 17.91 16.27 -2.61
N TRP B 308 17.73 15.10 -3.21
CA TRP B 308 16.49 14.38 -2.99
C TRP B 308 16.39 14.04 -1.53
N TYR B 309 17.47 13.50 -1.00
CA TYR B 309 17.47 13.11 0.38
C TYR B 309 17.27 14.27 1.35
N LYS B 310 17.92 15.42 1.11
CA LYS B 310 17.78 16.49 2.08
C LYS B 310 16.35 16.97 2.10
N ASP B 311 15.68 16.90 0.95
CA ASP B 311 14.30 17.31 0.84
C ASP B 311 13.36 16.30 1.48
N LEU B 312 13.79 15.03 1.58
CA LEU B 312 12.98 14.03 2.26
C LEU B 312 13.08 14.14 3.77
N LEU B 313 14.18 14.68 4.29
CA LEU B 313 14.39 14.66 5.73
C LEU B 313 13.23 15.20 6.60
N PRO B 314 12.53 16.32 6.27
CA PRO B 314 11.42 16.84 7.06
C PRO B 314 10.26 15.85 7.19
N LEU B 315 10.18 14.89 6.26
CA LEU B 315 9.13 13.91 6.24
C LEU B 315 9.24 12.85 7.34
N LEU B 316 10.47 12.55 7.79
CA LEU B 316 10.65 11.46 8.75
C LEU B 316 11.49 11.95 9.93
N PRO B 317 10.92 12.40 11.06
CA PRO B 317 11.63 12.98 12.18
C PRO B 317 12.66 12.00 12.74
N GLY B 318 13.75 12.54 13.29
CA GLY B 318 14.82 11.72 13.87
C GLY B 318 15.85 11.34 12.80
N THR B 319 16.19 12.30 11.95
CA THR B 319 17.15 12.08 10.87
C THR B 319 18.01 13.26 10.50
N ILE B 320 19.21 12.92 10.05
CA ILE B 320 20.23 13.85 9.55
C ILE B 320 20.83 13.32 8.26
N ALA B 321 21.19 14.21 7.35
CA ALA B 321 21.87 13.76 6.15
C ALA B 321 22.86 14.79 5.69
N GLY B 322 23.83 14.30 4.92
CA GLY B 322 24.82 15.17 4.33
C GLY B 322 25.44 14.51 3.11
N GLU B 323 26.29 15.24 2.44
CA GLU B 323 26.87 14.73 1.23
C GLU B 323 28.21 14.04 1.44
N ILE B 324 28.52 13.14 0.54
CA ILE B 324 29.81 12.52 0.53
C ILE B 324 30.68 13.28 -0.45
N GLU B 325 31.82 13.74 0.05
CA GLU B 325 32.79 14.50 -0.74
C GLU B 325 33.35 13.61 -1.83
N SER B 326 33.80 14.21 -2.94
CA SER B 326 34.34 13.42 -4.05
C SER B 326 35.56 12.56 -3.69
N LYS B 327 36.31 12.96 -2.67
CA LYS B 327 37.45 12.19 -2.21
C LYS B 327 37.09 11.45 -0.93
N ALA B 328 35.83 11.57 -0.52
CA ALA B 328 35.27 10.98 0.68
C ALA B 328 36.20 11.17 1.89
N ALA B 329 36.80 12.35 1.98
CA ALA B 329 37.83 12.64 2.96
C ALA B 329 37.28 12.88 4.35
N ASN B 330 35.97 13.00 4.46
CA ASN B 330 35.36 13.27 5.72
C ASN B 330 34.36 12.18 6.09
N LEU B 331 34.49 10.96 5.54
CA LEU B 331 33.47 9.97 5.92
C LEU B 331 33.46 9.74 7.43
N ASN B 332 34.63 9.79 8.06
CA ASN B 332 34.74 9.55 9.50
C ASN B 332 34.28 10.75 10.32
N ASN B 333 33.84 11.81 9.64
CA ASN B 333 33.32 12.97 10.28
C ASN B 333 31.84 13.16 10.00
N LEU B 334 31.23 12.33 9.14
CA LEU B 334 29.85 12.64 8.82
C LEU B 334 28.97 12.29 9.99
N VAL B 335 29.30 11.17 10.63
CA VAL B 335 28.54 10.73 11.77
C VAL B 335 28.89 11.58 12.96
N VAL B 336 30.13 12.05 13.03
CA VAL B 336 30.53 12.87 14.14
C VAL B 336 29.75 14.17 14.13
N GLU B 337 29.68 14.83 12.98
CA GLU B 337 28.93 16.07 12.96
C GLU B 337 27.49 15.77 13.33
N ALA B 338 26.92 14.72 12.73
CA ALA B 338 25.55 14.35 12.99
C ALA B 338 25.34 14.01 14.45
N TYR B 339 26.29 13.32 15.07
CA TYR B 339 26.21 12.94 16.46
C TYR B 339 26.01 14.18 17.28
N GLN B 340 26.85 15.19 17.05
CA GLN B 340 26.75 16.41 17.80
C GLN B 340 25.38 17.06 17.60
N LYS B 341 24.89 17.05 16.35
CA LYS B 341 23.57 17.59 16.05
C LYS B 341 22.46 16.81 16.76
N LEU B 342 22.61 15.49 16.85
CA LEU B 342 21.60 14.69 17.55
C LEU B 342 21.62 15.00 19.03
N ILE B 343 22.79 15.16 19.63
CA ILE B 343 22.83 15.43 21.05
C ILE B 343 22.10 16.73 21.35
N SER B 344 22.30 17.73 20.50
CA SER B 344 21.66 19.02 20.68
C SER B 344 20.19 19.12 20.23
N GLU B 345 19.64 18.05 19.66
CA GLU B 345 18.25 18.06 19.19
C GLU B 345 17.35 17.33 20.16
N VAL B 346 16.46 18.04 20.84
CA VAL B 346 15.62 17.33 21.80
C VAL B 346 14.18 17.58 21.44
N LYS B 347 13.58 16.53 20.90
CA LYS B 347 12.24 16.55 20.37
C LYS B 347 11.46 15.38 20.86
N VAL B 348 10.16 15.60 21.09
CA VAL B 348 9.27 14.55 21.53
C VAL B 348 8.02 14.49 20.69
N GLN B 349 7.31 13.39 20.77
CA GLN B 349 6.02 13.36 20.12
C GLN B 349 4.97 12.64 20.91
N VAL B 350 3.75 13.12 20.74
CA VAL B 350 2.53 12.54 21.28
C VAL B 350 2.10 11.44 20.30
N GLU B 351 1.81 10.24 20.77
CA GLU B 351 1.46 9.18 19.83
C GLU B 351 0.48 8.13 20.40
N ASN B 352 -0.20 7.41 19.49
CA ASN B 352 -1.14 6.32 19.78
C ASN B 352 -2.31 6.70 20.66
N GLN B 353 -2.83 7.89 20.44
CA GLN B 353 -3.94 8.35 21.25
C GLN B 353 -5.18 7.52 21.04
N VAL B 354 -5.92 7.34 22.12
CA VAL B 354 -7.18 6.66 22.20
C VAL B 354 -8.26 7.64 21.75
N GLN B 355 -9.24 7.16 21.02
CA GLN B 355 -10.27 8.01 20.41
C GLN B 355 -10.96 9.07 21.28
N GLY B 356 -11.21 8.82 22.57
CA GLY B 356 -11.89 9.83 23.39
C GLY B 356 -10.90 10.79 24.07
N ILE B 357 -9.62 10.62 23.77
CA ILE B 357 -8.57 11.40 24.40
C ILE B 357 -7.94 12.36 23.42
N TYR B 358 -7.83 13.63 23.78
CA TYR B 358 -7.15 14.52 22.86
C TYR B 358 -6.06 15.39 23.47
N PHE B 359 -4.83 15.16 23.01
CA PHE B 359 -3.63 15.87 23.44
C PHE B 359 -3.07 16.92 22.51
N ASN B 360 -2.49 17.91 23.15
CA ASN B 360 -1.75 19.00 22.53
C ASN B 360 -0.41 19.17 23.26
N ILE B 361 0.55 19.80 22.59
CA ILE B 361 1.87 19.95 23.18
C ILE B 361 2.70 21.14 22.66
N THR B 362 3.52 21.69 23.54
CA THR B 362 4.47 22.74 23.17
C THR B 362 5.79 22.65 23.96
N ALA B 363 6.90 23.09 23.35
CA ALA B 363 8.19 23.01 24.03
C ALA B 363 8.74 24.34 24.48
N ILE B 364 9.35 24.31 25.65
CA ILE B 364 10.02 25.44 26.24
C ILE B 364 11.53 25.25 26.23
N CYS B 365 12.14 26.16 25.51
CA CYS B 365 13.55 26.23 25.25
C CYS B 365 14.18 27.23 26.21
N PRO B 366 15.46 27.15 26.54
CA PRO B 366 16.17 28.06 27.43
C PRO B 366 16.18 29.50 26.94
N ASP B 367 15.93 29.69 25.65
CA ASP B 367 15.88 31.00 25.04
C ASP B 367 14.66 31.81 25.49
N GLY B 368 13.62 31.11 25.94
CA GLY B 368 12.34 31.69 26.38
C GLY B 368 11.29 31.73 25.27
N SER B 369 11.74 31.62 24.03
CA SER B 369 10.86 31.64 22.87
C SER B 369 10.24 30.27 22.64
N ARG B 370 9.36 29.90 23.55
CA ARG B 370 8.71 28.60 23.51
C ARG B 370 7.86 28.51 22.26
N LYS B 371 7.74 27.30 21.69
CA LYS B 371 6.97 27.12 20.47
C LYS B 371 6.09 25.84 20.39
N PRO B 372 4.86 25.95 19.85
CA PRO B 372 3.93 24.87 19.52
C PRO B 372 4.39 24.36 18.18
N GLY B 373 3.73 23.39 17.57
CA GLY B 373 4.27 23.06 16.27
C GLY B 373 5.52 22.23 16.48
N MET B 374 6.67 22.87 16.39
CA MET B 374 7.91 22.12 16.50
C MET B 374 7.90 21.19 17.69
N GLU B 375 8.42 20.00 17.43
CA GLU B 375 8.51 18.88 18.37
C GLU B 375 9.38 19.17 19.59
N GLY B 376 10.26 20.16 19.47
CA GLY B 376 11.16 20.45 20.55
C GLY B 376 12.13 21.59 20.31
N CYS B 377 13.22 21.35 20.86
CA CYS B 377 14.18 22.43 20.85
C CYS B 377 15.48 22.10 20.17
N ARG B 378 16.10 23.14 19.64
CA ARG B 378 17.40 23.00 19.00
C ARG B 378 18.41 23.84 19.75
N ASN B 379 19.68 23.60 19.48
CA ASN B 379 20.76 24.31 20.15
C ASN B 379 20.72 24.11 21.65
N VAL B 380 20.51 22.87 22.07
CA VAL B 380 20.47 22.57 23.49
C VAL B 380 21.62 21.63 23.82
N THR B 381 21.90 21.47 25.09
CA THR B 381 23.03 20.63 25.48
C THR B 381 22.84 19.98 26.84
N SER B 382 23.92 19.54 27.45
CA SER B 382 23.85 18.91 28.76
C SER B 382 23.57 20.00 29.79
N ASN B 383 23.12 19.62 30.98
CA ASN B 383 22.82 20.60 32.03
C ASN B 383 21.84 21.63 31.52
N ASP B 384 20.86 21.16 30.75
CA ASP B 384 19.81 21.96 30.16
C ASP B 384 18.60 21.07 29.96
N GLU B 385 17.62 21.19 30.85
CA GLU B 385 16.45 20.35 30.80
C GLU B 385 15.41 20.95 29.87
N VAL B 386 15.05 20.17 28.78
CA VAL B 386 14.08 20.80 27.91
C VAL B 386 12.71 20.54 28.46
N LEU B 387 11.90 21.59 28.59
CA LEU B 387 10.61 21.47 29.21
C LEU B 387 9.45 21.36 28.23
N PHE B 388 8.59 20.39 28.44
CA PHE B 388 7.46 20.19 27.55
C PHE B 388 6.13 20.35 28.25
N ASN B 389 5.31 21.21 27.67
CA ASN B 389 3.98 21.53 28.16
C ASN B 389 2.93 20.62 27.55
N VAL B 390 2.34 19.76 28.36
CA VAL B 390 1.44 18.80 27.80
C VAL B 390 0.01 18.96 28.35
N THR B 391 -0.97 19.00 27.45
CA THR B 391 -2.34 19.13 27.91
C THR B 391 -3.28 18.21 27.18
N VAL B 392 -4.34 17.81 27.89
CA VAL B 392 -5.33 16.91 27.35
C VAL B 392 -6.77 17.19 27.76
N THR B 393 -7.68 17.02 26.80
CA THR B 393 -9.11 17.12 27.08
C THR B 393 -9.80 15.79 26.88
N MET B 394 -11.10 15.75 27.16
CA MET B 394 -11.84 14.51 27.08
C MET B 394 -13.11 14.62 26.28
N LYS B 395 -13.42 13.55 25.55
CA LYS B 395 -14.63 13.46 24.79
C LYS B 395 -15.52 12.42 25.42
N LYS B 396 -16.71 12.21 24.87
CA LYS B 396 -17.61 11.20 25.41
C LYS B 396 -16.91 9.87 25.45
N CYS B 397 -17.40 8.95 26.28
CA CYS B 397 -16.81 7.63 26.41
C CYS B 397 -16.75 6.89 25.09
N ASP B 398 -15.60 6.28 24.85
CA ASP B 398 -15.20 5.49 23.71
C ASP B 398 -15.11 4.06 24.17
N VAL B 399 -14.30 3.23 23.51
CA VAL B 399 -14.20 1.88 24.01
C VAL B 399 -13.35 2.04 25.26
N THR B 400 -14.07 2.19 26.36
CA THR B 400 -13.55 2.64 27.63
C THR B 400 -13.02 1.58 28.57
N GLY B 401 -12.64 2.05 29.74
CA GLY B 401 -12.00 1.28 30.80
C GLY B 401 -10.60 1.86 30.96
N GLY B 402 -9.95 1.63 32.10
CA GLY B 402 -8.62 2.21 32.24
C GLY B 402 -7.70 1.66 31.16
N LYS B 403 -6.92 2.53 30.53
CA LYS B 403 -6.04 2.06 29.46
C LYS B 403 -4.61 2.57 29.50
N ASN B 404 -3.72 1.57 29.49
CA ASN B 404 -2.26 1.67 29.53
C ASN B 404 -1.58 1.67 28.16
N TYR B 405 -0.94 2.77 27.81
CA TYR B 405 -0.23 2.92 26.54
C TYR B 405 0.85 3.98 26.75
N ALA B 406 1.78 4.16 25.82
CA ALA B 406 2.73 5.27 26.02
C ALA B 406 2.16 6.50 25.38
N ILE B 407 2.35 7.68 25.98
CA ILE B 407 1.83 8.87 25.31
C ILE B 407 2.91 9.70 24.63
N ILE B 408 3.99 9.99 25.35
CA ILE B 408 5.01 10.88 24.82
C ILE B 408 6.40 10.34 24.87
N LYS B 409 7.07 10.37 23.74
CA LYS B 409 8.43 9.89 23.77
C LYS B 409 9.40 10.82 23.06
N PRO B 410 10.55 11.11 23.67
CA PRO B 410 11.68 11.78 23.07
C PRO B 410 12.29 10.88 22.03
N ILE B 411 12.65 11.45 20.93
CA ILE B 411 13.17 10.66 19.83
C ILE B 411 14.65 10.41 20.03
N GLY B 412 15.05 9.14 20.09
CA GLY B 412 16.45 8.80 20.31
C GLY B 412 16.76 8.53 21.78
N PHE B 413 15.79 8.71 22.65
CA PHE B 413 15.94 8.47 24.07
C PHE B 413 15.18 7.19 24.38
N ASN B 414 15.70 6.31 25.24
CA ASN B 414 14.99 5.06 25.47
C ASN B 414 13.81 5.20 26.42
N GLU B 415 13.88 6.15 27.33
CA GLU B 415 12.81 6.32 28.30
C GLU B 415 11.61 7.00 27.64
N THR B 416 10.39 6.64 28.05
CA THR B 416 9.19 7.29 27.53
C THR B 416 8.25 7.71 28.65
N ALA B 417 7.31 8.59 28.31
CA ALA B 417 6.26 9.00 29.23
C ALA B 417 5.06 8.10 29.03
N LYS B 418 4.86 7.19 29.98
CA LYS B 418 3.80 6.21 29.91
C LYS B 418 2.53 6.86 30.38
N ILE B 419 1.37 6.46 29.87
CA ILE B 419 0.11 7.02 30.32
C ILE B 419 -0.98 6.01 30.66
N HIS B 420 -1.76 6.36 31.67
CA HIS B 420 -2.93 5.61 32.06
C HIS B 420 -4.13 6.53 31.98
N ILE B 421 -5.02 6.27 31.03
CA ILE B 421 -6.17 7.13 30.87
C ILE B 421 -7.37 6.54 31.59
N HIS B 422 -8.08 7.39 32.31
CA HIS B 422 -9.25 7.01 33.07
C HIS B 422 -10.38 8.03 32.93
N ARG B 423 -11.61 7.58 33.15
CA ARG B 423 -12.77 8.46 33.14
C ARG B 423 -13.97 7.78 33.81
N ASN B 424 -14.98 8.56 34.14
CA ASN B 424 -16.21 8.03 34.72
C ASN B 424 -17.33 7.86 33.70
N CYS B 425 -17.65 6.62 33.34
CA CYS B 425 -18.69 6.36 32.35
C CYS B 425 -19.92 5.75 33.02
N GLU C 1 -10.31 -30.43 -32.72
CA GLU C 1 -11.71 -30.72 -32.41
C GLU C 1 -11.82 -31.48 -31.11
N VAL C 2 -13.05 -31.81 -30.74
CA VAL C 2 -13.29 -32.55 -29.51
C VAL C 2 -13.68 -33.97 -29.90
N GLN C 3 -12.84 -34.94 -29.61
CA GLN C 3 -13.13 -36.32 -29.98
C GLN C 3 -13.61 -37.07 -28.78
N LEU C 4 -14.84 -37.57 -28.84
CA LEU C 4 -15.39 -38.26 -27.68
C LEU C 4 -15.76 -39.69 -27.90
N VAL C 5 -15.32 -40.52 -26.98
CA VAL C 5 -15.73 -41.91 -26.97
C VAL C 5 -16.20 -42.23 -25.57
N GLU C 6 -16.96 -43.30 -25.43
CA GLU C 6 -17.50 -43.67 -24.15
C GLU C 6 -17.11 -45.07 -23.73
N SER C 7 -17.08 -45.31 -22.42
CA SER C 7 -16.81 -46.67 -21.96
C SER C 7 -17.82 -47.58 -22.55
N GLY C 8 -17.38 -48.74 -22.99
CA GLY C 8 -18.34 -49.64 -23.56
C GLY C 8 -19.39 -49.92 -22.49
N PRO C 9 -20.68 -49.82 -22.82
CA PRO C 9 -21.79 -50.06 -21.94
C PRO C 9 -21.89 -51.54 -21.76
N GLY C 10 -22.50 -51.97 -20.69
CA GLY C 10 -22.73 -53.40 -20.54
C GLY C 10 -24.14 -53.69 -20.12
N LEU C 11 -24.32 -54.95 -19.78
CA LEU C 11 -25.57 -55.46 -19.27
C LEU C 11 -25.40 -55.67 -17.81
N VAL C 12 -26.21 -55.00 -17.04
CA VAL C 12 -26.10 -55.08 -15.61
C VAL C 12 -27.41 -55.52 -15.00
N LYS C 13 -27.35 -55.90 -13.75
CA LYS C 13 -28.52 -56.35 -13.04
C LYS C 13 -29.11 -55.16 -12.30
N PRO C 14 -30.40 -55.17 -11.95
CA PRO C 14 -31.03 -54.16 -11.14
C PRO C 14 -30.21 -54.02 -9.88
N SER C 15 -30.08 -52.78 -9.48
CA SER C 15 -29.34 -52.26 -8.36
C SER C 15 -27.86 -52.66 -8.33
N GLN C 16 -27.27 -52.83 -9.52
CA GLN C 16 -25.85 -53.07 -9.66
C GLN C 16 -25.09 -51.78 -9.93
N SER C 17 -23.99 -51.55 -9.21
CA SER C 17 -23.18 -50.37 -9.49
C SER C 17 -22.45 -50.50 -10.84
N LEU C 18 -22.31 -49.39 -11.58
CA LEU C 18 -21.58 -49.35 -12.85
C LEU C 18 -20.83 -48.05 -13.16
N SER C 19 -19.57 -48.18 -13.58
CA SER C 19 -18.78 -47.02 -13.98
C SER C 19 -18.65 -46.87 -15.49
N LEU C 20 -19.10 -45.72 -16.01
CA LEU C 20 -19.02 -45.39 -17.43
C LEU C 20 -18.23 -44.12 -17.66
N THR C 21 -17.20 -44.16 -18.50
CA THR C 21 -16.41 -42.96 -18.71
C THR C 21 -16.59 -42.22 -20.02
N CYS C 22 -16.08 -40.99 -19.98
CA CYS C 22 -15.95 -40.06 -21.09
C CYS C 22 -14.49 -39.76 -21.36
N SER C 23 -14.00 -40.35 -22.45
CA SER C 23 -12.60 -40.24 -22.82
C SER C 23 -12.49 -39.20 -23.89
N VAL C 24 -11.75 -38.13 -23.62
CA VAL C 24 -11.74 -37.03 -24.56
C VAL C 24 -10.36 -36.80 -25.13
N THR C 25 -10.26 -36.78 -26.44
CA THR C 25 -8.96 -36.51 -27.04
C THR C 25 -8.98 -35.32 -27.98
N GLY C 26 -7.77 -34.86 -28.31
CA GLY C 26 -7.51 -33.75 -29.22
C GLY C 26 -6.75 -32.61 -28.53
N TYR C 27 -7.09 -32.32 -27.27
CA TYR C 27 -6.41 -31.29 -26.49
C TYR C 27 -6.70 -31.47 -25.01
N TYR C 28 -5.99 -30.73 -24.16
CA TYR C 28 -6.26 -30.86 -22.74
C TYR C 28 -7.53 -30.17 -22.31
N ILE C 29 -8.38 -30.96 -21.69
CA ILE C 29 -9.70 -30.53 -21.29
C ILE C 29 -10.10 -30.65 -19.81
N THR C 30 -9.15 -31.01 -18.93
CA THR C 30 -9.50 -31.23 -17.55
C THR C 30 -9.64 -29.97 -16.70
N SER C 31 -8.97 -28.91 -17.11
CA SER C 31 -9.07 -27.66 -16.37
C SER C 31 -9.41 -26.48 -17.28
N SER C 32 -9.35 -26.69 -18.59
CA SER C 32 -9.59 -25.64 -19.57
C SER C 32 -11.07 -25.38 -19.82
N TYR C 33 -11.91 -26.41 -19.65
CA TYR C 33 -13.36 -26.31 -19.88
C TYR C 33 -14.19 -27.07 -18.86
N TYR C 34 -15.43 -26.62 -18.73
CA TYR C 34 -16.47 -27.23 -17.91
C TYR C 34 -17.17 -28.33 -18.69
N TRP C 35 -17.42 -29.48 -18.06
CA TRP C 35 -18.09 -30.60 -18.70
C TRP C 35 -19.39 -30.97 -18.05
N ASN C 36 -20.29 -31.53 -18.86
CA ASN C 36 -21.55 -32.03 -18.34
C ASN C 36 -21.82 -33.44 -18.81
N TRP C 37 -22.89 -34.01 -18.30
CA TRP C 37 -23.36 -35.33 -18.69
C TRP C 37 -24.84 -35.31 -19.00
N ILE C 38 -25.17 -36.04 -20.05
CA ILE C 38 -26.51 -36.22 -20.61
C ILE C 38 -27.03 -37.65 -20.59
N ARG C 39 -28.32 -37.75 -20.27
CA ARG C 39 -29.07 -39.01 -20.30
C ARG C 39 -30.18 -38.97 -21.33
N GLN C 40 -30.06 -39.76 -22.37
CA GLN C 40 -31.04 -39.76 -23.42
C GLN C 40 -31.94 -40.98 -23.45
N PHE C 41 -33.21 -40.77 -23.16
CA PHE C 41 -34.11 -41.89 -23.18
C PHE C 41 -34.73 -41.90 -24.58
N PRO C 42 -34.48 -42.92 -25.40
CA PRO C 42 -34.87 -42.92 -26.78
C PRO C 42 -36.36 -42.77 -26.94
N GLY C 43 -36.75 -41.96 -27.90
CA GLY C 43 -38.14 -41.70 -28.18
C GLY C 43 -38.58 -40.40 -27.54
N ASN C 44 -37.81 -39.90 -26.58
CA ASN C 44 -38.17 -38.68 -25.89
C ASN C 44 -37.01 -37.67 -25.86
N GLU C 45 -37.10 -36.71 -24.93
CA GLU C 45 -36.14 -35.64 -24.76
C GLU C 45 -34.89 -36.05 -24.03
N LEU C 46 -33.85 -35.24 -24.19
CA LEU C 46 -32.64 -35.48 -23.46
C LEU C 46 -32.87 -35.02 -22.04
N GLU C 47 -32.25 -35.72 -21.11
CA GLU C 47 -32.20 -35.34 -19.72
C GLU C 47 -30.74 -35.08 -19.38
N TRP C 48 -30.48 -34.68 -18.15
CA TRP C 48 -29.13 -34.37 -17.73
C TRP C 48 -28.76 -35.11 -16.47
N MET C 49 -27.54 -35.58 -16.43
CA MET C 49 -27.04 -36.33 -15.29
C MET C 49 -26.13 -35.58 -14.32
N GLY C 50 -25.30 -34.67 -14.83
CA GLY C 50 -24.34 -34.05 -13.91
C GLY C 50 -23.27 -33.20 -14.58
N TYR C 51 -22.33 -32.69 -13.79
CA TYR C 51 -21.24 -31.86 -14.32
C TYR C 51 -20.01 -32.02 -13.48
N ILE C 52 -18.92 -31.54 -14.04
CA ILE C 52 -17.62 -31.48 -13.38
C ILE C 52 -16.68 -30.51 -14.12
N SER C 53 -15.77 -29.88 -13.41
CA SER C 53 -14.79 -28.99 -14.04
C SER C 53 -13.51 -29.09 -13.28
N TYR C 54 -12.67 -28.05 -13.41
CA TYR C 54 -11.42 -28.04 -12.66
C TYR C 54 -11.85 -28.21 -11.18
N ASP C 55 -13.01 -27.61 -10.88
CA ASP C 55 -13.73 -27.70 -9.62
C ASP C 55 -14.47 -29.04 -9.68
N GLY C 56 -14.10 -29.95 -8.77
CA GLY C 56 -14.62 -31.31 -8.78
C GLY C 56 -16.06 -31.47 -8.30
N SER C 57 -16.72 -30.38 -7.93
CA SER C 57 -18.10 -30.44 -7.48
C SER C 57 -19.07 -30.68 -8.64
N ASN C 58 -20.30 -31.04 -8.28
CA ASN C 58 -21.37 -31.30 -9.22
C ASN C 58 -22.70 -30.70 -8.71
N SER C 59 -23.79 -31.20 -9.26
CA SER C 59 -25.18 -30.88 -8.95
C SER C 59 -25.90 -32.07 -9.50
N TYR C 60 -27.16 -32.22 -9.14
CA TYR C 60 -27.94 -33.33 -9.63
C TYR C 60 -29.41 -33.01 -9.61
N ASN C 61 -30.12 -33.56 -10.57
CA ASN C 61 -31.56 -33.44 -10.67
C ASN C 61 -32.07 -34.51 -9.73
N PRO C 62 -32.53 -34.17 -8.52
CA PRO C 62 -32.73 -35.06 -7.39
C PRO C 62 -33.79 -36.16 -7.49
N SER C 63 -33.55 -37.09 -8.40
CA SER C 63 -34.33 -38.30 -8.56
C SER C 63 -33.56 -39.32 -7.73
N LEU C 64 -32.53 -39.95 -8.29
CA LEU C 64 -31.72 -40.86 -7.48
C LEU C 64 -30.63 -40.02 -6.83
N LYS C 65 -31.08 -39.18 -5.91
CA LYS C 65 -30.21 -38.20 -5.29
C LYS C 65 -29.04 -38.87 -4.62
N ASN C 66 -27.85 -38.39 -4.97
CA ASN C 66 -26.58 -38.86 -4.49
C ASN C 66 -26.28 -40.32 -4.82
N ARG C 67 -26.87 -40.85 -5.89
CA ARG C 67 -26.54 -42.21 -6.32
C ARG C 67 -25.60 -42.13 -7.52
N ILE C 68 -25.38 -40.91 -8.00
CA ILE C 68 -24.52 -40.67 -9.13
C ILE C 68 -23.43 -39.70 -8.75
N SER C 69 -22.19 -40.08 -9.05
CA SER C 69 -21.03 -39.27 -8.73
C SER C 69 -20.12 -39.09 -9.93
N ILE C 70 -19.56 -37.89 -10.07
CA ILE C 70 -18.70 -37.61 -11.21
C ILE C 70 -17.26 -37.37 -10.75
N THR C 71 -16.31 -38.08 -11.36
CA THR C 71 -14.88 -37.96 -11.05
C THR C 71 -14.05 -37.49 -12.23
N ARG C 72 -13.08 -36.60 -11.95
CA ARG C 72 -12.19 -36.11 -12.99
C ARG C 72 -10.75 -36.61 -12.83
N ASP C 73 -10.22 -37.24 -13.87
CA ASP C 73 -8.83 -37.69 -13.87
C ASP C 73 -7.96 -36.54 -14.35
N THR C 74 -6.66 -36.74 -14.44
CA THR C 74 -5.77 -35.66 -14.86
C THR C 74 -5.11 -35.92 -16.21
N SER C 75 -4.00 -36.63 -16.21
CA SER C 75 -3.22 -36.86 -17.44
C SER C 75 -3.94 -37.60 -18.56
N LYS C 76 -5.02 -38.30 -18.23
CA LYS C 76 -5.77 -39.03 -19.25
C LYS C 76 -6.97 -38.32 -19.86
N ASN C 77 -7.31 -37.07 -19.46
CA ASN C 77 -8.51 -36.43 -20.05
C ASN C 77 -9.74 -37.37 -19.95
N GLN C 78 -9.87 -37.98 -18.79
CA GLN C 78 -10.88 -38.99 -18.53
C GLN C 78 -11.86 -38.61 -17.41
N PHE C 79 -13.14 -38.59 -17.76
CA PHE C 79 -14.13 -38.28 -16.72
C PHE C 79 -14.91 -39.55 -16.43
N PHE C 80 -15.32 -39.72 -15.20
CA PHE C 80 -16.05 -40.93 -14.86
C PHE C 80 -17.42 -40.63 -14.29
N LEU C 81 -18.43 -41.34 -14.79
CA LEU C 81 -19.75 -41.25 -14.21
C LEU C 81 -20.06 -42.57 -13.53
N LYS C 82 -20.25 -42.52 -12.22
CA LYS C 82 -20.52 -43.74 -11.49
C LYS C 82 -21.96 -43.81 -11.09
N LEU C 83 -22.62 -44.89 -11.53
CA LEU C 83 -24.03 -45.15 -11.28
C LEU C 83 -24.24 -46.18 -10.20
N ASN C 84 -24.81 -45.80 -9.09
CA ASN C 84 -25.10 -46.76 -8.05
C ASN C 84 -26.59 -47.04 -8.11
N SER C 85 -27.01 -48.20 -7.62
CA SER C 85 -28.42 -48.54 -7.54
C SER C 85 -29.19 -48.33 -8.84
N VAL C 86 -28.65 -48.80 -9.97
CA VAL C 86 -29.34 -48.62 -11.23
C VAL C 86 -30.71 -49.28 -11.21
N THR C 87 -31.69 -48.59 -11.75
CA THR C 87 -33.04 -49.10 -11.79
C THR C 87 -33.39 -49.42 -13.22
N THR C 88 -34.55 -49.99 -13.47
CA THR C 88 -34.93 -50.30 -14.83
C THR C 88 -35.41 -49.06 -15.58
N GLU C 89 -35.47 -47.92 -14.89
CA GLU C 89 -35.86 -46.66 -15.52
C GLU C 89 -34.59 -45.96 -16.01
N ASP C 90 -33.42 -46.54 -15.74
CA ASP C 90 -32.14 -45.95 -16.09
C ASP C 90 -31.60 -46.54 -17.39
N ILE C 91 -32.45 -47.26 -18.09
CA ILE C 91 -32.03 -47.80 -19.36
C ILE C 91 -32.13 -46.66 -20.32
N ALA C 92 -30.98 -46.18 -20.73
CA ALA C 92 -30.86 -44.97 -21.50
C ALA C 92 -29.49 -44.89 -22.13
N THR C 93 -29.36 -43.93 -23.04
CA THR C 93 -28.12 -43.60 -23.67
C THR C 93 -27.37 -42.56 -22.85
N TYR C 94 -26.12 -42.84 -22.51
CA TYR C 94 -25.38 -41.89 -21.72
C TYR C 94 -24.15 -41.34 -22.44
N PHE C 95 -23.91 -40.05 -22.24
CA PHE C 95 -22.74 -39.38 -22.79
C PHE C 95 -22.39 -38.06 -22.13
N CYS C 96 -21.17 -37.60 -22.37
CA CYS C 96 -20.72 -36.30 -21.91
C CYS C 96 -20.81 -35.26 -22.99
N VAL C 97 -20.86 -33.99 -22.57
CA VAL C 97 -20.83 -32.81 -23.45
C VAL C 97 -19.83 -31.77 -22.92
N ARG C 98 -19.36 -30.84 -23.77
CA ARG C 98 -18.38 -29.84 -23.30
C ARG C 98 -18.79 -28.39 -23.46
N GLU C 99 -19.04 -27.69 -22.33
CA GLU C 99 -19.35 -26.25 -22.34
C GLU C 99 -19.60 -25.71 -20.91
N ASP C 100 -19.18 -24.45 -20.63
CA ASP C 100 -19.44 -23.72 -19.37
C ASP C 100 -20.61 -22.75 -19.55
N TYR C 101 -20.60 -22.13 -20.72
CA TYR C 101 -21.55 -21.13 -21.17
C TYR C 101 -22.91 -21.81 -21.19
N ASP C 102 -24.01 -21.14 -20.88
CA ASP C 102 -25.26 -21.91 -20.92
C ASP C 102 -25.65 -22.31 -22.35
N SER C 103 -25.13 -23.45 -22.76
CA SER C 103 -25.37 -24.04 -24.05
C SER C 103 -24.72 -25.41 -23.99
N PHE C 104 -24.92 -26.28 -24.97
CA PHE C 104 -24.08 -27.46 -24.93
C PHE C 104 -23.92 -28.02 -26.32
N ASP C 105 -22.83 -28.72 -26.52
CA ASP C 105 -22.56 -29.38 -27.79
C ASP C 105 -21.38 -30.32 -27.56
N TYR C 106 -20.94 -31.00 -28.62
CA TYR C 106 -19.85 -31.97 -28.53
C TYR C 106 -20.34 -33.10 -27.71
N TRP C 107 -21.41 -33.70 -28.17
CA TRP C 107 -22.03 -34.82 -27.50
C TRP C 107 -21.39 -36.13 -27.99
N GLY C 108 -21.58 -37.19 -27.20
CA GLY C 108 -20.96 -38.49 -27.48
C GLY C 108 -21.54 -39.22 -28.69
N GLN C 109 -21.09 -40.44 -28.93
CA GLN C 109 -21.52 -41.11 -30.16
C GLN C 109 -22.51 -42.24 -30.01
N GLY C 110 -23.10 -42.38 -28.83
CA GLY C 110 -24.08 -43.42 -28.58
C GLY C 110 -23.58 -44.50 -27.65
N THR C 111 -24.42 -44.76 -26.67
CA THR C 111 -24.22 -45.71 -25.59
C THR C 111 -25.52 -46.44 -25.36
N THR C 112 -25.48 -47.72 -25.07
CA THR C 112 -26.70 -48.44 -24.74
C THR C 112 -26.58 -49.19 -23.42
N LEU C 113 -27.02 -48.59 -22.32
CA LEU C 113 -26.91 -49.27 -21.02
C LEU C 113 -28.15 -50.05 -20.68
N THR C 114 -28.00 -51.35 -20.47
CA THR C 114 -29.18 -52.16 -20.19
C THR C 114 -29.17 -52.73 -18.80
N VAL C 115 -30.31 -52.62 -18.13
CA VAL C 115 -30.53 -53.17 -16.80
C VAL C 115 -31.59 -54.27 -16.97
N SER C 116 -31.24 -55.52 -16.73
CA SER C 116 -32.20 -56.59 -17.01
C SER C 116 -31.95 -57.89 -16.26
N SER C 117 -32.50 -58.96 -16.79
CA SER C 117 -32.40 -60.30 -16.23
C SER C 117 -31.22 -61.07 -16.83
N GLU D 1 -37.54 -27.24 -9.78
CA GLU D 1 -37.40 -26.28 -10.87
C GLU D 1 -38.51 -26.42 -11.91
N ILE D 2 -38.45 -25.59 -12.94
CA ILE D 2 -39.50 -25.60 -13.93
C ILE D 2 -39.12 -26.48 -15.09
N VAL D 3 -40.11 -26.79 -15.91
CA VAL D 3 -39.87 -27.56 -17.11
C VAL D 3 -40.40 -26.78 -18.29
N LEU D 4 -39.59 -26.59 -19.31
CA LEU D 4 -40.04 -25.87 -20.47
C LEU D 4 -41.04 -26.70 -21.25
N THR D 5 -42.14 -26.09 -21.67
CA THR D 5 -43.10 -26.85 -22.47
C THR D 5 -43.08 -26.38 -23.90
N GLN D 6 -43.73 -27.14 -24.78
CA GLN D 6 -43.74 -26.82 -26.21
C GLN D 6 -45.09 -27.11 -26.86
N SER D 7 -45.48 -26.36 -27.90
CA SER D 7 -46.74 -26.70 -28.56
C SER D 7 -46.71 -27.43 -29.93
N PRO D 8 -45.78 -27.18 -30.88
CA PRO D 8 -45.81 -27.82 -32.20
C PRO D 8 -45.22 -29.22 -32.16
N ALA D 9 -45.83 -30.10 -31.40
CA ALA D 9 -45.25 -31.43 -31.21
C ALA D 9 -44.93 -32.14 -32.50
N ILE D 10 -45.90 -32.24 -33.42
CA ILE D 10 -45.66 -32.92 -34.68
C ILE D 10 -46.22 -32.15 -35.87
N MET D 11 -45.40 -31.87 -36.87
CA MET D 11 -45.92 -31.19 -38.06
C MET D 11 -45.48 -31.83 -39.39
N SER D 12 -46.44 -32.01 -40.28
CA SER D 12 -46.16 -32.50 -41.64
C SER D 12 -45.81 -31.28 -42.49
N ALA D 13 -44.70 -30.67 -42.15
CA ALA D 13 -44.20 -29.47 -42.78
C ALA D 13 -43.46 -29.85 -44.05
N PHE D 14 -43.46 -28.94 -45.02
CA PHE D 14 -42.76 -29.20 -46.25
C PHE D 14 -41.68 -28.17 -46.56
N PRO D 15 -40.65 -28.56 -47.35
CA PRO D 15 -39.63 -27.66 -47.83
C PRO D 15 -40.34 -26.51 -48.49
N GLY D 16 -39.80 -25.31 -48.29
CA GLY D 16 -40.38 -24.09 -48.80
C GLY D 16 -41.31 -23.37 -47.82
N GLU D 17 -41.84 -24.06 -46.81
CA GLU D 17 -42.77 -23.45 -45.86
C GLU D 17 -42.07 -22.75 -44.70
N LYS D 18 -42.74 -21.77 -44.10
CA LYS D 18 -42.21 -21.08 -42.90
C LYS D 18 -42.71 -21.81 -41.66
N VAL D 19 -41.79 -22.15 -40.76
CA VAL D 19 -42.14 -22.91 -39.56
C VAL D 19 -41.54 -22.39 -38.26
N THR D 20 -42.33 -22.34 -37.20
CA THR D 20 -41.75 -21.92 -35.93
C THR D 20 -41.79 -23.02 -34.89
N MET D 21 -40.68 -23.15 -34.18
CA MET D 21 -40.53 -24.06 -33.04
C MET D 21 -40.63 -23.20 -31.80
N THR D 22 -41.34 -23.65 -30.80
CA THR D 22 -41.47 -22.80 -29.61
C THR D 22 -41.19 -23.48 -28.31
N CYS D 23 -41.14 -22.65 -27.25
CA CYS D 23 -41.09 -23.07 -25.85
C CYS D 23 -41.72 -22.07 -24.91
N SER D 24 -42.00 -22.55 -23.71
CA SER D 24 -42.56 -21.71 -22.67
C SER D 24 -42.17 -22.12 -21.25
N ALA D 25 -41.74 -21.12 -20.48
CA ALA D 25 -41.30 -21.31 -19.11
C ALA D 25 -42.35 -20.91 -18.09
N SER D 26 -42.30 -21.55 -16.94
CA SER D 26 -43.20 -21.23 -15.82
C SER D 26 -42.64 -20.13 -14.92
N SER D 27 -41.42 -19.72 -15.19
CA SER D 27 -40.74 -18.66 -14.44
C SER D 27 -39.77 -18.04 -15.40
N SER D 28 -39.35 -16.81 -15.14
CA SER D 28 -38.42 -16.14 -16.04
C SER D 28 -37.14 -16.93 -16.21
N VAL D 29 -36.68 -16.97 -17.46
CA VAL D 29 -35.44 -17.65 -17.78
C VAL D 29 -34.45 -16.65 -18.33
N SER D 30 -34.97 -15.80 -19.22
CA SER D 30 -34.20 -14.80 -19.96
C SER D 30 -33.12 -15.39 -20.85
N TYR D 31 -33.28 -16.66 -21.21
CA TYR D 31 -32.32 -17.32 -22.05
C TYR D 31 -32.84 -18.59 -22.75
N ILE D 32 -32.44 -18.80 -23.99
CA ILE D 32 -32.72 -20.10 -24.61
C ILE D 32 -31.61 -20.60 -25.54
N HIS D 33 -31.47 -21.92 -25.56
CA HIS D 33 -30.59 -22.63 -26.46
C HIS D 33 -31.42 -23.63 -27.28
N TRP D 34 -31.14 -23.72 -28.60
CA TRP D 34 -31.83 -24.66 -29.50
C TRP D 34 -30.92 -25.75 -30.00
N TYR D 35 -31.13 -26.93 -29.46
CA TYR D 35 -30.30 -28.09 -29.69
C TYR D 35 -30.84 -28.98 -30.78
N GLN D 36 -29.91 -29.49 -31.58
CA GLN D 36 -30.25 -30.36 -32.69
C GLN D 36 -29.59 -31.70 -32.65
N GLN D 37 -30.42 -32.72 -32.75
CA GLN D 37 -29.97 -34.09 -32.82
C GLN D 37 -30.96 -34.94 -33.58
N LYS D 38 -30.46 -35.66 -34.58
CA LYS D 38 -31.29 -36.58 -35.33
C LYS D 38 -31.18 -37.88 -34.59
N SER D 39 -32.24 -38.66 -34.54
CA SER D 39 -32.20 -39.91 -33.80
C SER D 39 -31.18 -40.93 -34.26
N GLY D 40 -30.80 -40.91 -35.53
CA GLY D 40 -29.84 -41.87 -36.03
C GLY D 40 -28.44 -41.33 -36.35
N THR D 41 -28.14 -40.08 -35.97
CA THR D 41 -26.83 -39.53 -36.36
C THR D 41 -26.22 -38.46 -35.46
N SER D 42 -25.18 -37.78 -35.95
CA SER D 42 -24.33 -36.85 -35.16
C SER D 42 -24.20 -35.34 -35.50
N PRO D 43 -25.29 -34.58 -35.81
CA PRO D 43 -25.30 -33.15 -36.12
C PRO D 43 -25.12 -32.31 -34.87
N LYS D 44 -24.86 -31.02 -35.07
CA LYS D 44 -24.72 -30.03 -33.99
C LYS D 44 -25.89 -29.06 -33.92
N ARG D 45 -25.95 -28.32 -32.79
CA ARG D 45 -27.00 -27.36 -32.45
C ARG D 45 -27.30 -26.27 -33.49
N TRP D 46 -28.47 -25.63 -33.37
CA TRP D 46 -28.83 -24.57 -34.30
C TRP D 46 -28.50 -23.17 -33.77
N ILE D 47 -29.07 -22.87 -32.61
CA ILE D 47 -29.00 -21.52 -32.05
C ILE D 47 -28.53 -21.48 -30.62
N TYR D 48 -27.67 -20.51 -30.33
CA TYR D 48 -27.21 -20.35 -28.97
C TYR D 48 -27.28 -18.88 -28.65
N ASP D 49 -27.26 -18.54 -27.37
CA ASP D 49 -27.36 -17.15 -26.93
C ASP D 49 -28.68 -16.52 -27.43
N THR D 50 -29.79 -17.28 -27.34
CA THR D 50 -31.15 -16.88 -27.73
C THR D 50 -31.29 -16.68 -29.23
N SER D 51 -30.48 -15.83 -29.82
CA SER D 51 -30.54 -15.69 -31.26
C SER D 51 -29.19 -15.36 -31.86
N LYS D 52 -28.49 -16.41 -32.26
CA LYS D 52 -27.18 -16.37 -32.87
C LYS D 52 -26.93 -17.70 -33.56
N LEU D 53 -26.54 -17.65 -34.83
CA LEU D 53 -26.29 -18.88 -35.57
C LEU D 53 -25.11 -19.65 -35.03
N ALA D 54 -25.29 -20.94 -34.78
CA ALA D 54 -24.19 -21.79 -34.38
C ALA D 54 -23.34 -22.05 -35.60
N SER D 55 -22.08 -22.39 -35.40
CA SER D 55 -21.23 -22.68 -36.54
C SER D 55 -21.85 -23.69 -37.48
N GLY D 56 -21.83 -23.37 -38.78
CA GLY D 56 -22.37 -24.22 -39.84
C GLY D 56 -23.88 -24.10 -40.09
N VAL D 57 -24.56 -23.27 -39.32
CA VAL D 57 -25.99 -23.12 -39.47
C VAL D 57 -26.36 -22.08 -40.52
N PRO D 58 -27.26 -22.39 -41.46
CA PRO D 58 -27.73 -21.49 -42.48
C PRO D 58 -28.66 -20.46 -41.91
N ALA D 59 -28.76 -19.34 -42.63
CA ALA D 59 -29.61 -18.18 -42.39
C ALA D 59 -31.05 -18.51 -42.06
N ARG D 60 -31.52 -19.66 -42.51
CA ARG D 60 -32.89 -20.06 -42.27
C ARG D 60 -33.26 -20.07 -40.81
N PHE D 61 -32.30 -20.37 -39.93
CA PHE D 61 -32.60 -20.47 -38.52
C PHE D 61 -32.38 -19.16 -37.79
N SER D 62 -33.44 -18.61 -37.22
CA SER D 62 -33.36 -17.33 -36.53
C SER D 62 -34.06 -17.39 -35.19
N GLY D 63 -33.32 -17.21 -34.12
CA GLY D 63 -33.91 -17.34 -32.79
C GLY D 63 -34.58 -16.06 -32.30
N SER D 64 -35.41 -16.21 -31.29
CA SER D 64 -36.06 -15.10 -30.63
C SER D 64 -36.57 -15.43 -29.25
N GLY D 65 -37.23 -14.46 -28.64
CA GLY D 65 -37.82 -14.62 -27.32
C GLY D 65 -37.11 -13.88 -26.19
N SER D 66 -37.83 -13.82 -25.08
CA SER D 66 -37.39 -13.15 -23.87
C SER D 66 -38.24 -13.63 -22.70
N GLY D 67 -37.82 -13.32 -21.47
CA GLY D 67 -38.67 -13.67 -20.35
C GLY D 67 -38.90 -15.18 -20.26
N THR D 68 -40.16 -15.55 -20.50
CA THR D 68 -40.67 -16.91 -20.47
C THR D 68 -41.15 -17.42 -21.83
N SER D 69 -41.08 -16.58 -22.86
CA SER D 69 -41.62 -16.94 -24.18
C SER D 69 -40.55 -16.98 -25.26
N TYR D 70 -40.29 -18.18 -25.77
CA TYR D 70 -39.22 -18.34 -26.72
C TYR D 70 -39.53 -19.06 -28.00
N SER D 71 -38.75 -18.75 -29.03
CA SER D 71 -38.95 -19.41 -30.30
C SER D 71 -37.75 -19.46 -31.23
N LEU D 72 -37.88 -20.36 -32.20
CA LEU D 72 -36.97 -20.52 -33.30
C LEU D 72 -37.73 -20.48 -34.60
N THR D 73 -37.42 -19.51 -35.43
CA THR D 73 -38.11 -19.40 -36.69
C THR D 73 -37.27 -19.99 -37.77
N ILE D 74 -37.88 -20.85 -38.54
CA ILE D 74 -37.22 -21.47 -39.63
C ILE D 74 -37.83 -20.80 -40.86
N SER D 75 -37.01 -20.10 -41.62
CA SER D 75 -37.54 -19.44 -42.81
C SER D 75 -37.89 -20.53 -43.78
N SER D 76 -38.21 -20.18 -45.01
CA SER D 76 -38.67 -21.22 -45.93
C SER D 76 -37.72 -22.40 -45.83
N MET D 77 -38.28 -23.56 -45.43
CA MET D 77 -37.54 -24.78 -45.12
C MET D 77 -36.70 -25.43 -46.19
N GLU D 78 -35.61 -26.00 -45.71
CA GLU D 78 -34.64 -26.82 -46.41
C GLU D 78 -35.12 -28.25 -46.43
N ALA D 79 -34.63 -29.00 -47.38
CA ALA D 79 -35.00 -30.40 -47.47
C ALA D 79 -34.72 -31.15 -46.16
N GLU D 80 -33.66 -30.79 -45.44
CA GLU D 80 -33.33 -31.48 -44.20
C GLU D 80 -33.85 -30.79 -42.94
N ASP D 81 -34.75 -29.82 -43.07
CA ASP D 81 -35.23 -29.15 -41.86
C ASP D 81 -36.26 -30.01 -41.13
N ALA D 82 -36.72 -31.09 -41.76
CA ALA D 82 -37.70 -31.95 -41.14
C ALA D 82 -37.01 -32.81 -40.08
N ALA D 83 -36.71 -32.18 -38.94
CA ALA D 83 -35.94 -32.73 -37.85
C ALA D 83 -36.58 -32.46 -36.48
N THR D 84 -35.98 -33.03 -35.43
CA THR D 84 -36.48 -32.81 -34.08
C THR D 84 -35.63 -31.75 -33.41
N TYR D 85 -36.30 -30.76 -32.85
CA TYR D 85 -35.68 -29.61 -32.21
C TYR D 85 -35.90 -29.66 -30.71
N TYR D 86 -34.89 -29.22 -29.94
CA TYR D 86 -35.07 -29.19 -28.51
C TYR D 86 -34.69 -27.86 -27.89
N CYS D 87 -35.45 -27.45 -26.91
CA CYS D 87 -35.10 -26.25 -26.18
C CYS D 87 -34.21 -26.66 -25.04
N HIS D 88 -33.39 -25.74 -24.57
CA HIS D 88 -32.57 -25.96 -23.39
C HIS D 88 -32.30 -24.72 -22.53
N GLN D 89 -32.33 -24.96 -21.22
CA GLN D 89 -32.06 -24.03 -20.11
C GLN D 89 -31.15 -24.62 -19.01
N TRP D 90 -30.04 -23.94 -18.70
CA TRP D 90 -29.09 -24.35 -17.66
C TRP D 90 -28.83 -23.20 -16.68
N THR D 91 -29.92 -22.54 -16.29
CA THR D 91 -29.92 -21.37 -15.42
C THR D 91 -30.20 -21.74 -13.96
N SER D 92 -30.27 -23.04 -13.69
CA SER D 92 -30.55 -23.62 -12.38
C SER D 92 -29.76 -24.92 -12.21
N ASN D 93 -29.88 -25.56 -11.05
CA ASN D 93 -29.08 -26.75 -10.76
C ASN D 93 -29.23 -27.96 -11.71
N PRO D 94 -30.45 -28.39 -12.13
CA PRO D 94 -30.69 -29.40 -13.14
C PRO D 94 -30.65 -28.73 -14.49
N ALA D 95 -30.37 -29.47 -15.56
CA ALA D 95 -30.63 -28.87 -16.85
C ALA D 95 -32.06 -29.14 -17.22
N THR D 96 -32.67 -28.18 -17.89
CA THR D 96 -34.02 -28.30 -18.37
C THR D 96 -34.07 -28.32 -19.87
N PHE D 97 -34.81 -29.28 -20.37
CA PHE D 97 -34.92 -29.45 -21.81
C PHE D 97 -36.38 -29.39 -22.20
N GLY D 98 -36.64 -29.00 -23.45
CA GLY D 98 -37.99 -29.05 -23.97
C GLY D 98 -38.29 -30.50 -24.27
N GLY D 99 -39.57 -30.89 -24.33
CA GLY D 99 -39.97 -32.28 -24.64
C GLY D 99 -39.55 -32.76 -26.04
N GLY D 100 -39.32 -31.83 -26.94
CA GLY D 100 -38.91 -32.11 -28.28
C GLY D 100 -40.08 -31.98 -29.24
N THR D 101 -39.85 -31.22 -30.29
CA THR D 101 -40.88 -31.01 -31.30
C THR D 101 -40.32 -31.42 -32.63
N LYS D 102 -41.15 -32.00 -33.48
CA LYS D 102 -40.59 -32.43 -34.74
C LYS D 102 -41.38 -32.16 -35.98
N LEU D 103 -40.61 -32.00 -37.02
CA LEU D 103 -41.14 -31.88 -38.34
C LEU D 103 -40.88 -33.22 -39.01
N GLU D 104 -41.80 -33.65 -39.87
CA GLU D 104 -41.63 -34.92 -40.59
C GLU D 104 -41.82 -34.79 -42.09
N ILE D 105 -41.61 -35.92 -42.80
CA ILE D 105 -41.77 -35.97 -44.26
C ILE D 105 -42.76 -37.05 -44.69
N LYS D 106 -43.77 -36.64 -45.45
CA LYS D 106 -44.75 -37.58 -45.99
C LYS D 106 -45.34 -36.99 -47.26
N ALA D 107 -45.41 -37.78 -48.31
CA ALA D 107 -45.98 -37.31 -49.56
C ALA D 107 -46.48 -38.49 -50.37
N GLU E 1 38.97 4.20 43.48
CA GLU E 1 38.84 5.10 42.34
C GLU E 1 39.54 4.54 41.12
N VAL E 2 39.14 5.02 39.95
CA VAL E 2 39.79 4.56 38.72
C VAL E 2 41.25 5.02 38.72
N GLN E 3 42.16 4.13 38.36
CA GLN E 3 43.58 4.46 38.36
C GLN E 3 44.40 3.93 37.19
N LEU E 4 45.53 4.60 36.98
CA LEU E 4 46.59 4.16 36.09
C LEU E 4 47.87 4.13 36.92
N GLN E 5 48.46 2.94 37.07
CA GLN E 5 49.66 2.79 37.92
C GLN E 5 50.90 2.46 37.10
N GLN E 6 51.75 3.47 36.91
CA GLN E 6 52.89 3.32 36.05
C GLN E 6 54.11 2.73 36.77
N SER E 7 54.89 1.95 36.02
CA SER E 7 56.11 1.35 36.53
C SER E 7 57.18 2.40 36.82
N GLY E 8 58.19 2.03 37.62
CA GLY E 8 59.23 2.99 38.01
C GLY E 8 60.34 3.24 37.00
N ALA E 9 61.24 4.16 37.38
CA ALA E 9 62.37 4.66 36.61
C ALA E 9 63.51 3.66 36.53
N GLU E 10 64.39 3.84 35.54
CA GLU E 10 65.55 2.94 35.36
C GLU E 10 66.73 3.63 34.66
N LEU E 11 67.93 3.08 34.84
CA LEU E 11 69.15 3.58 34.19
C LEU E 11 69.71 2.55 33.20
N MET E 12 70.05 2.99 31.99
CA MET E 12 70.57 2.11 30.95
C MET E 12 71.68 2.72 30.10
N LYS E 13 72.32 1.86 29.31
CA LYS E 13 73.39 2.26 28.40
C LYS E 13 72.84 2.35 26.97
N PRO E 14 73.43 3.14 26.07
CA PRO E 14 72.98 3.24 24.70
C PRO E 14 73.01 1.89 24.03
N GLY E 15 71.96 1.62 23.25
CA GLY E 15 71.78 0.38 22.55
C GLY E 15 70.72 -0.46 23.27
N ALA E 16 70.48 -0.11 24.52
CA ALA E 16 69.52 -0.77 25.39
C ALA E 16 68.09 -0.61 24.95
N SER E 17 67.27 -1.55 25.43
CA SER E 17 65.84 -1.53 25.24
C SER E 17 65.18 -1.60 26.59
N VAL E 18 63.96 -1.11 26.66
CA VAL E 18 63.21 -1.19 27.87
C VAL E 18 61.74 -1.39 27.57
N LYS E 19 61.11 -2.21 28.35
CA LYS E 19 59.69 -2.36 28.24
C LYS E 19 59.17 -1.71 29.49
N ILE E 20 58.27 -0.77 29.33
CA ILE E 20 57.73 -0.07 30.48
C ILE E 20 56.24 -0.30 30.45
N SER E 21 55.58 -0.13 31.57
CA SER E 21 54.15 -0.40 31.56
C SER E 21 53.36 0.47 32.48
N CYS E 22 52.05 0.36 32.32
CA CYS E 22 51.14 1.17 33.12
C CYS E 22 49.80 0.46 33.32
N LYS E 23 49.62 -0.02 34.54
CA LYS E 23 48.49 -0.84 34.97
C LYS E 23 47.16 -0.16 35.00
N ALA E 24 46.15 -0.81 34.42
CA ALA E 24 44.83 -0.26 34.45
C ALA E 24 44.00 -0.89 35.54
N THR E 25 43.24 -0.07 36.24
CA THR E 25 42.31 -0.63 37.21
C THR E 25 41.11 0.27 37.45
N GLY E 26 39.99 -0.37 37.80
CA GLY E 26 38.77 0.36 38.10
C GLY E 26 37.93 0.67 36.85
N TYR E 27 38.37 0.19 35.70
CA TYR E 27 37.66 0.43 34.45
C TYR E 27 37.95 -0.73 33.52
N THR E 28 37.22 -0.81 32.41
CA THR E 28 37.48 -1.88 31.47
C THR E 28 38.67 -1.50 30.60
N PHE E 29 39.76 -2.23 30.76
CA PHE E 29 41.01 -2.00 30.06
C PHE E 29 40.80 -1.99 28.56
N SER E 30 40.14 -3.05 28.11
CA SER E 30 39.84 -3.31 26.73
C SER E 30 38.95 -2.29 26.02
N THR E 31 38.33 -1.35 26.74
CA THR E 31 37.43 -0.39 26.11
C THR E 31 38.06 0.91 25.64
N TYR E 32 39.24 1.28 26.12
CA TYR E 32 39.73 2.61 25.72
C TYR E 32 40.95 2.53 24.86
N TRP E 33 41.10 3.49 23.97
CA TRP E 33 42.37 3.61 23.31
C TRP E 33 43.36 4.08 24.35
N ILE E 34 44.52 3.47 24.41
CA ILE E 34 45.54 3.88 25.36
C ILE E 34 46.64 4.57 24.62
N GLU E 35 46.90 5.80 24.99
CA GLU E 35 47.93 6.58 24.34
C GLU E 35 49.24 6.51 25.05
N TRP E 36 50.31 6.67 24.29
CA TRP E 36 51.59 6.89 24.88
C TRP E 36 52.18 8.18 24.35
N ILE E 37 52.58 9.01 25.31
CA ILE E 37 53.20 10.30 25.01
C ILE E 37 54.46 10.39 25.82
N LYS E 38 55.30 11.35 25.49
CA LYS E 38 56.52 11.56 26.24
C LYS E 38 56.88 13.04 26.42
N GLN E 39 57.52 13.38 27.54
CA GLN E 39 58.02 14.73 27.68
C GLN E 39 59.53 14.78 27.65
N ARG E 40 60.03 15.57 26.72
CA ARG E 40 61.45 15.72 26.49
C ARG E 40 62.05 16.86 27.29
N PRO E 41 63.34 16.78 27.67
CA PRO E 41 64.05 17.72 28.51
C PRO E 41 64.33 19.06 27.86
N GLY E 42 63.26 19.82 27.66
CA GLY E 42 63.32 21.14 27.06
C GLY E 42 62.77 21.16 25.64
N HIS E 43 61.98 20.16 25.27
CA HIS E 43 61.43 20.17 23.91
C HIS E 43 59.92 20.02 23.86
N GLY E 44 59.28 20.14 25.01
CA GLY E 44 57.83 19.97 25.12
C GLY E 44 57.43 18.50 25.05
N LEU E 45 56.20 18.27 24.64
CA LEU E 45 55.63 16.93 24.59
C LEU E 45 55.57 16.40 23.20
N GLU E 46 55.67 15.09 23.09
CA GLU E 46 55.55 14.40 21.83
C GLU E 46 54.66 13.19 21.98
N TRP E 47 53.92 12.89 20.94
CA TRP E 47 53.13 11.67 20.90
C TRP E 47 54.04 10.59 20.36
N ILE E 48 54.00 9.37 20.90
CA ILE E 48 54.85 8.34 20.32
C ILE E 48 54.09 7.16 19.73
N GLY E 49 52.87 6.94 20.17
CA GLY E 49 52.10 5.84 19.64
C GLY E 49 50.92 5.49 20.52
N ASP E 50 50.17 4.47 20.11
CA ASP E 50 49.03 4.04 20.92
C ASP E 50 48.61 2.61 20.61
N ILE E 51 47.62 2.13 21.36
CA ILE E 51 47.04 0.81 21.15
C ILE E 51 45.62 0.71 21.62
N LEU E 52 44.83 -0.07 20.92
CA LEU E 52 43.52 -0.37 21.43
C LEU E 52 43.63 -1.75 22.07
N PRO E 53 43.68 -1.89 23.41
CA PRO E 53 43.91 -3.13 24.13
C PRO E 53 42.82 -4.17 23.87
N GLY E 54 41.67 -3.69 23.41
CA GLY E 54 40.57 -4.57 23.08
C GLY E 54 40.70 -5.10 21.66
N SER E 55 41.84 -4.85 21.03
CA SER E 55 42.07 -5.26 19.67
C SER E 55 43.56 -5.51 19.40
N GLY E 56 43.87 -5.66 18.12
CA GLY E 56 45.23 -5.94 17.64
C GLY E 56 45.82 -4.77 16.86
N THR E 57 45.25 -3.58 17.03
CA THR E 57 45.69 -2.42 16.26
C THR E 57 46.41 -1.35 17.07
N THR E 58 47.53 -0.90 16.49
CA THR E 58 48.38 0.15 17.05
C THR E 58 48.73 1.24 16.05
N ASN E 59 49.14 2.38 16.60
CA ASN E 59 49.58 3.52 15.81
C ASN E 59 50.96 3.92 16.24
N TYR E 60 51.71 4.55 15.32
CA TYR E 60 53.04 5.01 15.69
C TYR E 60 53.39 6.40 15.21
N ASN E 61 54.31 7.01 15.92
CA ASN E 61 54.95 8.22 15.48
C ASN E 61 55.94 7.79 14.45
N GLU E 62 55.79 8.30 13.24
CA GLU E 62 56.61 7.91 12.10
C GLU E 62 58.10 7.86 12.48
N LYS E 63 58.56 8.79 13.30
CA LYS E 63 59.97 8.87 13.67
C LYS E 63 60.50 7.59 14.30
N PHE E 64 59.62 6.84 14.96
CA PHE E 64 59.98 5.64 15.66
C PHE E 64 59.34 4.42 15.04
N LYS E 65 58.76 4.55 13.86
CA LYS E 65 58.04 3.43 13.26
C LYS E 65 58.94 2.20 13.12
N GLY E 66 60.20 2.40 12.80
CA GLY E 66 61.15 1.32 12.64
C GLY E 66 61.97 1.05 13.91
N ARG E 67 61.60 1.68 15.04
CA ARG E 67 62.38 1.55 16.26
C ARG E 67 61.57 1.07 17.47
N ALA E 68 60.36 1.60 17.65
CA ALA E 68 59.53 1.33 18.83
C ALA E 68 58.24 0.59 18.46
N THR E 69 57.70 -0.16 19.41
CA THR E 69 56.42 -0.84 19.22
C THR E 69 55.50 -0.58 20.42
N VAL E 70 54.21 -0.89 20.30
CA VAL E 70 53.27 -0.71 21.41
C VAL E 70 52.49 -2.00 21.60
N THR E 71 52.31 -2.44 22.85
CA THR E 71 51.54 -3.65 23.04
C THR E 71 50.59 -3.59 24.24
N ALA E 72 49.90 -4.70 24.45
CA ALA E 72 48.93 -4.83 25.53
C ALA E 72 48.74 -6.28 25.86
N ASP E 73 48.33 -6.55 27.08
CA ASP E 73 48.04 -7.93 27.46
C ASP E 73 46.82 -7.96 28.37
N ARG E 74 45.76 -8.55 27.84
CA ARG E 74 44.44 -8.64 28.47
C ARG E 74 44.45 -9.45 29.77
N SER E 75 45.51 -10.22 29.99
CA SER E 75 45.62 -11.00 31.22
C SER E 75 46.01 -10.09 32.38
N SER E 76 47.13 -9.37 32.22
CA SER E 76 47.58 -8.46 33.26
C SER E 76 46.85 -7.13 33.23
N ASN E 77 46.21 -6.81 32.10
CA ASN E 77 45.47 -5.59 31.90
C ASN E 77 46.29 -4.33 32.14
N THR E 78 47.50 -4.33 31.63
CA THR E 78 48.32 -3.15 31.76
C THR E 78 48.69 -2.74 30.35
N ALA E 79 49.05 -1.50 30.18
CA ALA E 79 49.53 -1.01 28.90
C ALA E 79 51.02 -1.20 28.81
N TYR E 80 51.56 -1.42 27.61
CA TYR E 80 53.02 -1.49 27.52
C TYR E 80 53.58 -0.64 26.38
N MET E 81 54.71 0.01 26.65
CA MET E 81 55.43 0.72 25.61
C MET E 81 56.75 -0.01 25.41
N GLN E 82 57.10 -0.31 24.17
CA GLN E 82 58.34 -1.02 23.90
C GLN E 82 59.34 -0.15 23.16
N LEU E 83 60.43 0.18 23.84
CA LEU E 83 61.43 1.08 23.30
C LEU E 83 62.72 0.29 23.09
N SER E 84 63.43 0.50 21.98
CA SER E 84 64.67 -0.26 21.75
C SER E 84 65.72 0.49 20.98
N SER E 85 66.96 -0.02 21.03
CA SER E 85 68.12 0.58 20.37
C SER E 85 68.14 2.05 20.72
N LEU E 86 68.04 2.34 22.02
CA LEU E 86 67.91 3.69 22.52
C LEU E 86 69.18 4.45 22.73
N THR E 87 69.04 5.76 22.65
CA THR E 87 70.09 6.72 22.92
C THR E 87 69.69 7.78 23.93
N SER E 88 70.57 8.74 24.16
CA SER E 88 70.30 9.76 25.16
C SER E 88 69.09 10.64 24.86
N GLU E 89 68.76 10.82 23.59
CA GLU E 89 67.63 11.66 23.25
C GLU E 89 66.32 10.92 23.31
N ASP E 90 66.37 9.65 23.65
CA ASP E 90 65.15 8.88 23.76
C ASP E 90 64.75 8.86 25.22
N SER E 91 65.55 9.53 26.05
CA SER E 91 65.27 9.58 27.45
C SER E 91 64.25 10.68 27.67
N ALA E 92 63.09 10.30 28.11
CA ALA E 92 61.96 11.19 28.29
C ALA E 92 61.04 10.56 29.29
N VAL E 93 60.12 11.33 29.85
CA VAL E 93 59.15 10.68 30.71
C VAL E 93 57.96 10.25 29.90
N TYR E 94 57.65 8.97 29.97
CA TYR E 94 56.57 8.42 29.19
C TYR E 94 55.33 8.29 30.04
N TYR E 95 54.17 8.50 29.41
CA TYR E 95 52.85 8.39 30.04
C TYR E 95 51.86 7.54 29.29
N CYS E 96 51.04 6.79 30.02
CA CYS E 96 49.93 5.98 29.47
C CYS E 96 48.63 6.78 29.64
N ALA E 97 47.49 6.35 29.06
CA ALA E 97 46.24 7.14 29.21
C ALA E 97 44.90 6.41 29.13
N ARG E 98 43.86 7.07 29.69
CA ARG E 98 42.43 6.69 29.63
C ARG E 98 41.59 7.42 28.55
N TRP E 99 40.27 7.15 28.59
CA TRP E 99 39.22 7.60 27.68
C TRP E 99 39.35 8.95 27.04
N GLY E 100 39.42 8.96 25.73
CA GLY E 100 39.40 10.24 25.04
C GLY E 100 40.62 11.08 25.40
N TRP E 101 41.76 10.45 25.73
CA TRP E 101 42.94 11.22 26.13
C TRP E 101 42.57 11.99 27.39
N ASP E 102 42.01 11.25 28.34
CA ASP E 102 41.47 11.73 29.61
C ASP E 102 42.55 12.42 30.43
N SER E 103 42.20 12.93 31.61
CA SER E 103 43.19 13.57 32.49
C SER E 103 43.88 12.49 33.29
N TYR E 104 43.32 11.31 33.22
CA TYR E 104 43.99 10.20 33.82
C TYR E 104 45.05 9.73 32.84
N TRP E 105 46.29 9.77 33.33
CA TRP E 105 47.48 9.39 32.59
C TRP E 105 48.40 8.68 33.56
N GLY E 106 49.53 8.23 33.06
CA GLY E 106 50.51 7.63 33.94
C GLY E 106 51.13 8.76 34.75
N GLN E 107 52.23 8.50 35.42
CA GLN E 107 52.82 9.53 36.28
C GLN E 107 53.97 10.24 35.57
N GLY E 108 54.58 9.53 34.64
CA GLY E 108 55.73 9.97 33.89
C GLY E 108 56.93 9.20 34.37
N THR E 109 57.37 8.28 33.54
CA THR E 109 58.50 7.46 33.93
C THR E 109 59.67 7.63 33.01
N LEU E 110 60.77 7.97 33.63
CA LEU E 110 62.00 8.22 32.92
C LEU E 110 62.96 7.06 32.96
N VAL E 111 63.52 6.78 31.82
CA VAL E 111 64.62 5.85 31.72
C VAL E 111 65.75 6.68 31.15
N THR E 112 66.85 6.72 31.86
CA THR E 112 68.02 7.47 31.43
C THR E 112 68.90 6.58 30.63
N VAL E 113 69.30 7.03 29.46
CA VAL E 113 70.19 6.26 28.64
C VAL E 113 71.45 7.08 28.48
N SER E 114 72.57 6.55 28.94
CA SER E 114 73.79 7.34 28.89
C SER E 114 75.05 6.49 29.00
N SER E 115 76.18 7.13 28.73
CA SER E 115 77.50 6.53 28.84
C SER E 115 77.66 5.83 30.18
N ASP F 1 54.78 17.48 7.48
CA ASP F 1 53.44 16.96 7.75
C ASP F 1 52.60 18.08 8.38
N ILE F 2 51.57 17.72 9.11
CA ILE F 2 50.81 18.73 9.84
C ILE F 2 51.41 18.88 11.21
N GLU F 3 51.76 20.12 11.55
CA GLU F 3 52.39 20.44 12.81
C GLU F 3 51.69 21.58 13.51
N MET F 4 51.79 21.61 14.84
CA MET F 4 51.17 22.65 15.64
C MET F 4 52.19 23.59 16.27
N THR F 5 52.02 24.87 16.02
CA THR F 5 52.92 25.87 16.54
C THR F 5 52.21 26.83 17.47
N GLN F 6 52.77 27.01 18.65
CA GLN F 6 52.22 27.93 19.64
C GLN F 6 52.84 29.28 19.42
N SER F 7 52.02 30.33 19.47
CA SER F 7 52.53 31.67 19.25
C SER F 7 53.20 32.32 20.47
N PRO F 8 52.68 32.15 21.70
CA PRO F 8 53.28 32.68 22.90
C PRO F 8 54.58 31.98 23.15
N SER F 9 55.45 32.64 23.89
CA SER F 9 56.66 32.03 24.38
C SER F 9 56.45 31.97 25.88
N SER F 10 56.91 32.98 26.59
CA SER F 10 56.69 33.09 28.02
C SER F 10 55.75 34.25 28.31
N LEU F 11 54.61 33.93 28.87
CA LEU F 11 53.59 34.93 29.16
C LEU F 11 53.51 35.19 30.62
N SER F 12 53.10 36.39 30.97
CA SER F 12 52.88 36.65 32.37
C SER F 12 51.82 37.69 32.59
N ALA F 13 51.16 37.55 33.72
CA ALA F 13 50.17 38.53 34.16
C ALA F 13 49.95 38.40 35.64
N SER F 14 49.50 39.47 36.27
CA SER F 14 49.18 39.46 37.69
C SER F 14 48.06 38.50 37.99
N LEU F 15 48.06 37.96 39.19
CA LEU F 15 46.96 37.08 39.54
C LEU F 15 45.70 37.92 39.52
N GLY F 16 44.62 37.29 39.07
CA GLY F 16 43.31 37.88 38.92
C GLY F 16 43.10 38.42 37.49
N ASP F 17 44.18 38.48 36.70
CA ASP F 17 44.10 39.00 35.34
C ASP F 17 43.63 37.93 34.36
N ARG F 18 43.54 38.29 33.07
CA ARG F 18 43.09 37.35 32.06
C ARG F 18 44.12 37.20 30.97
N VAL F 19 44.42 35.95 30.65
CA VAL F 19 45.36 35.69 29.59
C VAL F 19 44.81 34.71 28.60
N THR F 20 45.42 34.68 27.44
CA THR F 20 45.06 33.69 26.46
C THR F 20 46.28 32.97 25.97
N ILE F 21 46.08 31.74 25.56
CA ILE F 21 47.10 30.91 24.96
C ILE F 21 46.62 30.66 23.55
N SER F 22 47.46 30.80 22.55
CA SER F 22 46.96 30.55 21.21
C SER F 22 47.97 29.84 20.34
N CYS F 23 47.43 29.14 19.34
CA CYS F 23 48.25 28.36 18.44
C CYS F 23 47.60 28.11 17.08
N SER F 24 48.44 27.69 16.13
CA SER F 24 48.00 27.43 14.77
C SER F 24 48.68 26.24 14.10
N ALA F 25 48.04 25.73 13.05
CA ALA F 25 48.57 24.56 12.36
C ALA F 25 49.09 24.85 10.96
N SER F 26 50.10 24.09 10.56
CA SER F 26 50.69 24.17 9.22
C SER F 26 49.74 23.74 8.09
N GLN F 27 48.70 23.02 8.47
CA GLN F 27 47.67 22.50 7.59
C GLN F 27 46.35 22.66 8.31
N GLY F 28 45.24 22.71 7.58
CA GLY F 28 43.96 22.83 8.25
C GLY F 28 43.59 21.55 8.99
N ILE F 29 42.68 21.70 9.95
CA ILE F 29 42.16 20.60 10.74
C ILE F 29 40.65 20.59 10.63
N SER F 30 40.09 19.47 10.20
CA SER F 30 38.64 19.41 10.06
C SER F 30 37.89 19.28 11.38
N ASN F 31 38.53 18.71 12.41
CA ASN F 31 37.83 18.58 13.69
C ASN F 31 38.37 19.31 14.93
N TYR F 32 39.61 19.09 15.41
CA TYR F 32 39.88 19.77 16.69
C TYR F 32 41.29 19.94 17.23
N LEU F 33 41.30 20.67 18.34
CA LEU F 33 42.41 20.90 19.23
C LEU F 33 42.05 20.64 20.70
N ASN F 34 42.93 19.91 21.38
CA ASN F 34 42.82 19.73 22.83
C ASN F 34 43.79 20.61 23.59
N TRP F 35 43.28 21.27 24.60
CA TRP F 35 44.09 22.10 25.49
C TRP F 35 44.50 21.34 26.73
N TYR F 36 45.80 21.26 26.95
CA TYR F 36 46.38 20.59 28.10
C TYR F 36 47.19 21.52 28.99
N GLN F 37 47.30 21.15 30.26
CA GLN F 37 48.07 21.92 31.25
C GLN F 37 48.83 21.07 32.23
N GLN F 38 50.07 21.46 32.54
CA GLN F 38 50.81 20.73 33.56
C GLN F 38 51.61 21.61 34.49
N LYS F 39 51.80 21.09 35.69
CA LYS F 39 52.62 21.71 36.69
C LYS F 39 54.06 21.40 36.35
N PRO F 40 55.03 22.22 36.80
CA PRO F 40 56.46 21.98 36.63
C PRO F 40 56.83 20.54 37.01
N ASP F 41 56.14 20.00 38.01
CA ASP F 41 56.34 18.65 38.42
C ASP F 41 54.95 18.10 38.75
N GLY F 42 54.34 17.45 37.78
CA GLY F 42 52.99 16.94 37.91
C GLY F 42 52.48 16.32 36.62
N THR F 43 51.37 15.62 36.71
CA THR F 43 50.77 14.94 35.57
C THR F 43 49.96 15.89 34.72
N VAL F 44 50.16 15.83 33.41
CA VAL F 44 49.42 16.66 32.50
C VAL F 44 47.91 16.40 32.57
N LYS F 45 47.14 17.47 32.63
CA LYS F 45 45.70 17.42 32.73
C LYS F 45 45.04 17.97 31.46
N LEU F 46 43.88 17.43 31.11
CA LEU F 46 43.12 17.93 29.97
C LEU F 46 42.15 18.97 30.45
N LEU F 47 42.22 20.16 29.85
CA LEU F 47 41.35 21.23 30.25
C LEU F 47 40.13 21.28 29.38
N ILE F 48 40.40 21.35 28.07
CA ILE F 48 39.34 21.51 27.08
C ILE F 48 39.55 20.66 25.84
N TYR F 49 38.51 20.01 25.36
CA TYR F 49 38.67 19.26 24.11
C TYR F 49 37.61 19.63 23.08
N TYR F 50 37.87 19.37 21.81
CA TYR F 50 36.89 19.83 20.80
C TYR F 50 36.59 21.31 20.94
N THR F 51 37.65 22.11 21.16
CA THR F 51 37.66 23.58 21.28
C THR F 51 36.97 24.15 22.52
N SER F 52 35.80 23.64 22.86
CA SER F 52 35.07 24.17 23.99
C SER F 52 34.48 23.15 24.97
N SER F 53 34.82 21.85 24.87
CA SER F 53 34.24 20.93 25.83
C SER F 53 35.07 20.96 27.09
N LEU F 54 34.54 21.57 28.13
CA LEU F 54 35.31 21.76 29.34
C LEU F 54 35.34 20.46 30.13
N HIS F 55 36.55 20.05 30.47
CA HIS F 55 36.79 18.84 31.22
C HIS F 55 36.21 19.01 32.61
N SER F 56 35.64 17.95 33.17
CA SER F 56 35.11 18.04 34.52
C SER F 56 36.23 18.39 35.52
N GLY F 57 35.91 19.14 36.57
CA GLY F 57 36.92 19.44 37.59
C GLY F 57 37.86 20.60 37.20
N VAL F 58 37.47 21.35 36.20
CA VAL F 58 38.22 22.49 35.70
C VAL F 58 37.28 23.67 35.89
N PRO F 59 37.73 24.80 36.47
CA PRO F 59 36.93 25.97 36.70
C PRO F 59 36.34 26.52 35.42
N SER F 60 35.17 27.14 35.52
CA SER F 60 34.55 27.70 34.33
C SER F 60 34.93 29.15 34.25
N ARG F 61 36.24 29.27 34.05
CA ARG F 61 37.01 30.46 33.87
C ARG F 61 37.79 30.15 32.64
N PHE F 62 37.85 28.85 32.37
CA PHE F 62 38.54 28.28 31.23
C PHE F 62 37.58 28.15 30.08
N SER F 63 37.96 28.67 28.94
CA SER F 63 37.15 28.59 27.74
C SER F 63 38.00 28.54 26.49
N GLY F 64 37.35 28.61 25.34
CA GLY F 64 38.11 28.51 24.10
C GLY F 64 37.25 28.41 22.85
N SER F 65 37.92 28.54 21.73
CA SER F 65 37.34 28.49 20.39
C SER F 65 38.39 28.39 19.33
N GLY F 66 37.95 28.41 18.06
CA GLY F 66 38.90 28.44 16.95
C GLY F 66 38.45 27.80 15.66
N SER F 67 39.18 28.13 14.60
CA SER F 67 38.97 27.61 13.26
C SER F 67 39.93 26.45 13.15
N GLY F 68 39.83 25.67 12.08
CA GLY F 68 40.69 24.50 11.96
C GLY F 68 42.18 24.75 12.17
N THR F 69 42.71 25.87 11.73
CA THR F 69 44.13 26.10 11.96
C THR F 69 44.44 27.21 12.94
N ASP F 70 43.44 27.72 13.66
CA ASP F 70 43.69 28.86 14.54
C ASP F 70 42.80 28.81 15.77
N TYR F 71 43.40 28.45 16.90
CA TYR F 71 42.66 28.23 18.13
C TYR F 71 43.20 28.97 19.33
N SER F 72 42.32 29.17 20.31
CA SER F 72 42.75 29.79 21.55
C SER F 72 42.03 29.29 22.81
N LEU F 73 42.78 29.40 23.90
CA LEU F 73 42.38 29.12 25.28
C LEU F 73 42.34 30.38 26.08
N THR F 74 41.23 30.61 26.76
CA THR F 74 41.10 31.81 27.59
C THR F 74 40.95 31.43 29.04
N ILE F 75 41.75 32.06 29.91
CA ILE F 75 41.63 31.81 31.33
C ILE F 75 41.46 33.11 32.11
N SER F 76 40.26 33.36 32.63
CA SER F 76 40.00 34.58 33.38
C SER F 76 40.37 34.40 34.85
N ASN F 77 40.51 35.51 35.58
CA ASN F 77 40.74 35.48 37.03
C ASN F 77 41.86 34.54 37.45
N LEU F 78 43.03 34.66 36.84
CA LEU F 78 44.12 33.74 37.14
C LEU F 78 44.48 33.57 38.61
N GLU F 79 44.63 32.32 39.03
CA GLU F 79 45.07 32.03 40.39
C GLU F 79 46.34 31.16 40.26
N PRO F 80 47.03 30.77 41.35
CA PRO F 80 48.24 29.96 41.30
C PRO F 80 48.10 28.61 40.60
N GLU F 81 46.88 28.07 40.49
CA GLU F 81 46.69 26.78 39.84
C GLU F 81 46.57 26.91 38.32
N ASP F 82 46.59 28.15 37.85
CA ASP F 82 46.55 28.48 36.44
C ASP F 82 47.96 28.76 35.97
N ILE F 83 48.80 29.20 36.89
CA ILE F 83 50.14 29.56 36.49
C ILE F 83 50.90 28.24 36.29
N ALA F 84 50.89 27.82 35.03
CA ALA F 84 51.33 26.50 34.57
C ALA F 84 51.79 26.52 33.10
N THR F 85 52.26 25.36 32.60
CA THR F 85 52.65 25.29 31.19
C THR F 85 51.54 24.66 30.36
N TYR F 86 51.18 25.36 29.30
CA TYR F 86 50.08 24.94 28.45
C TYR F 86 50.54 24.34 27.14
N TYR F 87 49.77 23.35 26.68
CA TYR F 87 50.04 22.68 25.42
C TYR F 87 48.87 22.57 24.48
N CYS F 88 49.19 22.63 23.20
CA CYS F 88 48.22 22.42 22.15
C CYS F 88 48.42 21.06 21.49
N GLN F 89 47.44 20.16 21.61
CA GLN F 89 47.58 18.85 20.96
C GLN F 89 46.57 18.77 19.82
N GLN F 90 47.07 18.81 18.60
CA GLN F 90 46.20 18.86 17.44
C GLN F 90 45.65 17.50 17.10
N TYR F 91 44.43 17.51 16.54
CA TYR F 91 43.82 16.30 16.08
C TYR F 91 43.14 16.46 14.72
N SER F 92 43.75 15.89 13.70
CA SER F 92 43.20 15.95 12.36
C SER F 92 43.10 14.57 11.81
N GLU F 93 44.27 13.96 11.76
CA GLU F 93 44.50 12.61 11.30
C GLU F 93 45.77 12.16 11.93
N LEU F 94 45.97 10.86 11.97
CA LEU F 94 47.16 10.25 12.51
C LEU F 94 48.39 10.64 11.68
N PRO F 95 49.56 10.93 12.30
CA PRO F 95 49.97 10.98 13.70
C PRO F 95 49.42 12.18 14.39
N TYR F 96 49.28 12.11 15.70
CA TYR F 96 48.82 13.29 16.41
C TYR F 96 50.02 14.01 16.94
N THR F 97 49.93 15.33 17.09
CA THR F 97 51.12 16.03 17.59
C THR F 97 50.81 17.12 18.61
N PHE F 98 51.87 17.56 19.30
CA PHE F 98 51.80 18.63 20.29
C PHE F 98 52.70 19.78 19.91
N GLY F 99 52.34 20.98 20.34
CA GLY F 99 53.23 22.12 20.19
C GLY F 99 54.32 22.00 21.29
N GLY F 100 55.27 22.93 21.33
CA GLY F 100 56.38 22.84 22.29
C GLY F 100 56.08 23.27 23.73
N GLY F 101 54.91 23.85 23.96
CA GLY F 101 54.50 24.32 25.27
C GLY F 101 54.78 25.79 25.52
N THR F 102 53.87 26.44 26.24
CA THR F 102 54.01 27.85 26.60
C THR F 102 53.79 28.03 28.08
N LYS F 103 54.80 28.56 28.77
CA LYS F 103 54.73 28.75 30.21
C LYS F 103 54.11 30.07 30.61
N LEU F 104 53.19 30.01 31.56
CA LEU F 104 52.57 31.19 32.16
C LEU F 104 53.16 31.47 33.54
N GLU F 105 53.56 32.71 33.75
CA GLU F 105 54.12 33.25 34.98
C GLU F 105 53.37 34.50 35.45
N ILE F 106 53.82 35.07 36.55
CA ILE F 106 53.23 36.31 37.05
C ILE F 106 54.33 37.34 36.98
N LYS F 107 53.99 38.61 37.03
CA LYS F 107 55.00 39.64 36.94
C LYS F 107 55.62 39.97 38.28
N ARG F 108 56.86 40.46 38.24
CA ARG F 108 57.61 40.89 39.41
C ARG F 108 57.90 42.38 39.31
#